data_5U8V
#
_entry.id   5U8V
#
_cell.length_a   65.610
_cell.length_b   116.690
_cell.length_c   136.860
_cell.angle_alpha   90.00
_cell.angle_beta   94.87
_cell.angle_gamma   90.00
#
_symmetry.space_group_name_H-M   'P 1 21 1'
#
loop_
_entity.id
_entity.type
_entity.pdbx_description
1 polymer 'Dihydrolipoyl dehydrogenase'
2 non-polymer 'FLAVIN-ADENINE DINUCLEOTIDE'
3 non-polymer NICOTINAMIDE-ADENINE-DINUCLEOTIDE
4 non-polymer 'DIMETHYL SULFOXIDE'
5 water water
#
_entity_poly.entity_id   1
_entity_poly.type   'polypeptide(L)'
_entity_poly.pdbx_seq_one_letter_code
;GSHMSQKFDVVVIGAGPGGYVAAIRAAQLGLKTACIEKYIGKEGKVALGGTCLNVGCIPSKALLDSSYKYHEAKEAFKVH
GIEAKGVTIDVPAMVARKANIVKNLTGGIATLFKANGVTSFEGHGKLLANKQVEVTGLDGKTQVLEAENVIIASGSRPVE
IPPAPLTDDIIVDSTGALEFQAVPKKLGVIGAGVIGLELGSVWARLGAEVTVLEALDKFLPAADEQIAKEALKVLTKQGL
NIRLGARVTASEVKKKQVTVTFTDANGEQKETFDKLIVAVGRRPVTTDLLAADSGVTLDERGFIYVDDHCKTSVPGVFAI
GDVVRGAMLAHKASEEGVMVAERIAGHKAQMNYDLIPSVIYTHPEIAWVGKTEQTLKAEGVEVNVGTFPFAASGRAMAAN
DTTGLVKVIADAKTDRVLGVHVIGPSAAELVQQGAIGMEFGTSAEDLGMMVFSHPTLSEALHEAALAVNGHAIHIANRKK
R
;
_entity_poly.pdbx_strand_id   A,B,C,D
#
loop_
_chem_comp.id
_chem_comp.type
_chem_comp.name
_chem_comp.formula
DMS non-polymer 'DIMETHYL SULFOXIDE' 'C2 H6 O S'
FAD non-polymer 'FLAVIN-ADENINE DINUCLEOTIDE' 'C27 H33 N9 O15 P2'
NAD non-polymer NICOTINAMIDE-ADENINE-DINUCLEOTIDE 'C21 H27 N7 O14 P2'
#
# COMPACT_ATOMS: atom_id res chain seq x y z
N GLN A 6 53.57 -15.64 23.12
CA GLN A 6 54.52 -14.93 22.26
C GLN A 6 54.71 -15.68 20.93
N LYS A 7 55.16 -16.92 21.02
CA LYS A 7 55.45 -17.74 19.85
C LYS A 7 54.31 -18.71 19.60
N PHE A 8 53.90 -18.82 18.33
CA PHE A 8 52.86 -19.75 17.92
C PHE A 8 53.26 -20.47 16.65
N ASP A 9 52.81 -21.71 16.51
CA ASP A 9 52.98 -22.43 15.25
C ASP A 9 52.10 -21.83 14.16
N VAL A 10 50.89 -21.40 14.52
CA VAL A 10 49.90 -20.88 13.58
C VAL A 10 49.25 -19.66 14.22
N VAL A 11 49.23 -18.54 13.49
CA VAL A 11 48.47 -17.36 13.88
C VAL A 11 47.42 -17.12 12.80
N VAL A 12 46.15 -17.09 13.20
CA VAL A 12 45.02 -16.88 12.30
C VAL A 12 44.50 -15.47 12.52
N ILE A 13 44.36 -14.71 11.44
CA ILE A 13 43.77 -13.38 11.47
C ILE A 13 42.34 -13.50 10.97
N GLY A 14 41.38 -13.34 11.88
CA GLY A 14 39.96 -13.45 11.55
C GLY A 14 39.37 -14.73 12.12
N ALA A 15 38.15 -14.63 12.63
CA ALA A 15 37.47 -15.77 13.24
C ALA A 15 36.13 -16.06 12.58
N GLY A 16 36.02 -15.81 11.28
CA GLY A 16 34.88 -16.23 10.51
C GLY A 16 34.96 -17.71 10.14
N PRO A 17 34.04 -18.16 9.29
CA PRO A 17 34.05 -19.58 8.87
C PRO A 17 35.42 -20.07 8.41
N GLY A 18 36.20 -19.22 7.74
CA GLY A 18 37.54 -19.59 7.36
C GLY A 18 38.46 -19.69 8.56
N GLY A 19 38.60 -18.58 9.28
CA GLY A 19 39.62 -18.51 10.33
C GLY A 19 39.33 -19.40 11.52
N TYR A 20 38.08 -19.44 11.98
CA TYR A 20 37.82 -20.21 13.20
C TYR A 20 37.92 -21.71 12.94
N VAL A 21 37.52 -22.17 11.75
CA VAL A 21 37.68 -23.58 11.42
C VAL A 21 39.16 -23.93 11.24
N ALA A 22 39.91 -23.07 10.55
CA ALA A 22 41.35 -23.30 10.42
C ALA A 22 42.00 -23.39 11.79
N ALA A 23 41.62 -22.52 12.71
CA ALA A 23 42.22 -22.53 14.04
C ALA A 23 41.91 -23.81 14.78
N ILE A 24 40.64 -24.26 14.73
CA ILE A 24 40.27 -25.51 15.40
C ILE A 24 41.04 -26.68 14.81
N ARG A 25 41.08 -26.77 13.47
CA ARG A 25 41.75 -27.89 12.84
C ARG A 25 43.24 -27.90 13.16
N ALA A 26 43.87 -26.73 13.10
CA ALA A 26 45.30 -26.64 13.45
C ALA A 26 45.54 -27.12 14.86
N ALA A 27 44.69 -26.72 15.80
CA ALA A 27 44.84 -27.16 17.19
C ALA A 27 44.64 -28.66 17.30
N GLN A 28 43.66 -29.21 16.57
CA GLN A 28 43.45 -30.65 16.57
C GLN A 28 44.67 -31.39 16.07
N LEU A 29 45.43 -30.78 15.15
CA LEU A 29 46.62 -31.42 14.59
C LEU A 29 47.85 -31.23 15.47
N GLY A 30 47.69 -30.65 16.65
CA GLY A 30 48.80 -30.49 17.59
C GLY A 30 49.59 -29.22 17.46
N LEU A 31 49.11 -28.27 16.65
CA LEU A 31 49.84 -27.02 16.43
C LEU A 31 49.38 -25.98 17.45
N LYS A 32 50.35 -25.28 18.05
CA LYS A 32 50.03 -24.21 18.98
C LYS A 32 49.48 -23.03 18.20
N THR A 33 48.20 -22.72 18.41
CA THR A 33 47.44 -21.89 17.48
C THR A 33 46.83 -20.69 18.21
N ALA A 34 46.94 -19.53 17.58
CA ALA A 34 46.28 -18.31 18.03
C ALA A 34 45.31 -17.83 16.96
N CYS A 35 44.24 -17.17 17.40
CA CYS A 35 43.27 -16.58 16.50
C CYS A 35 42.91 -15.18 16.96
N ILE A 36 43.04 -14.20 16.06
CA ILE A 36 42.86 -12.79 16.35
C ILE A 36 41.54 -12.34 15.72
N GLU A 37 40.72 -11.63 16.51
CA GLU A 37 39.44 -11.14 16.01
C GLU A 37 39.12 -9.79 16.67
N LYS A 38 38.53 -8.88 15.89
CA LYS A 38 38.22 -7.53 16.34
C LYS A 38 36.74 -7.19 16.39
N TYR A 39 35.87 -8.00 15.79
CA TYR A 39 34.46 -7.62 15.66
C TYR A 39 33.78 -7.59 17.02
N ILE A 40 33.07 -6.50 17.29
CA ILE A 40 32.33 -6.31 18.54
C ILE A 40 30.87 -6.69 18.31
N GLY A 41 30.38 -7.67 19.08
CA GLY A 41 29.01 -8.13 18.96
C GLY A 41 28.04 -7.30 19.79
N LYS A 42 26.82 -7.82 19.91
CA LYS A 42 25.74 -7.07 20.53
C LYS A 42 25.95 -6.84 22.03
N GLU A 43 26.72 -7.68 22.70
CA GLU A 43 26.99 -7.52 24.12
C GLU A 43 28.14 -6.58 24.41
N GLY A 44 28.74 -5.96 23.39
CA GLY A 44 29.85 -5.07 23.58
C GLY A 44 31.20 -5.74 23.71
N LYS A 45 31.26 -7.06 23.61
CA LYS A 45 32.50 -7.81 23.63
C LYS A 45 32.76 -8.39 22.24
N VAL A 46 34.02 -8.79 22.01
CA VAL A 46 34.36 -9.45 20.76
C VAL A 46 33.49 -10.68 20.56
N ALA A 47 32.95 -10.82 19.35
CA ALA A 47 32.13 -11.97 18.99
C ALA A 47 32.78 -12.65 17.79
N LEU A 48 32.98 -13.97 17.91
CA LEU A 48 33.55 -14.78 16.85
C LEU A 48 32.47 -15.19 15.85
N GLY A 49 32.91 -15.84 14.77
CA GLY A 49 31.99 -16.39 13.78
C GLY A 49 31.86 -15.57 12.51
N GLY A 50 32.43 -14.38 12.47
CA GLY A 50 32.52 -13.60 11.24
C GLY A 50 31.19 -13.10 10.70
N THR A 51 31.22 -12.79 9.41
CA THR A 51 30.01 -12.31 8.73
C THR A 51 28.90 -13.35 8.80
N CYS A 52 29.25 -14.60 8.53
CA CYS A 52 28.25 -15.65 8.37
C CYS A 52 27.40 -15.80 9.63
N LEU A 53 28.05 -15.88 10.79
CA LEU A 53 27.30 -16.10 12.02
C LEU A 53 26.64 -14.83 12.54
N ASN A 54 27.30 -13.68 12.41
CA ASN A 54 26.82 -12.49 13.08
C ASN A 54 25.86 -11.66 12.24
N VAL A 55 26.10 -11.54 10.94
CA VAL A 55 25.31 -10.63 10.11
C VAL A 55 25.06 -11.22 8.73
N GLY A 56 25.15 -12.54 8.62
CA GLY A 56 25.07 -13.18 7.32
C GLY A 56 24.21 -14.42 7.29
N CYS A 57 24.84 -15.57 7.04
CA CYS A 57 24.13 -16.84 6.84
C CYS A 57 23.06 -17.06 7.90
N ILE A 58 23.47 -17.10 9.16
CA ILE A 58 22.60 -17.59 10.23
C ILE A 58 21.47 -16.60 10.50
N PRO A 59 21.76 -15.31 10.70
CA PRO A 59 20.65 -14.37 10.93
C PRO A 59 19.65 -14.35 9.79
N SER A 60 20.12 -14.40 8.55
CA SER A 60 19.20 -14.37 7.41
CA SER A 60 19.20 -14.38 7.41
C SER A 60 18.32 -15.62 7.39
N LYS A 61 18.92 -16.79 7.59
CA LYS A 61 18.12 -18.02 7.58
C LYS A 61 17.10 -18.02 8.73
N ALA A 62 17.47 -17.45 9.88
CA ALA A 62 16.52 -17.38 10.99
C ALA A 62 15.30 -16.54 10.62
N LEU A 63 15.53 -15.37 10.02
CA LEU A 63 14.40 -14.54 9.60
C LEU A 63 13.65 -15.15 8.43
N LEU A 64 14.35 -15.84 7.54
CA LEU A 64 13.67 -16.53 6.45
C LEU A 64 12.74 -17.62 6.99
N ASP A 65 13.20 -18.38 7.98
CA ASP A 65 12.37 -19.45 8.52
C ASP A 65 11.17 -18.89 9.28
N SER A 66 11.37 -17.86 10.10
CA SER A 66 10.25 -17.28 10.83
C SER A 66 9.23 -16.67 9.88
N SER A 67 9.71 -15.89 8.91
CA SER A 67 8.80 -15.23 7.99
C SER A 67 8.07 -16.24 7.11
N TYR A 68 8.74 -17.35 6.76
CA TYR A 68 8.04 -18.35 5.97
C TYR A 68 6.93 -19.02 6.76
N LYS A 69 7.18 -19.33 8.04
CA LYS A 69 6.15 -19.95 8.86
C LYS A 69 4.93 -19.04 8.99
N TYR A 70 5.17 -17.74 9.15
CA TYR A 70 4.07 -16.77 9.16
C TYR A 70 3.34 -16.77 7.83
N HIS A 71 4.09 -16.71 6.74
CA HIS A 71 3.47 -16.69 5.41
C HIS A 71 2.61 -17.92 5.17
N GLU A 72 3.13 -19.10 5.52
CA GLU A 72 2.35 -20.32 5.29
C GLU A 72 1.07 -20.30 6.12
N ALA A 73 1.15 -19.83 7.36
CA ALA A 73 -0.04 -19.76 8.20
C ALA A 73 -1.08 -18.81 7.62
N LYS A 74 -0.65 -17.73 6.96
CA LYS A 74 -1.58 -16.74 6.44
C LYS A 74 -2.18 -17.15 5.10
N GLU A 75 -1.44 -17.90 4.28
CA GLU A 75 -1.82 -18.11 2.89
C GLU A 75 -1.96 -19.57 2.48
N ALA A 76 -1.58 -20.51 3.33
CA ALA A 76 -1.55 -21.91 2.90
C ALA A 76 -1.95 -22.88 4.01
N PHE A 77 -2.84 -22.45 4.90
CA PHE A 77 -3.36 -23.31 5.97
C PHE A 77 -4.75 -23.83 5.67
N LYS A 78 -5.58 -23.06 4.97
CA LYS A 78 -6.98 -23.43 4.80
C LYS A 78 -7.12 -24.79 4.13
N VAL A 79 -6.23 -25.09 3.18
CA VAL A 79 -6.33 -26.34 2.43
C VAL A 79 -6.22 -27.55 3.34
N HIS A 80 -5.50 -27.41 4.46
CA HIS A 80 -5.34 -28.49 5.43
C HIS A 80 -6.52 -28.58 6.39
N GLY A 81 -7.47 -27.66 6.33
CA GLY A 81 -8.50 -27.55 7.33
C GLY A 81 -8.11 -26.71 8.53
N ILE A 82 -6.97 -26.03 8.48
CA ILE A 82 -6.49 -25.24 9.61
C ILE A 82 -7.02 -23.82 9.47
N GLU A 83 -7.74 -23.36 10.49
CA GLU A 83 -8.29 -22.03 10.55
C GLU A 83 -7.73 -21.26 11.73
N ALA A 84 -7.48 -19.96 11.54
CA ALA A 84 -7.05 -19.07 12.59
C ALA A 84 -7.97 -17.86 12.65
N LYS A 85 -8.22 -17.35 13.86
CA LYS A 85 -9.02 -16.15 13.98
C LYS A 85 -8.20 -14.91 13.69
N GLY A 86 -6.89 -15.05 13.56
CA GLY A 86 -6.00 -13.99 13.13
C GLY A 86 -4.55 -14.34 13.39
N VAL A 87 -3.72 -14.32 12.35
CA VAL A 87 -2.28 -14.54 12.50
C VAL A 87 -1.56 -13.20 12.33
N THR A 88 -0.68 -12.88 13.28
CA THR A 88 0.10 -11.65 13.23
C THR A 88 1.55 -11.98 13.56
N ILE A 89 2.44 -11.05 13.21
CA ILE A 89 3.88 -11.19 13.45
C ILE A 89 4.34 -10.02 14.31
N ASP A 90 5.07 -10.35 15.37
CA ASP A 90 5.72 -9.37 16.25
C ASP A 90 7.17 -9.27 15.77
N VAL A 91 7.48 -8.19 15.04
CA VAL A 91 8.82 -8.06 14.46
C VAL A 91 9.91 -7.99 15.52
N PRO A 92 9.78 -7.17 16.57
CA PRO A 92 10.81 -7.18 17.62
C PRO A 92 11.07 -8.56 18.18
N ALA A 93 10.01 -9.35 18.40
CA ALA A 93 10.20 -10.70 18.93
C ALA A 93 10.89 -11.60 17.92
N MET A 94 10.52 -11.49 16.63
CA MET A 94 11.19 -12.29 15.61
C MET A 94 12.68 -11.98 15.56
N VAL A 95 13.03 -10.69 15.60
CA VAL A 95 14.44 -10.31 15.54
C VAL A 95 15.16 -10.74 16.80
N ALA A 96 14.49 -10.69 17.95
CA ALA A 96 15.12 -11.10 19.20
C ALA A 96 15.45 -12.59 19.19
N ARG A 97 14.59 -13.42 18.58
CA ARG A 97 14.92 -14.84 18.44
C ARG A 97 16.20 -15.00 17.64
N LYS A 98 16.28 -14.28 16.51
CA LYS A 98 17.49 -14.31 15.70
C LYS A 98 18.70 -13.86 16.51
N ALA A 99 18.56 -12.79 17.28
CA ALA A 99 19.68 -12.30 18.08
C ALA A 99 20.13 -13.35 19.10
N ASN A 100 19.17 -14.07 19.69
CA ASN A 100 19.53 -15.07 20.69
C ASN A 100 20.26 -16.26 20.05
N ILE A 101 19.82 -16.67 18.86
CA ILE A 101 20.52 -17.72 18.14
C ILE A 101 21.96 -17.31 17.86
N VAL A 102 22.15 -16.07 17.39
CA VAL A 102 23.50 -15.56 17.13
C VAL A 102 24.34 -15.61 18.39
N LYS A 103 23.78 -15.14 19.51
CA LYS A 103 24.53 -15.12 20.76
C LYS A 103 24.96 -16.52 21.17
N ASN A 104 24.05 -17.50 21.05
CA ASN A 104 24.37 -18.87 21.43
C ASN A 104 25.48 -19.44 20.54
N LEU A 105 25.38 -19.23 19.23
CA LEU A 105 26.35 -19.83 18.33
C LEU A 105 27.72 -19.15 18.43
N THR A 106 27.75 -17.82 18.59
CA THR A 106 29.03 -17.16 18.75
C THR A 106 29.72 -17.60 20.04
N GLY A 107 28.94 -17.75 21.11
CA GLY A 107 29.49 -18.35 22.31
C GLY A 107 29.95 -19.78 22.10
N GLY A 108 29.26 -20.51 21.23
CA GLY A 108 29.67 -21.88 20.95
C GLY A 108 31.05 -21.97 20.33
N ILE A 109 31.42 -21.00 19.50
CA ILE A 109 32.75 -20.99 18.91
CA ILE A 109 32.75 -20.98 18.90
C ILE A 109 33.80 -20.81 19.98
N ALA A 110 33.57 -19.88 20.91
CA ALA A 110 34.51 -19.70 22.01
C ALA A 110 34.66 -20.97 22.82
N THR A 111 33.55 -21.69 23.04
CA THR A 111 33.62 -22.97 23.75
C THR A 111 34.47 -23.96 22.97
N LEU A 112 34.32 -24.02 21.65
CA LEU A 112 35.15 -24.91 20.84
C LEU A 112 36.62 -24.51 20.91
N PHE A 113 36.90 -23.20 20.83
CA PHE A 113 38.28 -22.74 20.96
C PHE A 113 38.87 -23.18 22.29
N LYS A 114 38.13 -22.99 23.37
CA LYS A 114 38.62 -23.36 24.70
C LYS A 114 38.88 -24.86 24.76
N ALA A 115 37.95 -25.67 24.25
CA ALA A 115 38.11 -27.12 24.30
C ALA A 115 39.30 -27.60 23.47
N ASN A 116 39.61 -26.91 22.37
CA ASN A 116 40.68 -27.33 21.48
C ASN A 116 42.02 -26.66 21.80
N GLY A 117 42.06 -25.73 22.75
CA GLY A 117 43.31 -25.07 23.11
C GLY A 117 43.72 -23.93 22.22
N VAL A 118 42.79 -23.32 21.49
CA VAL A 118 43.09 -22.15 20.68
C VAL A 118 43.20 -20.94 21.60
N THR A 119 44.26 -20.16 21.42
CA THR A 119 44.45 -18.91 22.17
C THR A 119 43.81 -17.77 21.39
N SER A 120 42.91 -17.05 22.03
CA SER A 120 42.23 -15.91 21.41
C SER A 120 42.92 -14.61 21.76
N PHE A 121 43.07 -13.74 20.76
CA PHE A 121 43.50 -12.37 20.95
C PHE A 121 42.40 -11.46 20.43
N GLU A 122 42.12 -10.39 21.17
CA GLU A 122 41.11 -9.42 20.78
C GLU A 122 41.79 -8.18 20.22
N GLY A 123 41.50 -7.87 18.97
CA GLY A 123 42.06 -6.69 18.34
C GLY A 123 42.29 -6.90 16.86
N HIS A 124 43.01 -5.95 16.28
CA HIS A 124 43.29 -5.91 14.85
C HIS A 124 44.65 -6.53 14.59
N GLY A 125 44.69 -7.54 13.72
CA GLY A 125 45.94 -8.18 13.32
C GLY A 125 46.44 -7.60 12.01
N LYS A 126 47.76 -7.35 11.97
CA LYS A 126 48.42 -6.87 10.77
C LYS A 126 49.66 -7.72 10.55
N LEU A 127 49.83 -8.23 9.34
CA LEU A 127 51.00 -9.03 9.01
C LEU A 127 52.17 -8.11 8.73
N LEU A 128 53.24 -8.26 9.50
CA LEU A 128 54.49 -7.55 9.27
C LEU A 128 55.43 -8.43 8.47
N ALA A 129 56.61 -7.90 8.17
CA ALA A 129 57.64 -8.68 7.49
C ALA A 129 58.02 -9.90 8.32
N ASN A 130 58.45 -10.95 7.63
CA ASN A 130 59.05 -12.12 8.27
C ASN A 130 58.07 -12.86 9.18
N LYS A 131 56.79 -12.88 8.78
CA LYS A 131 55.76 -13.66 9.46
C LYS A 131 55.52 -13.19 10.89
N GLN A 132 55.86 -11.94 11.19
CA GLN A 132 55.48 -11.31 12.45
C GLN A 132 54.09 -10.72 12.31
N VAL A 133 53.27 -10.91 13.33
CA VAL A 133 51.89 -10.43 13.34
C VAL A 133 51.74 -9.44 14.48
N GLU A 134 51.42 -8.20 14.15
CA GLU A 134 51.17 -7.15 15.12
C GLU A 134 49.69 -7.17 15.47
N VAL A 135 49.39 -7.28 16.76
CA VAL A 135 48.01 -7.24 17.25
C VAL A 135 47.84 -5.91 17.97
N THR A 136 46.94 -5.07 17.45
CA THR A 136 46.56 -3.83 18.12
C THR A 136 45.30 -4.13 18.91
N GLY A 137 45.42 -4.07 20.23
CA GLY A 137 44.31 -4.40 21.09
C GLY A 137 43.24 -3.33 21.04
N LEU A 138 42.14 -3.60 21.74
CA LEU A 138 41.02 -2.67 21.75
C LEU A 138 41.37 -1.37 22.45
N ASP A 139 42.42 -1.36 23.27
CA ASP A 139 42.90 -0.14 23.92
C ASP A 139 43.99 0.57 23.13
N GLY A 140 44.26 0.13 21.91
CA GLY A 140 45.28 0.74 21.08
C GLY A 140 46.69 0.28 21.33
N LYS A 141 46.93 -0.59 22.31
CA LYS A 141 48.28 -1.06 22.57
C LYS A 141 48.61 -2.20 21.62
N THR A 142 49.89 -2.32 21.28
CA THR A 142 50.34 -3.31 20.31
C THR A 142 51.23 -4.35 20.95
N GLN A 143 51.17 -5.56 20.42
CA GLN A 143 52.07 -6.65 20.73
C GLN A 143 52.35 -7.43 19.46
N VAL A 144 53.52 -8.04 19.38
CA VAL A 144 53.94 -8.77 18.19
C VAL A 144 54.01 -10.27 18.52
N LEU A 145 53.38 -11.09 17.68
CA LEU A 145 53.43 -12.53 17.79
C LEU A 145 54.41 -13.08 16.77
N GLU A 146 55.26 -14.02 17.18
CA GLU A 146 56.19 -14.68 16.28
C GLU A 146 55.50 -15.94 15.78
N ALA A 147 55.17 -15.97 14.49
CA ALA A 147 54.40 -17.06 13.91
C ALA A 147 55.27 -17.88 12.97
N GLU A 148 55.21 -19.20 13.11
CA GLU A 148 55.81 -20.06 12.11
C GLU A 148 54.97 -20.09 10.84
N ASN A 149 53.66 -19.95 10.99
CA ASN A 149 52.74 -19.90 9.86
C ASN A 149 51.64 -18.91 10.19
N VAL A 150 51.16 -18.19 9.17
CA VAL A 150 50.08 -17.22 9.31
C VAL A 150 48.97 -17.62 8.35
N ILE A 151 47.73 -17.59 8.84
CA ILE A 151 46.55 -17.85 8.02
C ILE A 151 45.73 -16.56 8.04
N ILE A 152 45.63 -15.91 6.88
CA ILE A 152 44.88 -14.67 6.75
C ILE A 152 43.46 -15.02 6.33
N ALA A 153 42.47 -14.60 7.13
CA ALA A 153 41.08 -14.92 6.87
C ALA A 153 40.20 -13.71 7.23
N SER A 154 40.51 -12.57 6.59
CA SER A 154 39.92 -11.29 6.96
C SER A 154 38.56 -11.04 6.30
N GLY A 155 38.12 -11.90 5.38
CA GLY A 155 36.73 -11.86 4.96
C GLY A 155 36.37 -10.72 4.00
N SER A 156 35.13 -10.27 4.11
CA SER A 156 34.52 -9.36 3.14
C SER A 156 33.60 -8.38 3.85
N ARG A 157 33.09 -7.42 3.08
CA ARG A 157 32.09 -6.47 3.56
C ARG A 157 31.22 -6.06 2.39
N PRO A 158 30.10 -5.38 2.65
CA PRO A 158 29.21 -4.99 1.55
C PRO A 158 29.86 -3.98 0.61
N VAL A 159 29.53 -4.10 -0.67
CA VAL A 159 29.88 -3.07 -1.65
C VAL A 159 29.02 -1.83 -1.42
N GLU A 160 29.62 -0.66 -1.53
CA GLU A 160 28.93 0.61 -1.41
C GLU A 160 28.91 1.32 -2.77
N ILE A 161 27.82 2.03 -3.04
CA ILE A 161 27.72 2.82 -4.27
C ILE A 161 27.29 4.26 -3.98
N PRO A 162 27.88 5.26 -4.63
CA PRO A 162 27.56 6.67 -4.31
C PRO A 162 26.10 7.01 -4.49
N PRO A 163 25.41 6.42 -5.48
CA PRO A 163 23.98 6.74 -5.64
C PRO A 163 23.10 6.34 -4.48
N ALA A 164 23.58 5.49 -3.56
CA ALA A 164 22.77 4.98 -2.46
C ALA A 164 23.64 4.83 -1.23
N PRO A 165 24.13 5.94 -0.67
CA PRO A 165 24.98 5.85 0.52
C PRO A 165 24.14 5.50 1.74
N LEU A 166 24.70 4.68 2.63
CA LEU A 166 23.99 4.35 3.85
C LEU A 166 23.67 5.63 4.62
N THR A 167 22.42 5.72 5.09
CA THR A 167 21.91 6.95 5.68
C THR A 167 21.00 6.58 6.84
N ASP A 168 21.40 6.97 8.05
CA ASP A 168 20.63 6.69 9.26
C ASP A 168 20.06 5.28 9.22
N ASP A 169 18.73 5.15 9.35
CA ASP A 169 18.06 3.86 9.27
C ASP A 169 17.19 3.72 8.03
N ILE A 170 17.31 4.65 7.08
CA ILE A 170 16.44 4.67 5.91
C ILE A 170 17.09 3.96 4.73
N ILE A 171 18.38 4.17 4.50
CA ILE A 171 19.15 3.43 3.51
C ILE A 171 20.14 2.56 4.27
N VAL A 172 20.00 1.24 4.10
CA VAL A 172 20.76 0.27 4.87
C VAL A 172 21.39 -0.75 3.92
N ASP A 173 22.36 -1.48 4.43
CA ASP A 173 22.87 -2.67 3.76
C ASP A 173 22.26 -3.91 4.43
N SER A 174 22.82 -5.09 4.10
CA SER A 174 22.25 -6.33 4.63
C SER A 174 22.26 -6.37 6.15
N THR A 175 23.26 -5.74 6.79
CA THR A 175 23.32 -5.74 8.25
C THR A 175 22.12 -5.00 8.84
N GLY A 176 21.81 -3.81 8.32
CA GLY A 176 20.66 -3.07 8.81
C GLY A 176 19.35 -3.73 8.44
N ALA A 177 19.29 -4.41 7.30
CA ALA A 177 18.07 -5.08 6.87
C ALA A 177 17.68 -6.23 7.79
N LEU A 178 18.63 -6.77 8.55
CA LEU A 178 18.36 -7.83 9.51
C LEU A 178 17.98 -7.28 10.87
N GLU A 179 17.83 -5.96 10.98
CA GLU A 179 17.59 -5.31 12.26
C GLU A 179 16.34 -4.43 12.25
N PHE A 180 15.56 -4.44 11.17
CA PHE A 180 14.31 -3.67 11.17
C PHE A 180 13.48 -4.11 12.36
N GLN A 181 12.88 -3.14 13.05
CA GLN A 181 12.00 -3.43 14.18
C GLN A 181 10.53 -3.33 13.81
N ALA A 182 10.23 -3.00 12.55
CA ALA A 182 8.87 -3.00 12.04
C ALA A 182 8.92 -3.29 10.55
N VAL A 183 7.82 -3.80 10.02
CA VAL A 183 7.74 -4.07 8.59
C VAL A 183 7.65 -2.74 7.85
N PRO A 184 8.60 -2.41 6.97
CA PRO A 184 8.42 -1.21 6.15
C PRO A 184 7.24 -1.38 5.21
N LYS A 185 6.46 -0.31 5.04
CA LYS A 185 5.28 -0.38 4.18
C LYS A 185 5.69 -0.57 2.73
N LYS A 186 6.64 0.23 2.26
CA LYS A 186 7.18 0.12 0.91
C LYS A 186 8.68 -0.02 1.02
N LEU A 187 9.23 -1.12 0.48
CA LEU A 187 10.64 -1.47 0.63
C LEU A 187 11.28 -1.56 -0.75
N GLY A 188 12.39 -0.85 -0.93
CA GLY A 188 13.20 -0.98 -2.13
C GLY A 188 14.47 -1.78 -1.86
N VAL A 189 14.87 -2.56 -2.85
CA VAL A 189 16.10 -3.34 -2.79
C VAL A 189 16.89 -3.09 -4.07
N ILE A 190 18.15 -2.72 -3.94
CA ILE A 190 19.04 -2.56 -5.09
C ILE A 190 19.88 -3.81 -5.20
N GLY A 191 19.69 -4.57 -6.28
CA GLY A 191 20.42 -5.80 -6.49
C GLY A 191 19.54 -7.02 -6.32
N ALA A 192 19.37 -7.79 -7.40
CA ALA A 192 18.59 -9.03 -7.38
C ALA A 192 19.49 -10.26 -7.30
N GLY A 193 20.59 -10.16 -6.56
CA GLY A 193 21.39 -11.31 -6.25
C GLY A 193 20.83 -12.07 -5.07
N VAL A 194 21.62 -13.02 -4.57
CA VAL A 194 21.15 -13.90 -3.50
C VAL A 194 20.71 -13.10 -2.29
N ILE A 195 21.53 -12.13 -1.87
CA ILE A 195 21.22 -11.38 -0.66
C ILE A 195 19.96 -10.54 -0.84
N GLY A 196 19.87 -9.84 -1.98
CA GLY A 196 18.69 -9.03 -2.23
C GLY A 196 17.42 -9.85 -2.27
N LEU A 197 17.49 -11.03 -2.89
CA LEU A 197 16.30 -11.88 -2.99
C LEU A 197 15.91 -12.46 -1.63
N GLU A 198 16.89 -12.87 -0.83
CA GLU A 198 16.58 -13.40 0.49
C GLU A 198 16.00 -12.31 1.40
N LEU A 199 16.63 -11.14 1.44
CA LEU A 199 16.15 -10.08 2.31
C LEU A 199 14.80 -9.55 1.81
N GLY A 200 14.64 -9.41 0.51
CA GLY A 200 13.35 -9.03 -0.03
C GLY A 200 12.26 -10.02 0.35
N SER A 201 12.59 -11.31 0.33
CA SER A 201 11.61 -12.33 0.68
C SER A 201 11.15 -12.19 2.12
N VAL A 202 12.09 -11.98 3.05
CA VAL A 202 11.73 -11.85 4.47
C VAL A 202 10.62 -10.81 4.63
N TRP A 203 10.86 -9.60 4.14
CA TRP A 203 9.96 -8.50 4.45
C TRP A 203 8.70 -8.53 3.58
N ALA A 204 8.78 -9.05 2.36
CA ALA A 204 7.58 -9.22 1.55
C ALA A 204 6.59 -10.14 2.24
N ARG A 205 7.09 -11.23 2.82
CA ARG A 205 6.20 -12.19 3.51
C ARG A 205 5.46 -11.52 4.65
N LEU A 206 6.07 -10.53 5.29
CA LEU A 206 5.48 -9.89 6.46
C LEU A 206 4.64 -8.68 6.09
N GLY A 207 4.46 -8.39 4.81
CA GLY A 207 3.53 -7.36 4.37
C GLY A 207 4.14 -6.20 3.63
N ALA A 208 5.46 -6.12 3.50
CA ALA A 208 6.07 -5.02 2.77
C ALA A 208 5.77 -5.12 1.29
N GLU A 209 5.60 -3.97 0.64
CA GLU A 209 5.52 -3.89 -0.81
C GLU A 209 6.95 -3.72 -1.31
N VAL A 210 7.48 -4.75 -1.96
CA VAL A 210 8.91 -4.86 -2.24
C VAL A 210 9.14 -4.67 -3.72
N THR A 211 10.07 -3.76 -4.06
CA THR A 211 10.58 -3.62 -5.41
C THR A 211 12.07 -3.91 -5.38
N VAL A 212 12.53 -4.74 -6.32
CA VAL A 212 13.94 -5.08 -6.45
C VAL A 212 14.42 -4.53 -7.78
N LEU A 213 15.37 -3.61 -7.74
CA LEU A 213 15.92 -2.96 -8.93
C LEU A 213 17.27 -3.59 -9.24
N GLU A 214 17.37 -4.22 -10.42
CA GLU A 214 18.56 -4.96 -10.82
C GLU A 214 19.05 -4.41 -12.16
N ALA A 215 20.32 -4.01 -12.20
CA ALA A 215 20.84 -3.35 -13.39
C ALA A 215 20.97 -4.31 -14.58
N LEU A 216 21.28 -5.58 -14.32
CA LEU A 216 21.50 -6.53 -15.41
C LEU A 216 20.18 -6.97 -16.04
N ASP A 217 20.25 -7.29 -17.33
CA ASP A 217 19.09 -7.82 -18.04
C ASP A 217 18.81 -9.27 -17.66
N LYS A 218 19.83 -10.01 -17.26
CA LYS A 218 19.69 -11.45 -17.02
C LYS A 218 19.56 -11.72 -15.53
N PHE A 219 18.55 -12.51 -15.17
CA PHE A 219 18.30 -12.89 -13.79
C PHE A 219 19.13 -14.12 -13.42
N LEU A 220 19.73 -14.07 -12.23
CA LEU A 220 20.54 -15.16 -11.69
C LEU A 220 21.43 -15.79 -12.78
N PRO A 221 22.33 -15.02 -13.38
CA PRO A 221 23.10 -15.54 -14.52
C PRO A 221 23.96 -16.75 -14.19
N ALA A 222 24.35 -16.94 -12.93
CA ALA A 222 25.15 -18.11 -12.55
C ALA A 222 24.32 -19.38 -12.45
N ALA A 223 23.02 -19.26 -12.27
CA ALA A 223 22.17 -20.44 -12.18
C ALA A 223 21.83 -20.95 -13.58
N ASP A 224 21.39 -22.20 -13.63
CA ASP A 224 20.91 -22.75 -14.89
C ASP A 224 19.71 -21.92 -15.36
N GLU A 225 19.69 -21.65 -16.66
CA GLU A 225 18.68 -20.72 -17.21
C GLU A 225 17.27 -21.20 -16.94
N GLN A 226 17.03 -22.51 -17.04
CA GLN A 226 15.68 -23.03 -16.78
C GLN A 226 15.29 -22.82 -15.33
N ILE A 227 16.22 -23.05 -14.40
CA ILE A 227 15.96 -22.79 -12.99
C ILE A 227 15.69 -21.31 -12.75
N ALA A 228 16.54 -20.46 -13.35
CA ALA A 228 16.41 -19.02 -13.13
C ALA A 228 15.08 -18.50 -13.65
N LYS A 229 14.62 -19.03 -14.80
CA LYS A 229 13.35 -18.59 -15.35
C LYS A 229 12.19 -18.93 -14.42
N GLU A 230 12.19 -20.16 -13.87
CA GLU A 230 11.16 -20.53 -12.92
C GLU A 230 11.26 -19.70 -11.64
N ALA A 231 12.48 -19.45 -11.17
CA ALA A 231 12.68 -18.64 -9.97
C ALA A 231 12.10 -17.24 -10.15
N LEU A 232 12.38 -16.61 -11.30
CA LEU A 232 11.87 -15.26 -11.54
C LEU A 232 10.35 -15.25 -11.52
N LYS A 233 9.73 -16.24 -12.16
CA LYS A 233 8.28 -16.32 -12.19
C LYS A 233 7.71 -16.49 -10.79
N VAL A 234 8.29 -17.40 -10.00
CA VAL A 234 7.72 -17.72 -8.69
C VAL A 234 7.93 -16.57 -7.72
N LEU A 235 9.13 -15.98 -7.72
CA LEU A 235 9.41 -14.90 -6.79
C LEU A 235 8.62 -13.64 -7.12
N THR A 236 8.39 -13.39 -8.42
CA THR A 236 7.53 -12.28 -8.80
C THR A 236 6.11 -12.50 -8.30
N LYS A 237 5.60 -13.74 -8.40
CA LYS A 237 4.27 -14.04 -7.89
C LYS A 237 4.18 -13.83 -6.39
N GLN A 238 5.29 -14.08 -5.67
CA GLN A 238 5.31 -13.89 -4.22
C GLN A 238 5.39 -12.43 -3.80
N GLY A 239 5.42 -11.50 -4.75
CA GLY A 239 5.41 -10.09 -4.44
C GLY A 239 6.75 -9.39 -4.54
N LEU A 240 7.80 -10.08 -4.97
CA LEU A 240 9.06 -9.40 -5.25
C LEU A 240 8.96 -8.84 -6.66
N ASN A 241 8.72 -7.53 -6.75
CA ASN A 241 8.60 -6.87 -8.04
C ASN A 241 10.02 -6.64 -8.56
N ILE A 242 10.55 -7.66 -9.22
CA ILE A 242 11.94 -7.66 -9.68
C ILE A 242 11.99 -6.96 -11.03
N ARG A 243 12.69 -5.85 -11.09
CA ARG A 243 12.82 -5.02 -12.29
C ARG A 243 14.22 -5.22 -12.84
N LEU A 244 14.31 -5.90 -13.96
CA LEU A 244 15.59 -6.14 -14.62
C LEU A 244 15.90 -4.99 -15.56
N GLY A 245 17.19 -4.82 -15.86
CA GLY A 245 17.62 -3.69 -16.67
C GLY A 245 17.28 -2.35 -16.05
N ALA A 246 17.31 -2.26 -14.72
CA ALA A 246 16.93 -1.06 -14.00
C ALA A 246 18.12 -0.65 -13.15
N ARG A 247 18.78 0.43 -13.54
CA ARG A 247 20.01 0.88 -12.88
C ARG A 247 19.71 2.11 -12.03
N VAL A 248 19.92 1.98 -10.72
CA VAL A 248 19.77 3.11 -9.82
C VAL A 248 20.93 4.08 -10.06
N THR A 249 20.60 5.36 -10.23
CA THR A 249 21.60 6.40 -10.44
C THR A 249 21.64 7.46 -9.36
N ALA A 250 20.60 7.56 -8.53
CA ALA A 250 20.58 8.58 -7.50
C ALA A 250 19.49 8.25 -6.48
N SER A 251 19.60 8.86 -5.30
CA SER A 251 18.58 8.74 -4.28
C SER A 251 18.52 10.05 -3.50
N GLU A 252 17.35 10.29 -2.90
CA GLU A 252 17.10 11.51 -2.14
C GLU A 252 16.28 11.14 -0.90
N VAL A 253 16.80 11.49 0.27
CA VAL A 253 16.12 11.20 1.54
C VAL A 253 15.43 12.47 2.02
N LYS A 254 14.16 12.34 2.39
CA LYS A 254 13.43 13.46 2.96
C LYS A 254 12.25 12.93 3.76
N LYS A 255 12.13 13.40 5.00
CA LYS A 255 10.96 13.14 5.83
C LYS A 255 10.70 11.64 6.02
N LYS A 256 11.76 10.90 6.34
CA LYS A 256 11.64 9.47 6.63
C LYS A 256 11.18 8.65 5.43
N GLN A 257 11.47 9.13 4.22
CA GLN A 257 11.27 8.34 3.01
C GLN A 257 12.41 8.64 2.05
N VAL A 258 12.58 7.76 1.06
CA VAL A 258 13.69 7.87 0.11
C VAL A 258 13.15 7.68 -1.30
N THR A 259 13.46 8.63 -2.18
CA THR A 259 13.11 8.55 -3.59
C THR A 259 14.33 8.13 -4.40
N VAL A 260 14.18 7.06 -5.17
CA VAL A 260 15.26 6.49 -5.97
C VAL A 260 15.03 6.85 -7.43
N THR A 261 16.09 7.28 -8.10
CA THR A 261 16.07 7.52 -9.54
C THR A 261 16.80 6.37 -10.24
N PHE A 262 16.18 5.80 -11.27
CA PHE A 262 16.81 4.71 -11.99
C PHE A 262 16.43 4.76 -13.47
N THR A 263 17.28 4.14 -14.29
CA THR A 263 17.11 4.07 -15.74
C THR A 263 16.69 2.66 -16.13
N ASP A 264 15.59 2.56 -16.88
CA ASP A 264 15.21 1.28 -17.49
C ASP A 264 15.02 1.47 -19.00
N ALA A 265 14.49 0.45 -19.66
CA ALA A 265 14.37 0.50 -21.13
C ALA A 265 13.53 1.69 -21.58
N ASN A 266 12.61 2.17 -20.74
CA ASN A 266 11.71 3.25 -21.12
C ASN A 266 12.18 4.61 -20.63
N GLY A 267 13.40 4.72 -20.13
CA GLY A 267 13.96 6.00 -19.76
C GLY A 267 14.12 6.19 -18.26
N GLU A 268 14.09 7.45 -17.82
CA GLU A 268 14.31 7.78 -16.42
C GLU A 268 13.05 7.56 -15.61
N GLN A 269 13.19 6.86 -14.47
CA GLN A 269 12.09 6.50 -13.61
C GLN A 269 12.39 6.94 -12.19
N LYS A 270 11.33 7.08 -11.40
CA LYS A 270 11.45 7.39 -9.99
C LYS A 270 10.49 6.50 -9.19
N GLU A 271 10.93 6.12 -7.98
CA GLU A 271 10.09 5.36 -7.07
C GLU A 271 10.49 5.71 -5.65
N THR A 272 9.50 5.83 -4.77
CA THR A 272 9.72 6.25 -3.39
C THR A 272 9.40 5.09 -2.45
N PHE A 273 10.22 4.96 -1.41
CA PHE A 273 10.13 3.86 -0.46
C PHE A 273 10.26 4.39 0.97
N ASP A 274 9.80 3.60 1.93
CA ASP A 274 10.04 3.92 3.33
C ASP A 274 11.43 3.47 3.78
N LYS A 275 11.95 2.42 3.17
CA LYS A 275 13.28 1.90 3.46
C LYS A 275 13.90 1.41 2.15
N LEU A 276 15.23 1.47 2.08
CA LEU A 276 15.96 1.05 0.89
C LEU A 276 17.13 0.17 1.33
N ILE A 277 17.18 -1.05 0.81
CA ILE A 277 18.28 -1.98 1.08
C ILE A 277 19.24 -1.96 -0.10
N VAL A 278 20.51 -1.73 0.17
CA VAL A 278 21.56 -1.77 -0.85
C VAL A 278 22.22 -3.13 -0.77
N ALA A 279 22.02 -3.95 -1.80
CA ALA A 279 22.54 -5.32 -1.86
C ALA A 279 23.24 -5.55 -3.19
N VAL A 280 24.31 -4.80 -3.41
CA VAL A 280 24.99 -4.75 -4.71
C VAL A 280 26.32 -5.48 -4.70
N GLY A 281 26.46 -6.47 -3.82
CA GLY A 281 27.61 -7.36 -3.85
C GLY A 281 28.47 -7.26 -2.60
N ARG A 282 29.58 -7.99 -2.64
CA ARG A 282 30.50 -8.13 -1.52
C ARG A 282 31.92 -7.91 -2.03
N ARG A 283 32.77 -7.35 -1.17
CA ARG A 283 34.14 -7.02 -1.54
C ARG A 283 35.11 -7.50 -0.46
N PRO A 284 36.33 -7.87 -0.84
CA PRO A 284 37.30 -8.36 0.15
C PRO A 284 37.81 -7.26 1.07
N VAL A 285 38.13 -7.64 2.30
CA VAL A 285 38.65 -6.73 3.31
C VAL A 285 40.15 -6.93 3.47
N THR A 286 40.92 -5.89 3.14
CA THR A 286 42.37 -5.89 3.32
C THR A 286 42.84 -4.65 4.08
N THR A 287 41.90 -3.97 4.74
CA THR A 287 42.16 -2.70 5.41
C THR A 287 43.24 -2.85 6.47
N ASP A 288 44.38 -2.17 6.29
CA ASP A 288 45.45 -2.18 7.29
C ASP A 288 45.89 -3.59 7.65
N LEU A 289 45.71 -4.53 6.73
CA LEU A 289 45.97 -5.92 7.00
C LEU A 289 47.44 -6.31 6.79
N LEU A 290 48.12 -5.65 5.85
CA LEU A 290 49.45 -6.05 5.43
C LEU A 290 50.39 -4.85 5.50
N ALA A 291 51.49 -5.01 6.22
CA ALA A 291 52.55 -4.01 6.15
C ALA A 291 53.06 -3.92 4.72
N ALA A 292 53.58 -2.75 4.35
CA ALA A 292 54.03 -2.54 2.98
C ALA A 292 55.15 -3.51 2.60
N ASP A 293 55.92 -3.99 3.57
CA ASP A 293 57.02 -4.92 3.31
C ASP A 293 56.70 -6.34 3.80
N SER A 294 55.43 -6.69 3.92
CA SER A 294 55.07 -8.03 4.38
C SER A 294 55.45 -9.08 3.36
N GLY A 295 55.52 -8.72 2.08
CA GLY A 295 55.80 -9.64 1.01
C GLY A 295 54.58 -10.26 0.38
N VAL A 296 53.40 -10.09 0.96
CA VAL A 296 52.16 -10.66 0.44
C VAL A 296 51.58 -9.68 -0.57
N THR A 297 51.18 -10.20 -1.72
CA THR A 297 50.68 -9.37 -2.81
C THR A 297 49.19 -9.56 -2.99
N LEU A 298 48.53 -8.52 -3.51
CA LEU A 298 47.12 -8.53 -3.83
C LEU A 298 46.99 -8.53 -5.34
N ASP A 299 45.88 -9.08 -5.84
CA ASP A 299 45.60 -9.01 -7.26
C ASP A 299 44.92 -7.68 -7.56
N GLU A 300 44.63 -7.45 -8.85
CA GLU A 300 44.09 -6.14 -9.25
C GLU A 300 42.74 -5.87 -8.62
N ARG A 301 42.02 -6.91 -8.21
CA ARG A 301 40.70 -6.73 -7.63
C ARG A 301 40.73 -6.65 -6.11
N GLY A 302 41.91 -6.66 -5.49
CA GLY A 302 42.02 -6.51 -4.06
C GLY A 302 42.01 -7.80 -3.26
N PHE A 303 41.93 -8.95 -3.92
CA PHE A 303 42.03 -10.21 -3.20
C PHE A 303 43.50 -10.53 -2.97
N ILE A 304 43.77 -11.28 -1.90
CA ILE A 304 45.13 -11.75 -1.68
C ILE A 304 45.44 -12.83 -2.70
N TYR A 305 46.60 -12.69 -3.35
CA TYR A 305 47.01 -13.61 -4.40
C TYR A 305 47.51 -14.90 -3.79
N VAL A 306 46.88 -16.02 -4.14
CA VAL A 306 47.23 -17.33 -3.62
C VAL A 306 47.19 -18.37 -4.74
N ASP A 307 47.86 -19.49 -4.50
CA ASP A 307 47.80 -20.63 -5.40
C ASP A 307 46.61 -21.52 -5.01
N ASP A 308 46.54 -22.71 -5.62
CA ASP A 308 45.41 -23.62 -5.38
C ASP A 308 45.44 -24.24 -3.99
N HIS A 309 46.54 -24.07 -3.23
CA HIS A 309 46.60 -24.50 -1.85
C HIS A 309 46.46 -23.32 -0.89
N CYS A 310 46.04 -22.17 -1.40
CA CYS A 310 45.84 -20.97 -0.59
C CYS A 310 47.15 -20.43 -0.02
N LYS A 311 48.29 -20.74 -0.63
CA LYS A 311 49.56 -20.21 -0.19
C LYS A 311 49.81 -18.87 -0.89
N THR A 312 50.23 -17.87 -0.12
CA THR A 312 50.54 -16.56 -0.66
C THR A 312 51.92 -16.56 -1.31
N SER A 313 52.39 -15.38 -1.69
CA SER A 313 53.72 -15.19 -2.22
C SER A 313 54.80 -15.29 -1.14
N VAL A 314 54.43 -15.46 0.12
CA VAL A 314 55.38 -15.61 1.21
C VAL A 314 55.25 -17.02 1.76
N PRO A 315 56.33 -17.83 1.77
CA PRO A 315 56.22 -19.17 2.36
C PRO A 315 55.76 -19.09 3.81
N GLY A 316 54.89 -20.02 4.18
CA GLY A 316 54.34 -20.06 5.51
C GLY A 316 53.21 -19.08 5.78
N VAL A 317 52.80 -18.31 4.77
CA VAL A 317 51.69 -17.38 4.90
C VAL A 317 50.61 -17.81 3.90
N PHE A 318 49.41 -18.03 4.42
CA PHE A 318 48.29 -18.52 3.64
C PHE A 318 47.13 -17.55 3.78
N ALA A 319 46.20 -17.60 2.82
CA ALA A 319 45.01 -16.78 2.87
C ALA A 319 43.83 -17.58 2.33
N ILE A 320 42.69 -17.46 3.01
CA ILE A 320 41.54 -18.32 2.77
C ILE A 320 40.26 -17.49 2.79
N GLY A 321 39.19 -18.09 2.26
CA GLY A 321 37.87 -17.49 2.42
C GLY A 321 37.60 -16.35 1.46
N ASP A 322 36.76 -15.42 1.90
CA ASP A 322 36.26 -14.35 1.04
C ASP A 322 37.36 -13.41 0.60
N VAL A 323 38.52 -13.41 1.27
CA VAL A 323 39.61 -12.51 0.90
C VAL A 323 40.44 -13.05 -0.26
N VAL A 324 40.17 -14.27 -0.74
CA VAL A 324 40.88 -14.83 -1.88
C VAL A 324 39.88 -15.27 -2.95
N ARG A 325 40.43 -15.65 -4.10
CA ARG A 325 39.61 -16.03 -5.25
C ARG A 325 38.67 -17.19 -4.92
N GLY A 326 37.61 -17.29 -5.70
CA GLY A 326 36.66 -18.37 -5.59
C GLY A 326 35.32 -17.90 -5.07
N ALA A 327 34.40 -18.85 -4.98
CA ALA A 327 33.05 -18.54 -4.53
C ALA A 327 33.10 -17.98 -3.13
N MET A 328 32.41 -16.84 -2.93
CA MET A 328 32.40 -16.17 -1.63
C MET A 328 31.29 -16.82 -0.80
N LEU A 329 31.60 -18.01 -0.29
CA LEU A 329 30.65 -18.84 0.44
C LEU A 329 31.31 -19.39 1.69
N ALA A 330 30.49 -19.62 2.73
CA ALA A 330 31.04 -20.04 4.01
C ALA A 330 31.68 -21.42 3.94
N HIS A 331 31.05 -22.36 3.22
CA HIS A 331 31.61 -23.71 3.15
C HIS A 331 32.89 -23.75 2.33
N LYS A 332 33.05 -22.83 1.39
CA LYS A 332 34.32 -22.69 0.69
C LYS A 332 35.41 -22.21 1.64
N ALA A 333 35.11 -21.18 2.44
CA ALA A 333 36.09 -20.65 3.39
C ALA A 333 36.52 -21.71 4.39
N SER A 334 35.57 -22.43 4.98
CA SER A 334 35.91 -23.40 6.01
CA SER A 334 35.91 -23.40 6.01
C SER A 334 36.75 -24.54 5.46
N GLU A 335 36.41 -25.05 4.27
CA GLU A 335 37.19 -26.14 3.70
C GLU A 335 38.61 -25.69 3.35
N GLU A 336 38.76 -24.44 2.90
CA GLU A 336 40.10 -23.91 2.68
C GLU A 336 40.87 -23.85 4.00
N GLY A 337 40.20 -23.48 5.08
CA GLY A 337 40.85 -23.49 6.39
C GLY A 337 41.34 -24.86 6.79
N VAL A 338 40.53 -25.89 6.56
CA VAL A 338 40.94 -27.26 6.86
C VAL A 338 42.15 -27.65 6.02
N MET A 339 42.11 -27.36 4.71
CA MET A 339 43.23 -27.70 3.85
C MET A 339 44.52 -27.07 4.34
N VAL A 340 44.47 -25.78 4.65
CA VAL A 340 45.69 -25.07 5.03
C VAL A 340 46.25 -25.63 6.33
N ALA A 341 45.38 -25.87 7.32
CA ALA A 341 45.85 -26.42 8.58
C ALA A 341 46.49 -27.79 8.37
N GLU A 342 45.86 -28.65 7.55
CA GLU A 342 46.41 -29.97 7.30
C GLU A 342 47.74 -29.87 6.56
N ARG A 343 47.87 -28.91 5.65
CA ARG A 343 49.13 -28.75 4.94
C ARG A 343 50.24 -28.26 5.87
N ILE A 344 49.92 -27.38 6.81
CA ILE A 344 50.90 -26.96 7.80
C ILE A 344 51.41 -28.15 8.59
N ALA A 345 50.51 -29.10 8.90
CA ALA A 345 50.86 -30.30 9.64
C ALA A 345 51.59 -31.34 8.79
N GLY A 346 51.84 -31.05 7.51
CA GLY A 346 52.64 -31.91 6.67
C GLY A 346 51.87 -32.78 5.70
N HIS A 347 50.55 -32.63 5.61
CA HIS A 347 49.74 -33.44 4.72
C HIS A 347 49.55 -32.73 3.39
N LYS A 348 49.61 -33.49 2.30
CA LYS A 348 49.42 -32.94 0.96
C LYS A 348 47.92 -32.81 0.68
N ALA A 349 47.27 -32.02 1.52
CA ALA A 349 45.84 -31.81 1.42
C ALA A 349 45.53 -30.92 0.22
N GLN A 350 44.41 -31.20 -0.43
CA GLN A 350 43.98 -30.50 -1.64
C GLN A 350 42.56 -30.01 -1.41
N MET A 351 42.11 -29.11 -2.28
CA MET A 351 40.71 -28.70 -2.26
C MET A 351 40.07 -28.91 -3.61
N ASN A 352 38.83 -29.42 -3.58
CA ASN A 352 38.02 -29.61 -4.77
C ASN A 352 37.18 -28.35 -4.97
N TYR A 353 37.56 -27.54 -5.96
CA TYR A 353 36.80 -26.35 -6.33
C TYR A 353 35.70 -26.60 -7.35
N ASP A 354 35.54 -27.84 -7.82
CA ASP A 354 34.56 -28.14 -8.86
C ASP A 354 33.17 -28.50 -8.35
N LEU A 355 33.04 -28.91 -7.09
CA LEU A 355 31.78 -29.41 -6.55
C LEU A 355 31.29 -28.59 -5.36
N ILE A 356 31.59 -27.30 -5.34
CA ILE A 356 31.10 -26.40 -4.30
C ILE A 356 29.65 -26.05 -4.64
N PRO A 357 28.67 -26.46 -3.85
CA PRO A 357 27.28 -26.12 -4.17
C PRO A 357 26.96 -24.67 -3.84
N SER A 358 25.90 -24.19 -4.48
CA SER A 358 25.32 -22.88 -4.22
C SER A 358 23.90 -23.06 -3.74
N VAL A 359 23.48 -22.26 -2.77
CA VAL A 359 22.13 -22.31 -2.23
C VAL A 359 21.58 -20.91 -2.11
N ILE A 360 20.33 -20.73 -2.53
CA ILE A 360 19.56 -19.50 -2.30
C ILE A 360 18.38 -19.89 -1.44
N TYR A 361 18.28 -19.29 -0.26
CA TYR A 361 17.32 -19.75 0.76
C TYR A 361 15.98 -19.05 0.65
N THR A 362 15.55 -18.75 -0.56
CA THR A 362 14.15 -18.42 -0.81
C THR A 362 13.29 -19.66 -0.52
N HIS A 363 11.99 -19.47 -0.59
CA HIS A 363 11.05 -20.59 -0.56
C HIS A 363 10.12 -20.41 -1.75
N PRO A 364 10.25 -21.22 -2.82
CA PRO A 364 11.10 -22.41 -2.92
C PRO A 364 12.60 -22.14 -2.87
N GLU A 365 13.31 -23.05 -2.20
CA GLU A 365 14.76 -22.99 -2.14
C GLU A 365 15.35 -23.30 -3.51
N ILE A 366 16.50 -22.69 -3.80
CA ILE A 366 17.22 -22.89 -5.06
C ILE A 366 18.62 -23.36 -4.72
N ALA A 367 19.09 -24.38 -5.41
CA ALA A 367 20.44 -24.88 -5.17
C ALA A 367 20.96 -25.57 -6.42
N TRP A 368 22.28 -25.61 -6.54
CA TRP A 368 22.90 -26.32 -7.65
C TRP A 368 24.35 -26.64 -7.35
N VAL A 369 24.87 -27.61 -8.10
CA VAL A 369 26.27 -28.01 -8.04
C VAL A 369 26.69 -28.38 -9.46
N GLY A 370 27.94 -28.08 -9.81
CA GLY A 370 28.40 -28.38 -11.15
C GLY A 370 27.96 -27.33 -12.14
N LYS A 371 27.92 -27.72 -13.41
CA LYS A 371 27.78 -26.80 -14.52
C LYS A 371 26.34 -26.68 -15.00
N THR A 372 26.00 -25.49 -15.49
CA THR A 372 24.70 -25.20 -16.06
C THR A 372 24.66 -25.67 -17.51
N GLU A 373 23.44 -25.76 -18.05
CA GLU A 373 23.29 -26.12 -19.46
C GLU A 373 23.98 -25.10 -20.36
N GLN A 374 23.85 -23.81 -20.03
CA GLN A 374 24.42 -22.78 -20.91
C GLN A 374 25.94 -22.81 -20.88
N THR A 375 26.54 -23.10 -19.74
CA THR A 375 27.99 -23.23 -19.66
C THR A 375 28.47 -24.39 -20.53
N LEU A 376 27.82 -25.54 -20.41
CA LEU A 376 28.25 -26.71 -21.17
C LEU A 376 28.06 -26.51 -22.66
N LYS A 377 27.01 -25.79 -23.07
CA LYS A 377 26.85 -25.48 -24.48
C LYS A 377 27.97 -24.56 -24.97
N ALA A 378 28.32 -23.56 -24.16
CA ALA A 378 29.43 -22.66 -24.53
C ALA A 378 30.74 -23.42 -24.61
N GLU A 379 30.90 -24.48 -23.82
CA GLU A 379 32.11 -25.29 -23.83
C GLU A 379 32.07 -26.36 -24.93
N GLY A 380 30.97 -26.49 -25.66
CA GLY A 380 30.88 -27.46 -26.73
C GLY A 380 30.72 -28.89 -26.27
N VAL A 381 30.23 -29.11 -25.06
CA VAL A 381 30.03 -30.45 -24.53
C VAL A 381 28.59 -30.87 -24.80
N GLU A 382 28.42 -31.93 -25.57
CA GLU A 382 27.08 -32.46 -25.83
C GLU A 382 26.55 -33.15 -24.58
N VAL A 383 25.30 -32.86 -24.22
CA VAL A 383 24.74 -33.35 -22.96
C VAL A 383 23.35 -33.93 -23.21
N ASN A 384 22.93 -34.77 -22.27
CA ASN A 384 21.56 -35.20 -22.12
C ASN A 384 21.02 -34.61 -20.82
N VAL A 385 19.77 -34.15 -20.86
CA VAL A 385 19.13 -33.48 -19.72
C VAL A 385 17.91 -34.27 -19.30
N GLY A 386 17.75 -34.45 -18.01
CA GLY A 386 16.53 -35.01 -17.45
C GLY A 386 16.00 -34.11 -16.35
N THR A 387 14.67 -33.93 -16.35
CA THR A 387 14.02 -33.13 -15.33
C THR A 387 12.82 -33.89 -14.77
N PHE A 388 12.43 -33.50 -13.55
CA PHE A 388 11.25 -34.05 -12.92
C PHE A 388 10.62 -32.93 -12.08
N PRO A 389 9.32 -32.67 -12.25
CA PRO A 389 8.68 -31.58 -11.50
C PRO A 389 8.13 -32.07 -10.17
N PHE A 390 8.21 -31.21 -9.15
CA PHE A 390 7.63 -31.56 -7.87
C PHE A 390 6.12 -31.69 -7.92
N ALA A 391 5.48 -31.15 -8.98
CA ALA A 391 4.05 -31.38 -9.18
C ALA A 391 3.72 -32.85 -9.36
N ALA A 392 4.71 -33.67 -9.71
CA ALA A 392 4.50 -35.10 -9.88
C ALA A 392 5.04 -35.91 -8.71
N SER A 393 5.45 -35.25 -7.62
CA SER A 393 5.99 -35.91 -6.45
C SER A 393 4.88 -36.14 -5.42
N GLY A 394 4.62 -37.41 -5.09
CA GLY A 394 3.64 -37.70 -4.05
C GLY A 394 4.01 -37.08 -2.72
N ARG A 395 5.28 -37.11 -2.35
CA ARG A 395 5.71 -36.50 -1.09
C ARG A 395 5.43 -35.01 -1.09
N ALA A 396 5.75 -34.32 -2.19
CA ALA A 396 5.53 -32.88 -2.27
C ALA A 396 4.05 -32.55 -2.23
N MET A 397 3.21 -33.39 -2.83
CA MET A 397 1.77 -33.16 -2.77
C MET A 397 1.27 -33.25 -1.34
N ALA A 398 1.69 -34.29 -0.61
CA ALA A 398 1.31 -34.39 0.79
C ALA A 398 1.76 -33.15 1.56
N ALA A 399 2.92 -32.61 1.19
CA ALA A 399 3.47 -31.42 1.85
C ALA A 399 2.80 -30.12 1.42
N ASN A 400 1.88 -30.18 0.44
CA ASN A 400 1.27 -28.97 -0.10
C ASN A 400 2.32 -28.01 -0.66
N ASP A 401 3.37 -28.57 -1.29
CA ASP A 401 4.51 -27.75 -1.73
C ASP A 401 5.07 -28.37 -3.02
N THR A 402 4.45 -28.04 -4.15
CA THR A 402 4.72 -28.71 -5.42
C THR A 402 5.40 -27.81 -6.45
N THR A 403 5.80 -26.60 -6.08
CA THR A 403 6.51 -25.74 -7.02
C THR A 403 7.91 -26.27 -7.29
N GLY A 404 8.32 -26.24 -8.56
CA GLY A 404 9.71 -26.40 -8.92
C GLY A 404 10.01 -27.72 -9.62
N LEU A 405 11.31 -27.99 -9.75
CA LEU A 405 11.77 -29.15 -10.50
C LEU A 405 13.19 -29.49 -10.10
N VAL A 406 13.60 -30.72 -10.44
CA VAL A 406 14.98 -31.16 -10.39
C VAL A 406 15.48 -31.32 -11.82
N LYS A 407 16.72 -30.89 -12.08
CA LYS A 407 17.35 -31.02 -13.39
C LYS A 407 18.70 -31.69 -13.23
N VAL A 408 18.93 -32.76 -13.98
CA VAL A 408 20.21 -33.47 -14.02
C VAL A 408 20.76 -33.35 -15.43
N ILE A 409 22.04 -32.96 -15.51
CA ILE A 409 22.73 -32.83 -16.79
C ILE A 409 23.86 -33.84 -16.83
N ALA A 410 23.93 -34.63 -17.90
CA ALA A 410 24.93 -35.66 -18.06
C ALA A 410 25.63 -35.54 -19.41
N ASP A 411 26.89 -35.95 -19.43
CA ASP A 411 27.64 -36.03 -20.69
C ASP A 411 26.96 -37.00 -21.64
N ALA A 412 26.74 -36.55 -22.88
CA ALA A 412 26.02 -37.38 -23.85
C ALA A 412 26.79 -38.62 -24.23
N LYS A 413 28.12 -38.61 -24.11
CA LYS A 413 28.95 -39.74 -24.50
C LYS A 413 29.23 -40.71 -23.35
N THR A 414 29.54 -40.17 -22.16
CA THR A 414 29.95 -41.01 -21.03
C THR A 414 28.86 -41.20 -20.01
N ASP A 415 27.78 -40.42 -20.06
CA ASP A 415 26.69 -40.45 -19.09
C ASP A 415 27.10 -39.91 -17.73
N ARG A 416 28.30 -39.35 -17.60
CA ARG A 416 28.74 -38.79 -16.33
C ARG A 416 27.89 -37.56 -15.99
N VAL A 417 27.40 -37.51 -14.75
CA VAL A 417 26.64 -36.36 -14.30
C VAL A 417 27.57 -35.15 -14.18
N LEU A 418 27.18 -34.06 -14.83
CA LEU A 418 27.98 -32.84 -14.87
C LEU A 418 27.39 -31.69 -14.08
N GLY A 419 26.11 -31.77 -13.74
CA GLY A 419 25.47 -30.72 -12.97
C GLY A 419 24.12 -31.18 -12.45
N VAL A 420 23.75 -30.70 -11.26
CA VAL A 420 22.45 -30.96 -10.67
C VAL A 420 21.90 -29.64 -10.17
N HIS A 421 20.67 -29.32 -10.55
CA HIS A 421 20.08 -28.02 -10.32
C HIS A 421 18.65 -28.22 -9.83
N VAL A 422 18.29 -27.55 -8.73
CA VAL A 422 16.98 -27.77 -8.11
C VAL A 422 16.40 -26.44 -7.67
N ILE A 423 15.10 -26.27 -7.96
CA ILE A 423 14.28 -25.26 -7.30
C ILE A 423 13.07 -26.01 -6.73
N GLY A 424 12.89 -25.94 -5.43
CA GLY A 424 11.81 -26.65 -4.78
C GLY A 424 12.17 -27.08 -3.38
N PRO A 425 11.31 -27.88 -2.76
CA PRO A 425 11.52 -28.25 -1.35
C PRO A 425 12.77 -29.09 -1.18
N SER A 426 13.52 -28.76 -0.13
CA SER A 426 14.77 -29.46 0.21
C SER A 426 15.79 -29.43 -0.92
N ALA A 427 15.80 -28.34 -1.70
CA ALA A 427 16.71 -28.22 -2.84
C ALA A 427 18.15 -28.48 -2.43
N ALA A 428 18.59 -27.89 -1.31
CA ALA A 428 19.99 -28.04 -0.92
C ALA A 428 20.34 -29.48 -0.58
N GLU A 429 19.42 -30.19 0.06
CA GLU A 429 19.67 -31.60 0.41
C GLU A 429 19.72 -32.48 -0.83
N LEU A 430 18.85 -32.23 -1.81
CA LEU A 430 18.88 -33.01 -3.04
C LEU A 430 20.13 -32.70 -3.85
N VAL A 431 20.55 -31.43 -3.86
CA VAL A 431 21.79 -31.08 -4.54
C VAL A 431 22.99 -31.75 -3.86
N GLN A 432 22.96 -31.85 -2.53
CA GLN A 432 24.06 -32.52 -1.84
C GLN A 432 24.11 -34.00 -2.21
N GLN A 433 22.94 -34.63 -2.40
CA GLN A 433 22.90 -35.99 -2.92
C GLN A 433 23.60 -36.08 -4.26
N GLY A 434 23.29 -35.14 -5.17
CA GLY A 434 23.98 -35.10 -6.45
C GLY A 434 25.47 -34.90 -6.30
N ALA A 435 25.88 -33.98 -5.41
CA ALA A 435 27.29 -33.69 -5.24
C ALA A 435 28.05 -34.91 -4.72
N ILE A 436 27.45 -35.66 -3.80
CA ILE A 436 28.07 -36.88 -3.30
C ILE A 436 28.26 -37.87 -4.45
N GLY A 437 27.21 -38.06 -5.25
CA GLY A 437 27.34 -38.91 -6.42
C GLY A 437 28.45 -38.46 -7.34
N MET A 438 28.53 -37.14 -7.60
CA MET A 438 29.53 -36.62 -8.52
C MET A 438 30.94 -36.79 -7.97
N GLU A 439 31.12 -36.71 -6.64
CA GLU A 439 32.43 -36.97 -6.07
C GLU A 439 32.91 -38.37 -6.44
N PHE A 440 31.99 -39.33 -6.54
CA PHE A 440 32.34 -40.69 -6.90
C PHE A 440 32.27 -40.95 -8.41
N GLY A 441 32.05 -39.91 -9.20
CA GLY A 441 32.02 -40.07 -10.64
C GLY A 441 30.75 -40.69 -11.16
N THR A 442 29.62 -40.45 -10.50
CA THR A 442 28.40 -41.14 -10.85
C THR A 442 27.97 -40.81 -12.27
N SER A 443 27.40 -41.81 -12.94
CA SER A 443 26.63 -41.59 -14.15
C SER A 443 25.17 -41.36 -13.79
N ALA A 444 24.39 -40.90 -14.76
CA ALA A 444 22.96 -40.77 -14.53
C ALA A 444 22.33 -42.14 -14.29
N GLU A 445 22.74 -43.15 -15.07
CA GLU A 445 22.20 -44.49 -14.86
C GLU A 445 22.60 -45.05 -13.49
N ASP A 446 23.79 -44.71 -12.99
CA ASP A 446 24.16 -45.12 -11.64
C ASP A 446 23.11 -44.67 -10.63
N LEU A 447 22.76 -43.39 -10.67
CA LEU A 447 21.74 -42.88 -9.76
C LEU A 447 20.40 -43.55 -10.01
N GLY A 448 20.07 -43.79 -11.29
CA GLY A 448 18.79 -44.42 -11.61
C GLY A 448 18.66 -45.82 -11.07
N MET A 449 19.78 -46.54 -10.91
CA MET A 449 19.72 -47.92 -10.43
C MET A 449 19.65 -48.01 -8.91
N MET A 450 19.76 -46.90 -8.19
CA MET A 450 19.75 -46.97 -6.75
C MET A 450 18.31 -46.97 -6.24
N VAL A 451 18.13 -47.51 -5.04
CA VAL A 451 16.84 -47.53 -4.37
C VAL A 451 16.67 -46.23 -3.59
N PHE A 452 15.67 -45.45 -3.97
CA PHE A 452 15.30 -44.22 -3.27
C PHE A 452 14.03 -44.46 -2.48
N SER A 453 14.04 -44.08 -1.21
CA SER A 453 12.89 -44.28 -0.35
C SER A 453 11.66 -43.58 -0.92
N HIS A 454 10.51 -44.26 -0.78
CA HIS A 454 9.24 -43.69 -1.16
C HIS A 454 8.31 -43.64 0.04
N PRO A 455 7.59 -42.53 0.27
CA PRO A 455 7.63 -41.27 -0.48
C PRO A 455 8.64 -40.31 0.11
N THR A 456 9.56 -39.79 -0.71
CA THR A 456 10.48 -38.76 -0.25
C THR A 456 10.72 -37.76 -1.38
N LEU A 457 11.13 -36.54 -1.00
CA LEU A 457 11.51 -35.55 -1.99
C LEU A 457 12.68 -36.03 -2.83
N SER A 458 13.55 -36.87 -2.25
CA SER A 458 14.71 -37.38 -2.96
C SER A 458 14.32 -38.10 -4.24
N GLU A 459 13.11 -38.68 -4.28
CA GLU A 459 12.70 -39.40 -5.48
C GLU A 459 12.72 -38.51 -6.72
N ALA A 460 12.55 -37.20 -6.55
CA ALA A 460 12.58 -36.30 -7.70
C ALA A 460 13.95 -36.30 -8.35
N LEU A 461 15.02 -36.43 -7.56
CA LEU A 461 16.35 -36.57 -8.15
C LEU A 461 16.48 -37.91 -8.87
N HIS A 462 15.97 -38.97 -8.26
CA HIS A 462 16.01 -40.29 -8.89
C HIS A 462 15.31 -40.26 -10.25
N GLU A 463 14.11 -39.68 -10.29
CA GLU A 463 13.36 -39.63 -11.54
C GLU A 463 14.08 -38.77 -12.58
N ALA A 464 14.61 -37.62 -12.15
CA ALA A 464 15.35 -36.76 -13.07
C ALA A 464 16.54 -37.49 -13.68
N ALA A 465 17.24 -38.27 -12.86
CA ALA A 465 18.38 -39.04 -13.37
C ALA A 465 17.91 -40.07 -14.40
N LEU A 466 16.79 -40.74 -14.14
CA LEU A 466 16.25 -41.68 -15.11
C LEU A 466 15.83 -40.97 -16.38
N ALA A 467 15.30 -39.76 -16.25
CA ALA A 467 14.84 -39.01 -17.42
C ALA A 467 15.98 -38.64 -18.35
N VAL A 468 17.19 -38.49 -17.81
CA VAL A 468 18.36 -38.19 -18.64
C VAL A 468 18.41 -39.13 -19.84
N ASN A 469 18.16 -40.42 -19.60
CA ASN A 469 18.22 -41.44 -20.64
C ASN A 469 16.84 -41.94 -21.04
N GLY A 470 15.80 -41.15 -20.76
CA GLY A 470 14.49 -41.38 -21.33
C GLY A 470 13.66 -42.48 -20.71
N HIS A 471 13.90 -42.84 -19.45
CA HIS A 471 13.08 -43.89 -18.84
C HIS A 471 12.76 -43.57 -17.36
N ALA A 472 12.39 -42.34 -17.09
CA ALA A 472 11.71 -42.06 -15.83
C ALA A 472 10.40 -42.85 -15.80
N ILE A 473 10.02 -43.31 -14.60
CA ILE A 473 8.77 -44.05 -14.46
C ILE A 473 7.58 -43.09 -14.39
N HIS A 474 7.73 -41.98 -13.66
CA HIS A 474 6.58 -41.20 -13.22
C HIS A 474 6.34 -39.93 -14.00
N ILE A 475 6.98 -39.79 -15.15
CA ILE A 475 6.61 -38.76 -16.12
C ILE A 475 6.74 -39.38 -17.50
N ALA A 476 5.95 -38.86 -18.43
CA ALA A 476 6.09 -39.30 -19.82
C ALA A 476 7.50 -38.97 -20.31
N ASN A 477 8.05 -39.89 -21.10
CA ASN A 477 9.37 -39.68 -21.69
C ASN A 477 9.25 -39.42 -23.19
N SER B 5 -5.85 -59.95 -29.09
CA SER B 5 -6.54 -59.14 -28.10
C SER B 5 -6.36 -59.74 -26.70
N GLN B 6 -6.15 -61.06 -26.65
CA GLN B 6 -5.99 -61.78 -25.40
C GLN B 6 -4.55 -62.17 -25.11
N LYS B 7 -3.63 -61.91 -26.03
CA LYS B 7 -2.23 -62.31 -25.87
C LYS B 7 -1.39 -61.11 -25.43
N PHE B 8 -0.55 -61.33 -24.43
CA PHE B 8 0.36 -60.31 -23.93
C PHE B 8 1.73 -60.91 -23.65
N ASP B 9 2.78 -60.10 -23.83
CA ASP B 9 4.11 -60.53 -23.42
C ASP B 9 4.21 -60.59 -21.89
N VAL B 10 3.56 -59.64 -21.21
CA VAL B 10 3.62 -59.53 -19.76
C VAL B 10 2.21 -59.24 -19.27
N VAL B 11 1.74 -60.04 -18.31
CA VAL B 11 0.50 -59.77 -17.59
C VAL B 11 0.86 -59.56 -16.13
N VAL B 12 0.50 -58.39 -15.59
CA VAL B 12 0.78 -58.03 -14.21
C VAL B 12 -0.52 -58.12 -13.43
N ILE B 13 -0.50 -58.83 -12.31
CA ILE B 13 -1.66 -58.91 -11.42
C ILE B 13 -1.38 -57.97 -10.25
N GLY B 14 -2.12 -56.87 -10.19
CA GLY B 14 -1.98 -55.86 -9.15
C GLY B 14 -1.35 -54.59 -9.70
N ALA B 15 -1.84 -53.43 -9.25
CA ALA B 15 -1.35 -52.14 -9.71
C ALA B 15 -0.85 -51.27 -8.56
N GLY B 16 -0.27 -51.89 -7.54
CA GLY B 16 0.42 -51.18 -6.50
C GLY B 16 1.82 -50.79 -6.93
N PRO B 17 2.62 -50.27 -5.99
CA PRO B 17 4.01 -49.90 -6.31
C PRO B 17 4.78 -50.97 -7.07
N GLY B 18 4.56 -52.24 -6.75
CA GLY B 18 5.20 -53.30 -7.49
C GLY B 18 4.66 -53.40 -8.89
N GLY B 19 3.35 -53.66 -8.99
CA GLY B 19 2.76 -54.00 -10.27
C GLY B 19 2.73 -52.85 -11.27
N TYR B 20 2.35 -51.66 -10.82
CA TYR B 20 2.22 -50.56 -11.80
C TYR B 20 3.56 -50.12 -12.31
N VAL B 21 4.60 -50.15 -11.46
CA VAL B 21 5.94 -49.83 -11.93
C VAL B 21 6.46 -50.91 -12.86
N ALA B 22 6.26 -52.19 -12.51
CA ALA B 22 6.65 -53.27 -13.40
C ALA B 22 5.99 -53.13 -14.76
N ALA B 23 4.70 -52.78 -14.78
CA ALA B 23 3.98 -52.66 -16.03
C ALA B 23 4.54 -51.52 -16.89
N ILE B 24 4.79 -50.36 -16.26
CA ILE B 24 5.36 -49.24 -17.02
C ILE B 24 6.72 -49.62 -17.58
N ARG B 25 7.57 -50.20 -16.74
CA ARG B 25 8.92 -50.54 -17.20
C ARG B 25 8.87 -51.56 -18.33
N ALA B 26 8.01 -52.58 -18.19
CA ALA B 26 7.87 -53.57 -19.26
C ALA B 26 7.45 -52.90 -20.56
N ALA B 27 6.49 -51.98 -20.50
CA ALA B 27 6.04 -51.30 -21.70
C ALA B 27 7.15 -50.44 -22.29
N GLN B 28 7.92 -49.76 -21.43
CA GLN B 28 9.06 -48.98 -21.92
C GLN B 28 10.06 -49.85 -22.64
N LEU B 29 10.19 -51.10 -22.24
CA LEU B 29 11.14 -52.04 -22.85
C LEU B 29 10.58 -52.70 -24.10
N GLY B 30 9.40 -52.30 -24.57
CA GLY B 30 8.85 -52.82 -25.80
C GLY B 30 7.98 -54.05 -25.64
N LEU B 31 7.64 -54.43 -24.42
CA LEU B 31 6.84 -55.62 -24.16
C LEU B 31 5.36 -55.24 -24.15
N LYS B 32 4.53 -56.02 -24.85
CA LYS B 32 3.09 -55.79 -24.84
C LYS B 32 2.56 -56.21 -23.47
N THR B 33 2.07 -55.24 -22.71
CA THR B 33 1.87 -55.41 -21.28
C THR B 33 0.43 -55.10 -20.89
N ALA B 34 -0.12 -55.96 -20.03
CA ALA B 34 -1.42 -55.76 -19.41
C ALA B 34 -1.24 -55.71 -17.90
N CYS B 35 -2.10 -54.93 -17.23
CA CYS B 35 -2.10 -54.84 -15.78
C CYS B 35 -3.54 -54.95 -15.27
N ILE B 36 -3.77 -55.87 -14.35
CA ILE B 36 -5.09 -56.19 -13.82
C ILE B 36 -5.20 -55.63 -12.41
N GLU B 37 -6.29 -54.91 -12.12
CA GLU B 37 -6.51 -54.35 -10.80
C GLU B 37 -7.99 -54.39 -10.47
N LYS B 38 -8.31 -54.69 -9.21
CA LYS B 38 -9.70 -54.83 -8.78
C LYS B 38 -10.14 -53.81 -7.74
N TYR B 39 -9.23 -53.05 -7.15
CA TYR B 39 -9.58 -52.20 -6.01
C TYR B 39 -10.48 -51.05 -6.44
N ILE B 40 -11.58 -50.87 -5.72
CA ILE B 40 -12.56 -49.81 -5.98
C ILE B 40 -12.26 -48.62 -5.08
N GLY B 41 -12.01 -47.46 -5.68
CA GLY B 41 -11.71 -46.24 -4.95
C GLY B 41 -12.97 -45.51 -4.51
N LYS B 42 -12.76 -44.28 -4.04
CA LYS B 42 -13.84 -43.50 -3.43
C LYS B 42 -14.92 -43.10 -4.42
N GLU B 43 -14.62 -43.02 -5.71
CA GLU B 43 -15.60 -42.65 -6.72
C GLU B 43 -16.38 -43.84 -7.27
N GLY B 44 -16.18 -45.04 -6.74
CA GLY B 44 -16.87 -46.21 -7.24
C GLY B 44 -16.24 -46.83 -8.46
N LYS B 45 -15.11 -46.30 -8.93
CA LYS B 45 -14.36 -46.84 -10.05
C LYS B 45 -13.07 -47.45 -9.53
N VAL B 46 -12.48 -48.33 -10.35
CA VAL B 46 -11.18 -48.90 -10.02
C VAL B 46 -10.17 -47.78 -9.84
N ALA B 47 -9.38 -47.88 -8.77
CA ALA B 47 -8.30 -46.94 -8.49
C ALA B 47 -6.99 -47.72 -8.42
N LEU B 48 -6.01 -47.29 -9.20
CA LEU B 48 -4.69 -47.89 -9.22
C LEU B 48 -3.85 -47.33 -8.08
N GLY B 49 -2.65 -47.88 -7.92
CA GLY B 49 -1.70 -47.39 -6.94
C GLY B 49 -1.58 -48.24 -5.69
N GLY B 50 -2.45 -49.23 -5.51
CA GLY B 50 -2.30 -50.20 -4.44
C GLY B 50 -2.53 -49.64 -3.05
N THR B 51 -1.99 -50.37 -2.08
CA THR B 51 -2.08 -49.96 -0.68
C THR B 51 -1.41 -48.60 -0.49
N CYS B 52 -0.23 -48.45 -1.07
CA CYS B 52 0.60 -47.29 -0.80
C CYS B 52 -0.13 -46.00 -1.16
N LEU B 53 -0.75 -45.95 -2.34
CA LEU B 53 -1.37 -44.70 -2.76
C LEU B 53 -2.76 -44.50 -2.14
N ASN B 54 -3.52 -45.57 -1.96
CA ASN B 54 -4.92 -45.43 -1.59
C ASN B 54 -5.16 -45.44 -0.08
N VAL B 55 -4.44 -46.27 0.67
CA VAL B 55 -4.72 -46.44 2.09
C VAL B 55 -3.44 -46.58 2.90
N GLY B 56 -2.33 -46.10 2.34
CA GLY B 56 -1.03 -46.33 2.95
C GLY B 56 -0.10 -45.14 2.97
N CYS B 57 1.01 -45.24 2.23
CA CYS B 57 2.06 -44.22 2.25
C CYS B 57 1.50 -42.81 2.12
N ILE B 58 0.79 -42.55 1.04
CA ILE B 58 0.44 -41.19 0.66
C ILE B 58 -0.62 -40.64 1.62
N PRO B 59 -1.70 -41.35 1.89
CA PRO B 59 -2.69 -40.82 2.85
C PRO B 59 -2.09 -40.54 4.21
N SER B 60 -1.25 -41.44 4.72
CA SER B 60 -0.67 -41.23 6.04
CA SER B 60 -0.66 -41.24 6.04
C SER B 60 0.23 -40.01 6.05
N LYS B 61 1.08 -39.84 5.02
CA LYS B 61 1.95 -38.68 4.98
C LYS B 61 1.14 -37.39 4.85
N ALA B 62 0.02 -37.42 4.14
CA ALA B 62 -0.82 -36.22 4.04
C ALA B 62 -1.36 -35.81 5.40
N LEU B 63 -1.89 -36.77 6.17
CA LEU B 63 -2.41 -36.44 7.49
C LEU B 63 -1.28 -36.09 8.45
N LEU B 64 -0.11 -36.71 8.31
CA LEU B 64 1.01 -36.35 9.15
C LEU B 64 1.43 -34.91 8.89
N ASP B 65 1.47 -34.50 7.61
CA ASP B 65 1.89 -33.14 7.30
C ASP B 65 0.86 -32.12 7.79
N SER B 66 -0.42 -32.38 7.58
CA SER B 66 -1.44 -31.43 8.04
C SER B 66 -1.43 -31.33 9.56
N SER B 67 -1.41 -32.48 10.24
CA SER B 67 -1.44 -32.47 11.70
C SER B 67 -0.20 -31.83 12.29
N TYR B 68 0.96 -31.99 11.64
CA TYR B 68 2.15 -31.34 12.18
C TYR B 68 2.06 -29.82 12.02
N LYS B 69 1.54 -29.35 10.88
CA LYS B 69 1.41 -27.91 10.69
C LYS B 69 0.49 -27.29 11.72
N TYR B 70 -0.60 -27.97 12.06
CA TYR B 70 -1.46 -27.53 13.15
C TYR B 70 -0.70 -27.53 14.47
N HIS B 71 0.01 -28.61 14.76
CA HIS B 71 0.75 -28.71 16.01
C HIS B 71 1.76 -27.57 16.14
N GLU B 72 2.53 -27.31 15.08
CA GLU B 72 3.54 -26.26 15.17
C GLU B 72 2.89 -24.90 15.39
N ALA B 73 1.78 -24.63 14.71
CA ALA B 73 1.11 -23.35 14.89
C ALA B 73 0.59 -23.19 16.31
N LYS B 74 0.15 -24.28 16.94
CA LYS B 74 -0.42 -24.21 18.28
C LYS B 74 0.65 -24.16 19.37
N GLU B 75 1.80 -24.77 19.14
CA GLU B 75 2.77 -25.01 20.22
C GLU B 75 4.17 -24.46 19.94
N ALA B 76 4.47 -24.00 18.72
CA ALA B 76 5.84 -23.63 18.40
C ALA B 76 5.90 -22.40 17.49
N PHE B 77 4.94 -21.49 17.63
CA PHE B 77 4.94 -20.24 16.86
C PHE B 77 5.39 -19.04 17.68
N LYS B 78 5.13 -19.02 19.00
CA LYS B 78 5.40 -17.83 19.80
C LYS B 78 6.87 -17.44 19.75
N VAL B 79 7.77 -18.44 19.73
CA VAL B 79 9.20 -18.14 19.76
C VAL B 79 9.62 -17.32 18.56
N HIS B 80 8.91 -17.45 17.44
CA HIS B 80 9.19 -16.69 16.23
C HIS B 80 8.57 -15.30 16.25
N GLY B 81 7.81 -14.96 17.29
CA GLY B 81 7.03 -13.75 17.27
C GLY B 81 5.69 -13.89 16.59
N ILE B 82 5.29 -15.10 16.23
CA ILE B 82 4.05 -15.32 15.51
C ILE B 82 2.95 -15.56 16.53
N GLU B 83 1.91 -14.75 16.49
CA GLU B 83 0.76 -14.94 17.35
C GLU B 83 -0.38 -15.37 16.44
N ALA B 84 -0.91 -16.55 16.70
CA ALA B 84 -2.07 -17.06 15.98
C ALA B 84 -3.12 -17.33 17.04
N LYS B 85 -4.23 -16.58 16.97
CA LYS B 85 -5.31 -16.69 17.93
C LYS B 85 -6.29 -17.78 17.50
N GLY B 86 -6.66 -18.63 18.45
CA GLY B 86 -7.73 -19.59 18.21
C GLY B 86 -7.49 -20.48 17.01
N VAL B 87 -6.28 -20.99 16.84
CA VAL B 87 -6.00 -21.90 15.74
C VAL B 87 -6.79 -23.20 15.97
N THR B 88 -7.49 -23.63 14.94
CA THR B 88 -8.25 -24.87 14.98
C THR B 88 -8.01 -25.64 13.69
N ILE B 89 -8.31 -26.93 13.73
CA ILE B 89 -8.23 -27.77 12.55
C ILE B 89 -9.55 -28.51 12.41
N ASP B 90 -10.12 -28.48 11.21
CA ASP B 90 -11.36 -29.19 10.90
C ASP B 90 -11.02 -30.55 10.32
N VAL B 91 -11.34 -31.61 11.06
CA VAL B 91 -10.94 -32.96 10.63
C VAL B 91 -11.56 -33.35 9.30
N PRO B 92 -12.86 -33.15 9.05
CA PRO B 92 -13.38 -33.47 7.71
C PRO B 92 -12.63 -32.79 6.58
N ALA B 93 -12.29 -31.51 6.73
CA ALA B 93 -11.54 -30.81 5.69
C ALA B 93 -10.13 -31.39 5.54
N MET B 94 -9.48 -31.72 6.65
CA MET B 94 -8.15 -32.33 6.58
C MET B 94 -8.21 -33.65 5.81
N VAL B 95 -9.19 -34.48 6.14
CA VAL B 95 -9.32 -35.77 5.47
C VAL B 95 -9.70 -35.58 4.01
N ALA B 96 -10.51 -34.57 3.71
CA ALA B 96 -10.90 -34.32 2.33
C ALA B 96 -9.70 -33.92 1.47
N ARG B 97 -8.77 -33.14 2.03
CA ARG B 97 -7.56 -32.82 1.27
C ARG B 97 -6.82 -34.08 0.91
N LYS B 98 -6.66 -34.98 1.89
CA LYS B 98 -6.00 -36.25 1.63
C LYS B 98 -6.71 -37.03 0.53
N ALA B 99 -8.06 -37.06 0.59
CA ALA B 99 -8.81 -37.79 -0.42
C ALA B 99 -8.57 -37.20 -1.81
N ASN B 100 -8.49 -35.86 -1.90
CA ASN B 100 -8.26 -35.23 -3.20
CA ASN B 100 -8.26 -35.23 -3.19
C ASN B 100 -6.87 -35.57 -3.73
N ILE B 101 -5.88 -35.62 -2.84
CA ILE B 101 -4.53 -36.01 -3.26
C ILE B 101 -4.54 -37.43 -3.80
N VAL B 102 -5.20 -38.34 -3.09
CA VAL B 102 -5.30 -39.73 -3.55
C VAL B 102 -5.96 -39.79 -4.92
N LYS B 103 -7.06 -39.05 -5.11
CA LYS B 103 -7.74 -39.05 -6.39
C LYS B 103 -6.82 -38.59 -7.52
N ASN B 104 -6.06 -37.51 -7.28
CA ASN B 104 -5.19 -36.98 -8.30
C ASN B 104 -4.10 -37.98 -8.67
N LEU B 105 -3.46 -38.57 -7.67
CA LEU B 105 -2.34 -39.47 -7.95
C LEU B 105 -2.81 -40.78 -8.58
N THR B 106 -3.95 -41.33 -8.13
CA THR B 106 -4.43 -42.54 -8.76
C THR B 106 -4.77 -42.30 -10.22
N GLY B 107 -5.39 -41.15 -10.52
CA GLY B 107 -5.59 -40.78 -11.91
C GLY B 107 -4.28 -40.61 -12.66
N GLY B 108 -3.24 -40.12 -11.97
CA GLY B 108 -1.95 -39.97 -12.61
C GLY B 108 -1.36 -41.29 -13.08
N ILE B 109 -1.59 -42.36 -12.32
CA ILE B 109 -1.09 -43.67 -12.75
CA ILE B 109 -1.09 -43.67 -12.75
C ILE B 109 -1.79 -44.10 -14.04
N ALA B 110 -3.11 -43.87 -14.13
CA ALA B 110 -3.82 -44.20 -15.36
C ALA B 110 -3.27 -43.41 -16.53
N THR B 111 -2.92 -42.14 -16.29
CA THR B 111 -2.31 -41.32 -17.34
C THR B 111 -0.98 -41.91 -17.79
N LEU B 112 -0.17 -42.36 -16.83
CA LEU B 112 1.11 -42.98 -17.18
C LEU B 112 0.90 -44.28 -17.96
N PHE B 113 -0.07 -45.09 -17.54
CA PHE B 113 -0.36 -46.32 -18.28
C PHE B 113 -0.73 -45.99 -19.73
N LYS B 114 -1.60 -44.99 -19.91
CA LYS B 114 -2.01 -44.61 -21.26
C LYS B 114 -0.82 -44.14 -22.09
N ALA B 115 0.03 -43.30 -21.49
CA ALA B 115 1.17 -42.77 -22.23
C ALA B 115 2.15 -43.87 -22.62
N ASN B 116 2.27 -44.91 -21.81
CA ASN B 116 3.23 -45.98 -22.07
C ASN B 116 2.63 -47.16 -22.82
N GLY B 117 1.32 -47.16 -23.07
CA GLY B 117 0.68 -48.25 -23.80
C GLY B 117 0.37 -49.48 -22.98
N VAL B 118 0.24 -49.34 -21.66
CA VAL B 118 -0.19 -50.44 -20.81
C VAL B 118 -1.69 -50.61 -20.96
N THR B 119 -2.13 -51.84 -21.19
CA THR B 119 -3.56 -52.15 -21.26
C THR B 119 -4.05 -52.49 -19.86
N SER B 120 -5.07 -51.78 -19.40
CA SER B 120 -5.64 -52.01 -18.08
C SER B 120 -6.85 -52.93 -18.17
N PHE B 121 -6.92 -53.88 -17.25
CA PHE B 121 -8.11 -54.69 -17.05
C PHE B 121 -8.62 -54.42 -15.64
N GLU B 122 -9.94 -54.29 -15.53
CA GLU B 122 -10.59 -54.06 -14.24
C GLU B 122 -11.21 -55.37 -13.77
N GLY B 123 -10.77 -55.86 -12.63
CA GLY B 123 -11.30 -57.07 -12.06
C GLY B 123 -10.23 -57.86 -11.35
N HIS B 124 -10.61 -59.09 -11.02
CA HIS B 124 -9.77 -60.00 -10.25
C HIS B 124 -9.03 -60.96 -11.18
N GLY B 125 -7.70 -61.00 -11.04
CA GLY B 125 -6.87 -61.92 -11.80
C GLY B 125 -6.53 -63.17 -11.01
N LYS B 126 -6.59 -64.31 -11.69
CA LYS B 126 -6.23 -65.59 -11.10
C LYS B 126 -5.32 -66.33 -12.07
N LEU B 127 -4.16 -66.77 -11.56
CA LEU B 127 -3.19 -67.50 -12.38
C LEU B 127 -3.60 -68.97 -12.49
N LEU B 128 -3.78 -69.44 -13.71
CA LEU B 128 -4.02 -70.84 -14.01
C LEU B 128 -2.69 -71.50 -14.39
N ALA B 129 -2.76 -72.78 -14.72
CA ALA B 129 -1.57 -73.47 -15.21
C ALA B 129 -1.06 -72.81 -16.48
N ASN B 130 0.24 -72.90 -16.70
CA ASN B 130 0.84 -72.55 -17.99
C ASN B 130 0.61 -71.08 -18.37
N LYS B 131 0.66 -70.21 -17.37
CA LYS B 131 0.69 -68.76 -17.56
C LYS B 131 -0.59 -68.20 -18.17
N GLN B 132 -1.70 -68.91 -18.06
CA GLN B 132 -2.98 -68.33 -18.43
C GLN B 132 -3.53 -67.60 -17.21
N VAL B 133 -4.06 -66.40 -17.44
CA VAL B 133 -4.58 -65.57 -16.36
C VAL B 133 -6.06 -65.31 -16.61
N GLU B 134 -6.89 -65.77 -15.68
CA GLU B 134 -8.33 -65.57 -15.76
C GLU B 134 -8.66 -64.25 -15.08
N VAL B 135 -9.35 -63.37 -15.80
CA VAL B 135 -9.78 -62.07 -15.28
C VAL B 135 -11.30 -62.12 -15.11
N THR B 136 -11.75 -61.95 -13.87
CA THR B 136 -13.18 -61.81 -13.58
C THR B 136 -13.47 -60.31 -13.51
N GLY B 137 -14.23 -59.82 -14.48
CA GLY B 137 -14.51 -58.40 -14.56
C GLY B 137 -15.47 -57.96 -13.48
N LEU B 138 -15.71 -56.64 -13.44
CA LEU B 138 -16.60 -56.09 -12.42
C LEU B 138 -18.05 -56.50 -12.62
N ASP B 139 -18.40 -56.97 -13.81
CA ASP B 139 -19.73 -57.50 -14.07
C ASP B 139 -19.82 -59.01 -13.81
N GLY B 140 -18.76 -59.59 -13.26
CA GLY B 140 -18.72 -61.01 -12.94
C GLY B 140 -18.36 -61.93 -14.08
N LYS B 141 -18.17 -61.41 -15.29
CA LYS B 141 -17.83 -62.26 -16.43
C LYS B 141 -16.33 -62.52 -16.47
N THR B 142 -15.96 -63.69 -17.00
CA THR B 142 -14.56 -64.10 -17.04
C THR B 142 -14.05 -64.11 -18.46
N GLN B 143 -12.74 -63.83 -18.59
CA GLN B 143 -11.98 -64.03 -19.81
C GLN B 143 -10.59 -64.49 -19.41
N VAL B 144 -9.89 -65.12 -20.34
CA VAL B 144 -8.54 -65.64 -20.09
C VAL B 144 -7.56 -64.86 -20.94
N LEU B 145 -6.48 -64.39 -20.31
CA LEU B 145 -5.38 -63.75 -21.02
C LEU B 145 -4.25 -64.77 -21.16
N GLU B 146 -3.70 -64.85 -22.37
CA GLU B 146 -2.56 -65.72 -22.66
C GLU B 146 -1.28 -64.91 -22.50
N ALA B 147 -0.50 -65.23 -21.47
CA ALA B 147 0.68 -64.44 -21.11
C ALA B 147 1.95 -65.21 -21.40
N GLU B 148 2.92 -64.52 -22.00
CA GLU B 148 4.27 -65.08 -22.10
C GLU B 148 4.99 -65.02 -20.77
N ASN B 149 4.69 -64.02 -19.96
CA ASN B 149 5.26 -63.87 -18.62
C ASN B 149 4.18 -63.27 -17.73
N VAL B 150 4.17 -63.69 -16.46
CA VAL B 150 3.23 -63.19 -15.48
C VAL B 150 4.02 -62.60 -14.32
N ILE B 151 3.62 -61.41 -13.87
CA ILE B 151 4.21 -60.77 -12.70
C ILE B 151 3.12 -60.64 -11.67
N ILE B 152 3.25 -61.39 -10.58
CA ILE B 152 2.27 -61.37 -9.50
C ILE B 152 2.68 -60.29 -8.52
N ALA B 153 1.78 -59.34 -8.27
CA ALA B 153 2.06 -58.22 -7.38
C ALA B 153 0.81 -57.90 -6.56
N SER B 154 0.30 -58.92 -5.86
CA SER B 154 -0.98 -58.85 -5.18
C SER B 154 -0.91 -58.21 -3.80
N GLY B 155 0.29 -57.92 -3.29
CA GLY B 155 0.41 -57.06 -2.14
C GLY B 155 0.03 -57.72 -0.81
N SER B 156 -0.49 -56.89 0.10
CA SER B 156 -0.70 -57.28 1.48
C SER B 156 -1.98 -56.65 2.02
N ARG B 157 -2.32 -57.04 3.24
CA ARG B 157 -3.43 -56.44 3.98
C ARG B 157 -3.08 -56.50 5.45
N PRO B 158 -3.84 -55.79 6.30
CA PRO B 158 -3.52 -55.80 7.73
C PRO B 158 -3.71 -57.19 8.35
N VAL B 159 -2.84 -57.50 9.32
CA VAL B 159 -3.03 -58.68 10.15
C VAL B 159 -4.24 -58.47 11.05
N GLU B 160 -5.03 -59.53 11.23
CA GLU B 160 -6.16 -59.54 12.13
C GLU B 160 -5.83 -60.39 13.35
N ILE B 161 -6.32 -59.98 14.51
CA ILE B 161 -6.13 -60.75 15.74
C ILE B 161 -7.46 -60.97 16.44
N PRO B 162 -7.74 -62.16 16.94
CA PRO B 162 -9.05 -62.43 17.58
C PRO B 162 -9.32 -61.54 18.77
N PRO B 163 -8.30 -61.15 19.55
CA PRO B 163 -8.58 -60.26 20.70
C PRO B 163 -9.12 -58.89 20.32
N ALA B 164 -9.02 -58.48 19.06
CA ALA B 164 -9.43 -57.13 18.65
C ALA B 164 -9.94 -57.19 17.22
N PRO B 165 -11.09 -57.84 17.00
CA PRO B 165 -11.63 -57.90 15.65
C PRO B 165 -12.23 -56.56 15.24
N LEU B 166 -12.09 -56.23 13.96
CA LEU B 166 -12.68 -54.98 13.48
C LEU B 166 -14.17 -54.97 13.80
N THR B 167 -14.63 -53.89 14.41
CA THR B 167 -15.99 -53.80 14.93
C THR B 167 -16.56 -52.43 14.63
N ASP B 168 -17.66 -52.41 13.87
CA ASP B 168 -18.38 -51.18 13.54
C ASP B 168 -17.35 -50.14 13.10
N ASP B 169 -17.35 -48.92 13.66
CA ASP B 169 -16.28 -47.95 13.41
C ASP B 169 -15.46 -47.71 14.67
N ILE B 170 -15.48 -48.64 15.61
CA ILE B 170 -14.83 -48.49 16.91
C ILE B 170 -13.46 -49.15 16.94
N ILE B 171 -13.39 -50.40 16.47
CA ILE B 171 -12.11 -51.09 16.29
C ILE B 171 -11.84 -51.09 14.79
N VAL B 172 -10.72 -50.45 14.41
CA VAL B 172 -10.38 -50.25 13.01
C VAL B 172 -8.96 -50.70 12.77
N ASP B 173 -8.61 -50.87 11.50
CA ASP B 173 -7.21 -51.04 11.12
C ASP B 173 -6.70 -49.72 10.54
N SER B 174 -5.53 -49.77 9.91
CA SER B 174 -4.92 -48.54 9.40
C SER B 174 -5.82 -47.85 8.38
N THR B 175 -6.61 -48.61 7.62
CA THR B 175 -7.48 -47.99 6.63
C THR B 175 -8.54 -47.12 7.31
N GLY B 176 -9.19 -47.65 8.34
CA GLY B 176 -10.19 -46.85 9.06
C GLY B 176 -9.57 -45.69 9.82
N ALA B 177 -8.34 -45.86 10.30
CA ALA B 177 -7.66 -44.81 11.05
C ALA B 177 -7.38 -43.59 10.19
N LEU B 178 -7.34 -43.75 8.87
CA LEU B 178 -7.15 -42.64 7.95
C LEU B 178 -8.45 -41.99 7.53
N GLU B 179 -9.58 -42.40 8.13
CA GLU B 179 -10.90 -41.93 7.74
C GLU B 179 -11.71 -41.37 8.90
N PHE B 180 -11.13 -41.23 10.09
CA PHE B 180 -11.87 -40.62 11.20
C PHE B 180 -12.36 -39.24 10.76
N GLN B 181 -13.60 -38.92 11.11
CA GLN B 181 -14.17 -37.62 10.83
C GLN B 181 -14.16 -36.69 12.03
N ALA B 182 -13.66 -37.17 13.17
CA ALA B 182 -13.46 -36.35 14.35
C ALA B 182 -12.30 -36.94 15.12
N VAL B 183 -11.67 -36.11 15.94
CA VAL B 183 -10.55 -36.56 16.77
C VAL B 183 -11.09 -37.52 17.83
N PRO B 184 -10.63 -38.76 17.89
CA PRO B 184 -11.03 -39.61 19.02
C PRO B 184 -10.48 -39.00 20.31
N LYS B 185 -11.33 -38.95 21.34
CA LYS B 185 -10.91 -38.36 22.60
C LYS B 185 -9.87 -39.22 23.29
N LYS B 186 -10.12 -40.53 23.34
CA LYS B 186 -9.16 -41.50 23.87
C LYS B 186 -8.94 -42.53 22.77
N LEU B 187 -7.69 -42.65 22.35
CA LEU B 187 -7.34 -43.50 21.21
C LEU B 187 -6.37 -44.57 21.68
N GLY B 188 -6.70 -45.82 21.41
CA GLY B 188 -5.81 -46.94 21.66
C GLY B 188 -5.21 -47.42 20.35
N VAL B 189 -3.95 -47.84 20.41
CA VAL B 189 -3.26 -48.40 19.26
C VAL B 189 -2.60 -49.69 19.72
N ILE B 190 -2.85 -50.77 19.00
CA ILE B 190 -2.19 -52.05 19.28
C ILE B 190 -1.04 -52.17 18.28
N GLY B 191 0.19 -52.14 18.81
CA GLY B 191 1.37 -52.22 17.98
C GLY B 191 2.09 -50.88 17.90
N ALA B 192 3.33 -50.85 18.39
CA ALA B 192 4.18 -49.66 18.33
C ALA B 192 5.20 -49.76 17.20
N GLY B 193 4.79 -50.32 16.08
CA GLY B 193 5.58 -50.29 14.87
C GLY B 193 5.38 -49.00 14.10
N VAL B 194 5.90 -48.98 12.89
CA VAL B 194 5.89 -47.76 12.09
C VAL B 194 4.46 -47.25 11.92
N ILE B 195 3.54 -48.15 11.58
CA ILE B 195 2.17 -47.72 11.30
C ILE B 195 1.50 -47.20 12.56
N GLY B 196 1.64 -47.93 13.67
CA GLY B 196 1.05 -47.48 14.91
C GLY B 196 1.57 -46.14 15.37
N LEU B 197 2.88 -45.92 15.22
CA LEU B 197 3.47 -44.66 15.66
C LEU B 197 3.03 -43.51 14.77
N GLU B 198 2.97 -43.73 13.46
CA GLU B 198 2.54 -42.66 12.55
C GLU B 198 1.08 -42.29 12.80
N LEU B 199 0.20 -43.29 12.87
CA LEU B 199 -1.23 -43.01 13.07
C LEU B 199 -1.49 -42.42 14.44
N GLY B 200 -0.80 -42.94 15.48
CA GLY B 200 -0.92 -42.34 16.79
C GLY B 200 -0.48 -40.88 16.82
N SER B 201 0.58 -40.56 16.08
CA SER B 201 1.08 -39.19 16.04
C SER B 201 0.05 -38.25 15.43
N VAL B 202 -0.57 -38.66 14.31
CA VAL B 202 -1.57 -37.82 13.65
C VAL B 202 -2.61 -37.35 14.67
N TRP B 203 -3.22 -38.31 15.38
CA TRP B 203 -4.36 -37.97 16.20
C TRP B 203 -3.95 -37.36 17.54
N ALA B 204 -2.79 -37.73 18.07
CA ALA B 204 -2.29 -37.08 19.28
C ALA B 204 -2.09 -35.59 19.05
N ARG B 205 -1.55 -35.22 17.89
CA ARG B 205 -1.32 -33.81 17.58
C ARG B 205 -2.61 -33.02 17.63
N LEU B 206 -3.73 -33.64 17.27
CA LEU B 206 -5.01 -32.95 17.21
C LEU B 206 -5.80 -33.06 18.51
N GLY B 207 -5.22 -33.67 19.55
CA GLY B 207 -5.81 -33.65 20.87
C GLY B 207 -6.19 -35.01 21.43
N ALA B 208 -6.06 -36.10 20.68
CA ALA B 208 -6.39 -37.41 21.21
C ALA B 208 -5.40 -37.79 22.31
N GLU B 209 -5.91 -38.42 23.36
CA GLU B 209 -5.06 -39.01 24.39
C GLU B 209 -4.79 -40.46 23.98
N VAL B 210 -3.55 -40.74 23.60
CA VAL B 210 -3.19 -41.94 22.87
C VAL B 210 -2.38 -42.86 23.76
N THR B 211 -2.79 -44.12 23.83
CA THR B 211 -2.01 -45.18 24.45
C THR B 211 -1.67 -46.20 23.36
N VAL B 212 -0.39 -46.57 23.28
CA VAL B 212 0.07 -47.56 22.32
C VAL B 212 0.54 -48.77 23.11
N LEU B 213 -0.11 -49.92 22.88
CA LEU B 213 0.21 -51.15 23.59
C LEU B 213 1.05 -52.03 22.67
N GLU B 214 2.26 -52.33 23.10
CA GLU B 214 3.23 -53.06 22.30
C GLU B 214 3.69 -54.30 23.06
N ALA B 215 3.58 -55.46 22.40
CA ALA B 215 3.84 -56.73 23.08
C ALA B 215 5.31 -56.92 23.40
N LEU B 216 6.21 -56.45 22.53
CA LEU B 216 7.63 -56.67 22.73
C LEU B 216 8.19 -55.76 23.80
N ASP B 217 9.24 -56.24 24.48
CA ASP B 217 9.92 -55.41 25.48
C ASP B 217 10.77 -54.33 24.81
N LYS B 218 11.24 -54.57 23.58
CA LYS B 218 12.18 -53.68 22.90
C LYS B 218 11.45 -52.81 21.90
N PHE B 219 11.72 -51.51 21.95
CA PHE B 219 11.12 -50.54 21.04
C PHE B 219 11.94 -50.46 19.75
N LEU B 220 11.24 -50.43 18.62
CA LEU B 220 11.84 -50.34 17.29
C LEU B 220 13.11 -51.21 17.17
N PRO B 221 12.98 -52.53 17.35
CA PRO B 221 14.18 -53.37 17.38
C PRO B 221 14.99 -53.35 16.10
N ALA B 222 14.38 -53.03 14.95
CA ALA B 222 15.14 -52.96 13.70
C ALA B 222 15.95 -51.69 13.60
N ALA B 223 15.61 -50.66 14.36
CA ALA B 223 16.37 -49.42 14.32
C ALA B 223 17.60 -49.56 15.20
N ASP B 224 18.57 -48.68 14.98
CA ASP B 224 19.72 -48.62 15.86
C ASP B 224 19.26 -48.26 17.27
N GLU B 225 19.86 -48.93 18.26
CA GLU B 225 19.38 -48.81 19.63
C GLU B 225 19.44 -47.37 20.13
N GLN B 226 20.49 -46.63 19.77
CA GLN B 226 20.58 -45.25 20.22
C GLN B 226 19.48 -44.40 19.62
N ILE B 227 19.16 -44.63 18.34
CA ILE B 227 18.07 -43.92 17.68
C ILE B 227 16.74 -44.27 18.33
N ALA B 228 16.51 -45.56 18.57
CA ALA B 228 15.24 -45.99 19.13
C ALA B 228 15.03 -45.43 20.53
N LYS B 229 16.10 -45.34 21.33
CA LYS B 229 15.98 -44.79 22.66
C LYS B 229 15.57 -43.33 22.62
N GLU B 230 16.18 -42.53 21.74
CA GLU B 230 15.78 -41.13 21.61
C GLU B 230 14.35 -41.03 21.09
N ALA B 231 14.00 -41.88 20.12
CA ALA B 231 12.64 -41.87 19.58
C ALA B 231 11.61 -42.14 20.67
N LEU B 232 11.87 -43.13 21.52
CA LEU B 232 10.91 -43.46 22.57
C LEU B 232 10.74 -42.26 23.52
N LYS B 233 11.84 -41.63 23.89
CA LYS B 233 11.78 -40.48 24.79
C LYS B 233 10.98 -39.35 24.16
N VAL B 234 11.27 -39.04 22.89
CA VAL B 234 10.65 -37.88 22.25
C VAL B 234 9.18 -38.15 21.98
N LEU B 235 8.85 -39.34 21.48
CA LEU B 235 7.46 -39.65 21.15
C LEU B 235 6.60 -39.75 22.41
N THR B 236 7.17 -40.26 23.51
CA THR B 236 6.42 -40.29 24.76
C THR B 236 6.11 -38.88 25.23
N LYS B 237 7.07 -37.96 25.12
CA LYS B 237 6.84 -36.57 25.48
C LYS B 237 5.76 -35.93 24.61
N GLN B 238 5.64 -36.37 23.36
CA GLN B 238 4.63 -35.84 22.46
C GLN B 238 3.23 -36.37 22.74
N GLY B 239 3.08 -37.23 23.75
CA GLY B 239 1.78 -37.74 24.14
C GLY B 239 1.47 -39.15 23.67
N LEU B 240 2.42 -39.84 23.04
CA LEU B 240 2.22 -41.25 22.74
C LEU B 240 2.62 -42.04 23.97
N ASN B 241 1.61 -42.51 24.72
CA ASN B 241 1.85 -43.30 25.92
C ASN B 241 2.15 -44.72 25.46
N ILE B 242 3.42 -44.95 25.15
CA ILE B 242 3.86 -46.23 24.59
C ILE B 242 4.17 -47.18 25.73
N ARG B 243 3.43 -48.29 25.79
CA ARG B 243 3.55 -49.27 26.85
C ARG B 243 4.19 -50.50 26.26
N LEU B 244 5.44 -50.77 26.64
CA LEU B 244 6.16 -51.93 26.15
C LEU B 244 5.88 -53.14 27.03
N GLY B 245 6.08 -54.33 26.45
CA GLY B 245 5.77 -55.55 27.16
C GLY B 245 4.32 -55.67 27.55
N ALA B 246 3.42 -55.15 26.73
CA ALA B 246 1.99 -55.10 27.01
C ALA B 246 1.26 -55.81 25.88
N ARG B 247 0.74 -57.01 26.15
CA ARG B 247 0.10 -57.84 25.15
C ARG B 247 -1.41 -57.83 25.35
N VAL B 248 -2.13 -57.35 24.33
CA VAL B 248 -3.59 -57.34 24.36
C VAL B 248 -4.10 -58.77 24.25
N THR B 249 -5.02 -59.13 25.15
CA THR B 249 -5.62 -60.46 25.16
C THR B 249 -7.13 -60.46 24.93
N ALA B 250 -7.81 -59.33 25.07
CA ALA B 250 -9.26 -59.30 24.91
C ALA B 250 -9.72 -57.86 24.73
N SER B 251 -10.93 -57.72 24.18
CA SER B 251 -11.57 -56.42 24.05
C SER B 251 -13.09 -56.59 24.16
N GLU B 252 -13.75 -55.52 24.58
CA GLU B 252 -15.19 -55.50 24.78
C GLU B 252 -15.75 -54.15 24.36
N VAL B 253 -16.74 -54.14 23.47
CA VAL B 253 -17.36 -52.91 23.00
C VAL B 253 -18.70 -52.70 23.68
N LYS B 254 -18.88 -51.52 24.27
CA LYS B 254 -20.14 -51.15 24.92
C LYS B 254 -20.20 -49.64 25.05
N LYS B 255 -21.37 -49.07 24.77
CA LYS B 255 -21.61 -47.64 24.93
C LYS B 255 -20.65 -46.82 24.06
N LYS B 256 -20.44 -47.30 22.83
CA LYS B 256 -19.63 -46.58 21.84
C LYS B 256 -18.18 -46.42 22.32
N GLN B 257 -17.71 -47.36 23.13
CA GLN B 257 -16.33 -47.39 23.59
C GLN B 257 -15.87 -48.84 23.63
N VAL B 258 -14.54 -49.01 23.71
CA VAL B 258 -13.93 -50.33 23.72
C VAL B 258 -12.97 -50.42 24.89
N THR B 259 -13.14 -51.45 25.71
CA THR B 259 -12.25 -51.73 26.83
C THR B 259 -11.32 -52.86 26.44
N VAL B 260 -10.02 -52.60 26.53
CA VAL B 260 -8.99 -53.55 26.15
C VAL B 260 -8.39 -54.16 27.42
N THR B 261 -8.24 -55.47 27.43
CA THR B 261 -7.54 -56.17 28.50
C THR B 261 -6.15 -56.55 28.00
N PHE B 262 -5.13 -56.27 28.79
CA PHE B 262 -3.77 -56.61 28.39
C PHE B 262 -2.95 -56.99 29.60
N THR B 263 -1.89 -57.75 29.34
CA THR B 263 -0.97 -58.22 30.36
C THR B 263 0.34 -57.46 30.23
N ASP B 264 0.80 -56.85 31.31
CA ASP B 264 2.11 -56.24 31.36
C ASP B 264 2.88 -56.82 32.55
N ALA B 265 4.03 -56.20 32.86
CA ALA B 265 4.89 -56.72 33.93
C ALA B 265 4.14 -56.80 35.26
N ASN B 266 3.14 -55.95 35.47
CA ASN B 266 2.42 -55.91 36.74
C ASN B 266 1.11 -56.69 36.70
N GLY B 267 0.86 -57.47 35.66
CA GLY B 267 -0.31 -58.32 35.63
C GLY B 267 -1.38 -57.86 34.67
N GLU B 268 -2.63 -58.20 34.96
CA GLU B 268 -3.75 -57.90 34.08
C GLU B 268 -4.17 -56.45 34.24
N GLN B 269 -4.34 -55.77 33.10
CA GLN B 269 -4.71 -54.37 33.06
C GLN B 269 -5.91 -54.19 32.14
N LYS B 270 -6.62 -53.09 32.34
CA LYS B 270 -7.72 -52.71 31.47
C LYS B 270 -7.61 -51.23 31.16
N GLU B 271 -7.98 -50.86 29.94
CA GLU B 271 -8.03 -49.46 29.54
C GLU B 271 -9.13 -49.29 28.50
N THR B 272 -9.84 -48.17 28.58
CA THR B 272 -10.99 -47.91 27.73
C THR B 272 -10.67 -46.77 26.76
N PHE B 273 -11.14 -46.92 25.52
CA PHE B 273 -10.87 -45.98 24.46
C PHE B 273 -12.15 -45.72 23.68
N ASP B 274 -12.19 -44.58 22.99
CA ASP B 274 -13.29 -44.30 22.06
C ASP B 274 -13.06 -44.98 20.72
N LYS B 275 -11.80 -45.17 20.33
CA LYS B 275 -11.43 -45.84 19.11
C LYS B 275 -10.18 -46.65 19.37
N LEU B 276 -10.05 -47.78 18.65
CA LEU B 276 -8.91 -48.67 18.81
C LEU B 276 -8.39 -49.01 17.43
N ILE B 277 -7.12 -48.73 17.18
CA ILE B 277 -6.45 -49.04 15.92
C ILE B 277 -5.64 -50.30 16.13
N VAL B 278 -5.88 -51.30 15.28
CA VAL B 278 -5.11 -52.54 15.29
C VAL B 278 -4.02 -52.38 14.23
N ALA B 279 -2.77 -52.30 14.67
CA ALA B 279 -1.63 -52.08 13.78
C ALA B 279 -0.53 -53.10 14.12
N VAL B 280 -0.86 -54.38 13.96
CA VAL B 280 0.00 -55.46 14.42
C VAL B 280 0.67 -56.18 13.27
N GLY B 281 0.86 -55.49 12.15
CA GLY B 281 1.63 -56.00 11.04
C GLY B 281 0.77 -56.22 9.81
N ARG B 282 1.40 -56.75 8.77
CA ARG B 282 0.74 -56.98 7.51
C ARG B 282 1.10 -58.36 6.98
N ARG B 283 0.16 -58.92 6.23
CA ARG B 283 0.28 -60.27 5.72
C ARG B 283 0.08 -60.28 4.21
N PRO B 284 0.74 -61.21 3.51
CA PRO B 284 0.61 -61.25 2.05
C PRO B 284 -0.79 -61.70 1.62
N VAL B 285 -1.23 -61.17 0.48
CA VAL B 285 -2.56 -61.47 -0.07
C VAL B 285 -2.41 -62.44 -1.22
N THR B 286 -3.01 -63.63 -1.07
CA THR B 286 -3.06 -64.63 -2.14
C THR B 286 -4.49 -65.13 -2.33
N THR B 287 -5.48 -64.40 -1.82
CA THR B 287 -6.87 -64.85 -1.85
C THR B 287 -7.34 -65.05 -3.28
N ASP B 288 -7.68 -66.29 -3.61
CA ASP B 288 -8.19 -66.66 -4.93
C ASP B 288 -7.23 -66.26 -6.05
N LEU B 289 -5.94 -66.15 -5.73
CA LEU B 289 -4.95 -65.67 -6.67
C LEU B 289 -4.37 -66.78 -7.54
N LEU B 290 -4.26 -67.98 -6.99
CA LEU B 290 -3.56 -69.08 -7.67
C LEU B 290 -4.52 -70.25 -7.78
N ALA B 291 -4.76 -70.69 -9.00
CA ALA B 291 -5.48 -71.93 -9.21
C ALA B 291 -4.70 -73.10 -8.62
N ALA B 292 -5.42 -74.16 -8.28
CA ALA B 292 -4.80 -75.34 -7.69
C ALA B 292 -3.74 -75.93 -8.61
N ASP B 293 -3.84 -75.71 -9.92
CA ASP B 293 -2.89 -76.25 -10.88
C ASP B 293 -1.92 -75.19 -11.39
N SER B 294 -1.76 -74.07 -10.67
CA SER B 294 -0.88 -73.02 -11.16
C SER B 294 0.59 -73.41 -11.09
N GLY B 295 0.96 -74.27 -10.12
CA GLY B 295 2.34 -74.62 -9.92
C GLY B 295 3.11 -73.72 -8.98
N VAL B 296 2.52 -72.58 -8.60
CA VAL B 296 3.20 -71.61 -7.74
C VAL B 296 3.00 -72.02 -6.29
N THR B 297 4.07 -72.00 -5.52
CA THR B 297 4.05 -72.48 -4.15
C THR B 297 4.18 -71.32 -3.18
N LEU B 298 3.65 -71.53 -1.98
CA LEU B 298 3.73 -70.57 -0.89
C LEU B 298 4.64 -71.11 0.21
N ASP B 299 5.25 -70.20 0.97
CA ASP B 299 6.03 -70.62 2.12
C ASP B 299 5.10 -70.76 3.33
N GLU B 300 5.68 -71.16 4.46
CA GLU B 300 4.86 -71.46 5.64
C GLU B 300 4.17 -70.20 6.18
N ARG B 301 4.66 -69.02 5.85
CA ARG B 301 4.06 -67.78 6.30
C ARG B 301 3.07 -67.20 5.30
N GLY B 302 2.83 -67.88 4.18
CA GLY B 302 1.86 -67.44 3.20
C GLY B 302 2.42 -66.57 2.09
N PHE B 303 3.73 -66.32 2.06
CA PHE B 303 4.31 -65.58 0.96
C PHE B 303 4.55 -66.51 -0.24
N ILE B 304 4.52 -65.93 -1.43
CA ILE B 304 4.88 -66.68 -2.63
C ILE B 304 6.38 -66.90 -2.63
N TYR B 305 6.79 -68.13 -2.86
CA TYR B 305 8.21 -68.48 -2.84
C TYR B 305 8.88 -68.02 -4.14
N VAL B 306 9.93 -67.21 -4.00
CA VAL B 306 10.71 -66.74 -5.15
C VAL B 306 12.19 -66.81 -4.79
N ASP B 307 13.02 -66.81 -5.84
CA ASP B 307 14.47 -66.76 -5.68
C ASP B 307 14.94 -65.31 -5.60
N ASP B 308 16.26 -65.10 -5.70
CA ASP B 308 16.82 -63.76 -5.56
C ASP B 308 16.44 -62.84 -6.71
N HIS B 309 15.94 -63.39 -7.82
CA HIS B 309 15.46 -62.59 -8.94
C HIS B 309 13.94 -62.53 -9.01
N CYS B 310 13.25 -62.92 -7.94
CA CYS B 310 11.80 -62.88 -7.86
C CYS B 310 11.11 -63.86 -8.81
N LYS B 311 11.79 -64.92 -9.22
CA LYS B 311 11.17 -65.94 -10.05
C LYS B 311 10.54 -67.00 -9.16
N THR B 312 9.30 -67.37 -9.46
CA THR B 312 8.60 -68.42 -8.72
C THR B 312 9.09 -69.78 -9.18
N SER B 313 8.45 -70.83 -8.66
CA SER B 313 8.73 -72.20 -9.07
C SER B 313 8.31 -72.49 -10.50
N VAL B 314 7.61 -71.58 -11.16
CA VAL B 314 7.07 -71.79 -12.50
C VAL B 314 7.83 -70.89 -13.46
N PRO B 315 8.47 -71.44 -14.51
CA PRO B 315 9.14 -70.56 -15.47
C PRO B 315 8.20 -69.53 -16.07
N GLY B 316 8.71 -68.31 -16.23
CA GLY B 316 7.93 -67.23 -16.76
C GLY B 316 6.96 -66.59 -15.79
N VAL B 317 6.94 -67.04 -14.55
CA VAL B 317 6.07 -66.48 -13.52
C VAL B 317 6.93 -65.91 -12.41
N PHE B 318 6.73 -64.64 -12.12
CA PHE B 318 7.50 -63.89 -11.13
C PHE B 318 6.53 -63.31 -10.11
N ALA B 319 7.07 -63.00 -8.93
CA ALA B 319 6.27 -62.37 -7.89
C ALA B 319 7.14 -61.37 -7.15
N ILE B 320 6.56 -60.20 -6.85
CA ILE B 320 7.30 -59.04 -6.36
C ILE B 320 6.50 -58.38 -5.24
N GLY B 321 7.20 -57.52 -4.49
CA GLY B 321 6.53 -56.67 -3.53
C GLY B 321 6.16 -57.38 -2.24
N ASP B 322 5.07 -56.92 -1.63
CA ASP B 322 4.72 -57.39 -0.29
C ASP B 322 4.32 -58.86 -0.26
N VAL B 323 4.00 -59.46 -1.41
CA VAL B 323 3.59 -60.86 -1.44
C VAL B 323 4.77 -61.82 -1.41
N VAL B 324 6.01 -61.31 -1.46
CA VAL B 324 7.20 -62.16 -1.40
C VAL B 324 8.11 -61.69 -0.27
N ARG B 325 9.17 -62.48 -0.03
CA ARG B 325 10.10 -62.21 1.05
C ARG B 325 10.74 -60.83 0.89
N GLY B 326 11.23 -60.30 1.99
CA GLY B 326 11.97 -59.06 2.01
C GLY B 326 11.16 -57.95 2.67
N ALA B 327 11.79 -56.78 2.76
CA ALA B 327 11.18 -55.64 3.41
C ALA B 327 9.89 -55.26 2.70
N MET B 328 8.82 -55.12 3.47
CA MET B 328 7.50 -54.78 2.93
C MET B 328 7.41 -53.27 2.82
N LEU B 329 8.04 -52.74 1.78
CA LEU B 329 8.16 -51.31 1.55
C LEU B 329 7.87 -51.01 0.09
N ALA B 330 7.35 -49.81 -0.16
CA ALA B 330 6.94 -49.45 -1.51
C ALA B 330 8.12 -49.39 -2.47
N HIS B 331 9.24 -48.81 -2.04
CA HIS B 331 10.39 -48.70 -2.92
C HIS B 331 11.06 -50.05 -3.15
N LYS B 332 10.93 -50.98 -2.21
CA LYS B 332 11.38 -52.34 -2.44
C LYS B 332 10.53 -53.01 -3.53
N ALA B 333 9.21 -52.88 -3.42
CA ALA B 333 8.31 -53.47 -4.41
C ALA B 333 8.60 -52.92 -5.80
N SER B 334 8.74 -51.60 -5.93
CA SER B 334 8.92 -51.00 -7.24
C SER B 334 10.25 -51.41 -7.86
N GLU B 335 11.32 -51.45 -7.06
CA GLU B 335 12.60 -51.88 -7.60
C GLU B 335 12.57 -53.33 -8.05
N GLU B 336 11.84 -54.19 -7.32
CA GLU B 336 11.67 -55.56 -7.78
C GLU B 336 10.91 -55.59 -9.09
N GLY B 337 9.90 -54.74 -9.24
CA GLY B 337 9.17 -54.67 -10.49
C GLY B 337 10.07 -54.27 -11.66
N VAL B 338 10.95 -53.29 -11.45
CA VAL B 338 11.88 -52.88 -12.49
C VAL B 338 12.82 -54.02 -12.84
N MET B 339 13.37 -54.69 -11.82
CA MET B 339 14.30 -55.79 -12.06
C MET B 339 13.64 -56.87 -12.90
N VAL B 340 12.42 -57.27 -12.54
CA VAL B 340 11.76 -58.36 -13.24
C VAL B 340 11.50 -57.98 -14.69
N ALA B 341 11.00 -56.76 -14.92
CA ALA B 341 10.72 -56.33 -16.27
C ALA B 341 12.00 -56.32 -17.10
N GLU B 342 13.10 -55.81 -16.53
CA GLU B 342 14.35 -55.76 -17.26
C GLU B 342 14.86 -57.17 -17.56
N ARG B 343 14.69 -58.11 -16.63
CA ARG B 343 15.13 -59.47 -16.86
C ARG B 343 14.30 -60.16 -17.95
N ILE B 344 12.98 -59.89 -17.97
CA ILE B 344 12.15 -60.43 -19.05
C ILE B 344 12.64 -59.92 -20.40
N ALA B 345 13.07 -58.66 -20.45
CA ALA B 345 13.57 -58.06 -21.67
C ALA B 345 14.98 -58.49 -22.03
N GLY B 346 15.60 -59.36 -21.23
CA GLY B 346 16.89 -59.93 -21.56
C GLY B 346 18.08 -59.31 -20.85
N HIS B 347 17.86 -58.38 -19.92
CA HIS B 347 18.97 -57.75 -19.24
C HIS B 347 19.25 -58.49 -17.94
N LYS B 348 20.53 -58.70 -17.65
CA LYS B 348 20.94 -59.36 -16.41
C LYS B 348 21.00 -58.32 -15.28
N ALA B 349 19.87 -57.65 -15.09
CA ALA B 349 19.80 -56.60 -14.08
C ALA B 349 19.81 -57.22 -12.70
N GLN B 350 20.43 -56.53 -11.76
CA GLN B 350 20.58 -57.03 -10.41
C GLN B 350 19.92 -56.07 -9.44
N MET B 351 19.59 -56.61 -8.26
CA MET B 351 19.03 -55.80 -7.19
C MET B 351 19.85 -55.94 -5.92
N ASN B 352 20.14 -54.80 -5.31
CA ASN B 352 20.84 -54.73 -4.04
C ASN B 352 19.81 -54.58 -2.92
N TYR B 353 19.61 -55.65 -2.16
CA TYR B 353 18.73 -55.58 -1.00
C TYR B 353 19.41 -55.04 0.25
N ASP B 354 20.71 -54.74 0.17
CA ASP B 354 21.45 -54.30 1.35
C ASP B 354 21.35 -52.80 1.62
N LEU B 355 20.92 -52.01 0.63
CA LEU B 355 20.89 -50.56 0.77
C LEU B 355 19.47 -50.00 0.62
N ILE B 356 18.47 -50.78 0.99
CA ILE B 356 17.08 -50.32 0.99
C ILE B 356 16.88 -49.50 2.27
N PRO B 357 16.63 -48.20 2.19
CA PRO B 357 16.44 -47.42 3.41
C PRO B 357 15.06 -47.65 4.03
N SER B 358 14.98 -47.31 5.32
CA SER B 358 13.75 -47.33 6.07
C SER B 358 13.46 -45.93 6.57
N VAL B 359 12.19 -45.53 6.55
CA VAL B 359 11.77 -44.22 7.03
C VAL B 359 10.53 -44.38 7.90
N ILE B 360 10.52 -43.68 9.03
CA ILE B 360 9.36 -43.53 9.89
C ILE B 360 9.00 -42.05 9.89
N TYR B 361 7.78 -41.72 9.46
CA TYR B 361 7.43 -40.33 9.19
C TYR B 361 6.79 -39.64 10.39
N THR B 362 7.27 -39.97 11.58
CA THR B 362 7.01 -39.15 12.75
C THR B 362 7.71 -37.80 12.56
N HIS B 363 7.49 -36.90 13.51
CA HIS B 363 8.26 -35.66 13.60
C HIS B 363 8.77 -35.57 15.02
N PRO B 364 10.07 -35.77 15.27
CA PRO B 364 11.15 -35.92 14.28
C PRO B 364 11.06 -37.19 13.44
N GLU B 365 11.42 -37.05 12.18
CA GLU B 365 11.49 -38.17 11.26
C GLU B 365 12.64 -39.08 11.64
N ILE B 366 12.47 -40.38 11.39
CA ILE B 366 13.48 -41.40 11.68
C ILE B 366 13.78 -42.13 10.38
N ALA B 367 15.06 -42.32 10.08
CA ALA B 367 15.41 -43.03 8.86
C ALA B 367 16.78 -43.68 9.03
N TRP B 368 17.02 -44.74 8.26
CA TRP B 368 18.31 -45.39 8.31
C TRP B 368 18.53 -46.26 7.08
N VAL B 369 19.80 -46.57 6.83
CA VAL B 369 20.23 -47.47 5.77
C VAL B 369 21.42 -48.25 6.30
N GLY B 370 21.53 -49.51 5.90
CA GLY B 370 22.61 -50.33 6.38
C GLY B 370 22.34 -50.89 7.76
N LYS B 371 23.42 -51.24 8.45
CA LYS B 371 23.34 -52.04 9.66
C LYS B 371 23.40 -51.18 10.92
N THR B 372 22.73 -51.66 11.95
CA THR B 372 22.72 -51.01 13.26
C THR B 372 23.97 -51.41 14.04
N GLU B 373 24.24 -50.65 15.10
CA GLU B 373 25.37 -50.99 15.97
C GLU B 373 25.19 -52.37 16.59
N GLN B 374 23.97 -52.71 17.01
CA GLN B 374 23.77 -54.00 17.67
C GLN B 374 23.91 -55.15 16.68
N THR B 375 23.48 -54.97 15.43
CA THR B 375 23.68 -56.00 14.43
C THR B 375 25.17 -56.25 14.19
N LEU B 376 25.94 -55.17 14.06
CA LEU B 376 27.37 -55.32 13.81
C LEU B 376 28.09 -55.94 15.01
N LYS B 377 27.63 -55.64 16.23
CA LYS B 377 28.20 -56.30 17.40
C LYS B 377 27.91 -57.80 17.38
N ALA B 378 26.68 -58.17 17.03
CA ALA B 378 26.34 -59.59 16.95
C ALA B 378 27.14 -60.30 15.86
N GLU B 379 27.50 -59.58 14.79
CA GLU B 379 28.30 -60.15 13.72
C GLU B 379 29.80 -60.13 14.02
N GLY B 380 30.21 -59.52 15.14
CA GLY B 380 31.61 -59.48 15.49
C GLY B 380 32.45 -58.50 14.71
N VAL B 381 31.84 -57.48 14.11
CA VAL B 381 32.56 -56.49 13.32
C VAL B 381 32.91 -55.32 14.23
N GLU B 382 34.20 -55.06 14.40
CA GLU B 382 34.62 -53.89 15.16
C GLU B 382 34.37 -52.63 14.34
N VAL B 383 33.79 -51.62 14.97
CA VAL B 383 33.37 -50.42 14.26
C VAL B 383 33.84 -49.17 14.99
N ASN B 384 33.89 -48.08 14.25
CA ASN B 384 33.99 -46.74 14.80
C ASN B 384 32.67 -46.03 14.52
N VAL B 385 32.20 -45.28 15.51
CA VAL B 385 30.91 -44.60 15.45
C VAL B 385 31.15 -43.10 15.59
N GLY B 386 30.47 -42.33 14.76
CA GLY B 386 30.45 -40.89 14.91
C GLY B 386 29.03 -40.38 14.92
N THR B 387 28.75 -39.44 15.81
CA THR B 387 27.43 -38.81 15.88
C THR B 387 27.58 -37.29 15.93
N PHE B 388 26.50 -36.61 15.52
CA PHE B 388 26.42 -35.17 15.60
C PHE B 388 24.97 -34.83 15.92
N PRO B 389 24.73 -34.01 16.96
CA PRO B 389 23.34 -33.68 17.32
C PRO B 389 22.88 -32.43 16.59
N PHE B 390 21.59 -32.42 16.24
CA PHE B 390 21.02 -31.24 15.60
C PHE B 390 21.01 -30.03 16.53
N ALA B 391 21.17 -30.24 17.84
CA ALA B 391 21.34 -29.13 18.78
C ALA B 391 22.56 -28.29 18.46
N ALA B 392 23.52 -28.83 17.71
CA ALA B 392 24.72 -28.12 17.31
C ALA B 392 24.67 -27.65 15.86
N SER B 393 23.54 -27.78 15.19
CA SER B 393 23.38 -27.40 13.79
C SER B 393 22.80 -25.99 13.71
N GLY B 394 23.56 -25.07 13.11
CA GLY B 394 23.04 -23.73 12.91
C GLY B 394 21.77 -23.70 12.07
N ARG B 395 21.71 -24.53 11.03
CA ARG B 395 20.50 -24.58 10.21
C ARG B 395 19.30 -25.03 11.04
N ALA B 396 19.50 -26.06 11.87
CA ALA B 396 18.40 -26.56 12.70
C ALA B 396 17.97 -25.53 13.73
N MET B 397 18.92 -24.76 14.28
CA MET B 397 18.57 -23.71 15.22
C MET B 397 17.70 -22.66 14.54
N ALA B 398 18.10 -22.21 13.35
CA ALA B 398 17.27 -21.28 12.61
C ALA B 398 15.88 -21.86 12.37
N ALA B 399 15.79 -23.16 12.13
CA ALA B 399 14.50 -23.80 11.89
C ALA B 399 13.70 -24.04 13.17
N ASN B 400 14.26 -23.75 14.34
CA ASN B 400 13.61 -24.04 15.61
C ASN B 400 13.30 -25.52 15.75
N ASP B 401 14.20 -26.39 15.27
CA ASP B 401 13.93 -27.83 15.25
C ASP B 401 15.27 -28.55 15.45
N THR B 402 15.66 -28.70 16.72
CA THR B 402 16.99 -29.16 17.06
C THR B 402 17.00 -30.55 17.71
N THR B 403 15.87 -31.24 17.75
CA THR B 403 15.85 -32.58 18.31
C THR B 403 16.56 -33.57 17.38
N GLY B 404 17.35 -34.46 17.98
CA GLY B 404 17.82 -35.64 17.27
C GLY B 404 19.31 -35.60 16.97
N LEU B 405 19.74 -36.54 16.13
CA LEU B 405 21.14 -36.71 15.83
C LEU B 405 21.30 -37.49 14.53
N VAL B 406 22.51 -37.42 13.98
CA VAL B 406 22.96 -38.28 12.88
C VAL B 406 24.02 -39.21 13.43
N LYS B 407 23.96 -40.47 13.01
CA LYS B 407 24.93 -41.49 13.41
C LYS B 407 25.50 -42.17 12.18
N VAL B 408 26.83 -42.20 12.07
CA VAL B 408 27.54 -42.92 11.01
C VAL B 408 28.35 -44.03 11.67
N ILE B 409 28.25 -45.23 11.12
CA ILE B 409 28.99 -46.39 11.60
C ILE B 409 29.92 -46.85 10.49
N ALA B 410 31.21 -47.02 10.82
CA ALA B 410 32.19 -47.44 9.84
C ALA B 410 33.00 -48.61 10.37
N ASP B 411 33.45 -49.46 9.45
CA ASP B 411 34.34 -50.54 9.80
C ASP B 411 35.63 -49.98 10.39
N ALA B 412 36.03 -50.52 11.55
CA ALA B 412 37.19 -49.98 12.25
C ALA B 412 38.48 -50.22 11.48
N LYS B 413 38.51 -51.25 10.62
CA LYS B 413 39.73 -51.59 9.89
C LYS B 413 39.82 -50.89 8.54
N THR B 414 38.70 -50.84 7.80
CA THR B 414 38.69 -50.30 6.44
C THR B 414 38.11 -48.91 6.35
N ASP B 415 37.42 -48.43 7.38
CA ASP B 415 36.73 -47.14 7.39
C ASP B 415 35.51 -47.13 6.47
N ARG B 416 35.12 -48.28 5.91
CA ARG B 416 33.94 -48.34 5.06
C ARG B 416 32.69 -48.04 5.89
N VAL B 417 31.84 -47.15 5.38
CA VAL B 417 30.58 -46.86 6.05
C VAL B 417 29.66 -48.08 5.96
N LEU B 418 29.17 -48.53 7.11
CA LEU B 418 28.32 -49.71 7.19
C LEU B 418 26.88 -49.39 7.54
N GLY B 419 26.61 -48.20 8.04
CA GLY B 419 25.25 -47.79 8.38
C GLY B 419 25.17 -46.31 8.65
N VAL B 420 24.03 -45.72 8.31
CA VAL B 420 23.74 -44.32 8.58
C VAL B 420 22.35 -44.27 9.18
N HIS B 421 22.21 -43.59 10.32
CA HIS B 421 20.98 -43.59 11.10
C HIS B 421 20.70 -42.17 11.55
N VAL B 422 19.47 -41.70 11.35
CA VAL B 422 19.12 -40.32 11.65
C VAL B 422 17.76 -40.27 12.33
N ILE B 423 17.68 -39.47 13.39
CA ILE B 423 16.40 -38.99 13.92
C ILE B 423 16.50 -37.48 13.97
N GLY B 424 15.62 -36.80 13.25
CA GLY B 424 15.66 -35.36 13.18
C GLY B 424 15.16 -34.83 11.85
N PRO B 425 15.32 -33.53 11.63
CA PRO B 425 14.75 -32.92 10.42
C PRO B 425 15.43 -33.44 9.16
N SER B 426 14.59 -33.73 8.17
CA SER B 426 15.05 -34.24 6.86
C SER B 426 15.85 -35.53 6.99
N ALA B 427 15.48 -36.37 7.97
CA ALA B 427 16.19 -37.61 8.19
C ALA B 427 16.30 -38.46 6.91
N ALA B 428 15.20 -38.58 6.16
CA ALA B 428 15.21 -39.44 4.99
C ALA B 428 16.16 -38.90 3.92
N GLU B 429 16.22 -37.58 3.76
CA GLU B 429 17.11 -37.00 2.75
C GLU B 429 18.58 -37.19 3.14
N LEU B 430 18.90 -37.07 4.43
CA LEU B 430 20.28 -37.29 4.87
C LEU B 430 20.66 -38.76 4.74
N VAL B 431 19.71 -39.65 5.05
CA VAL B 431 19.98 -41.09 4.88
C VAL B 431 20.21 -41.41 3.40
N GLN B 432 19.47 -40.76 2.50
CA GLN B 432 19.67 -41.02 1.08
C GLN B 432 21.06 -40.56 0.64
N GLN B 433 21.55 -39.46 1.22
CA GLN B 433 22.94 -39.05 0.98
C GLN B 433 23.90 -40.16 1.38
N GLY B 434 23.68 -40.74 2.57
CA GLY B 434 24.50 -41.86 3.01
C GLY B 434 24.38 -43.05 2.08
N ALA B 435 23.16 -43.37 1.65
CA ALA B 435 22.94 -44.52 0.79
C ALA B 435 23.65 -44.37 -0.54
N ILE B 436 23.63 -43.16 -1.11
CA ILE B 436 24.35 -42.89 -2.36
C ILE B 436 25.84 -43.14 -2.17
N GLY B 437 26.40 -42.60 -1.08
CA GLY B 437 27.79 -42.87 -0.78
C GLY B 437 28.08 -44.35 -0.62
N MET B 438 27.22 -45.07 0.09
CA MET B 438 27.44 -46.50 0.32
C MET B 438 27.38 -47.29 -0.99
N GLU B 439 26.53 -46.88 -1.93
CA GLU B 439 26.51 -47.55 -3.23
C GLU B 439 27.89 -47.53 -3.89
N PHE B 440 28.65 -46.46 -3.69
CA PHE B 440 29.98 -46.32 -4.25
C PHE B 440 31.07 -46.80 -3.29
N GLY B 441 30.69 -47.41 -2.17
CA GLY B 441 31.67 -47.93 -1.24
C GLY B 441 32.34 -46.87 -0.39
N THR B 442 31.64 -45.80 -0.05
CA THR B 442 32.26 -44.67 0.62
C THR B 442 32.87 -45.08 1.95
N SER B 443 34.00 -44.47 2.28
CA SER B 443 34.51 -44.49 3.63
C SER B 443 33.96 -43.28 4.39
N ALA B 444 34.15 -43.28 5.71
CA ALA B 444 33.80 -42.12 6.50
C ALA B 444 34.64 -40.91 6.11
N GLU B 445 35.94 -41.13 5.89
CA GLU B 445 36.80 -40.02 5.48
C GLU B 445 36.40 -39.48 4.11
N ASP B 446 35.92 -40.35 3.21
CA ASP B 446 35.42 -39.87 1.92
C ASP B 446 34.37 -38.80 2.13
N LEU B 447 33.37 -39.09 2.97
CA LEU B 447 32.33 -38.10 3.23
C LEU B 447 32.90 -36.86 3.89
N GLY B 448 33.86 -37.03 4.80
CA GLY B 448 34.46 -35.90 5.48
C GLY B 448 35.19 -34.94 4.55
N MET B 449 35.73 -35.45 3.45
CA MET B 449 36.51 -34.63 2.53
C MET B 449 35.65 -33.82 1.58
N MET B 450 34.35 -34.03 1.57
CA MET B 450 33.49 -33.36 0.62
C MET B 450 33.07 -32.00 1.15
N VAL B 451 32.72 -31.11 0.23
CA VAL B 451 32.21 -29.79 0.56
C VAL B 451 30.69 -29.90 0.75
N PHE B 452 30.23 -29.63 1.97
CA PHE B 452 28.82 -29.58 2.29
C PHE B 452 28.39 -28.14 2.46
N SER B 453 27.29 -27.76 1.81
CA SER B 453 26.81 -26.39 1.87
C SER B 453 26.51 -25.98 3.31
N HIS B 454 26.81 -24.73 3.62
CA HIS B 454 26.49 -24.15 4.91
C HIS B 454 25.59 -22.94 4.71
N PRO B 455 24.51 -22.78 5.49
CA PRO B 455 24.01 -23.70 6.52
C PRO B 455 22.99 -24.66 5.92
N THR B 456 23.20 -25.96 6.13
CA THR B 456 22.21 -26.95 5.72
C THR B 456 22.15 -28.07 6.75
N LEU B 457 21.02 -28.75 6.78
CA LEU B 457 20.91 -29.92 7.65
C LEU B 457 21.91 -31.00 7.24
N SER B 458 22.28 -31.05 5.96
CA SER B 458 23.24 -32.05 5.49
C SER B 458 24.56 -31.97 6.24
N GLU B 459 24.93 -30.79 6.75
CA GLU B 459 26.18 -30.66 7.48
C GLU B 459 26.24 -31.60 8.68
N ALA B 460 25.08 -31.98 9.23
CA ALA B 460 25.09 -32.90 10.36
C ALA B 460 25.64 -34.27 9.95
N LEU B 461 25.38 -34.70 8.72
CA LEU B 461 25.98 -35.93 8.22
C LEU B 461 27.48 -35.76 8.03
N HIS B 462 27.89 -34.62 7.49
CA HIS B 462 29.31 -34.34 7.31
C HIS B 462 30.04 -34.40 8.64
N GLU B 463 29.51 -33.73 9.67
CA GLU B 463 30.17 -33.72 10.97
C GLU B 463 30.19 -35.12 11.58
N ALA B 464 29.09 -35.87 11.47
CA ALA B 464 29.06 -37.22 12.01
C ALA B 464 30.11 -38.09 11.34
N ALA B 465 30.28 -37.94 10.01
CA ALA B 465 31.30 -38.71 9.31
C ALA B 465 32.70 -38.34 9.80
N LEU B 466 32.96 -37.05 10.01
CA LEU B 466 34.25 -36.63 10.56
C LEU B 466 34.44 -37.18 11.97
N ALA B 467 33.35 -37.25 12.74
CA ALA B 467 33.44 -37.72 14.12
C ALA B 467 33.85 -39.18 14.19
N VAL B 468 33.52 -39.97 13.16
CA VAL B 468 33.94 -41.38 13.13
C VAL B 468 35.40 -41.51 13.48
N ASN B 469 36.23 -40.64 12.90
CA ASN B 469 37.68 -40.70 13.08
C ASN B 469 38.19 -39.57 13.98
N GLY B 470 37.30 -38.99 14.79
CA GLY B 470 37.71 -38.13 15.87
C GLY B 470 38.11 -36.72 15.50
N HIS B 471 37.64 -36.18 14.38
CA HIS B 471 38.00 -34.81 14.03
C HIS B 471 36.83 -34.06 13.42
N ALA B 472 35.65 -34.19 14.03
CA ALA B 472 34.58 -33.22 13.78
C ALA B 472 35.05 -31.84 14.25
N ILE B 473 34.62 -30.81 13.53
CA ILE B 473 34.98 -29.45 13.91
C ILE B 473 34.09 -28.91 15.02
N HIS B 474 32.80 -29.20 14.96
CA HIS B 474 31.82 -28.46 15.75
C HIS B 474 31.30 -29.22 16.95
N ILE B 475 31.95 -30.31 17.35
CA ILE B 475 31.71 -30.95 18.62
C ILE B 475 33.03 -31.49 19.16
N ALA B 476 33.10 -31.63 20.48
CA ALA B 476 34.23 -32.29 21.09
C ALA B 476 34.33 -33.73 20.55
N ASN B 477 35.55 -34.18 20.36
CA ASN B 477 35.78 -35.54 19.85
C ASN B 477 36.31 -36.44 20.95
N SER C 5 -10.65 -11.49 19.50
CA SER C 5 -9.82 -12.32 18.64
C SER C 5 -9.21 -11.48 17.52
N GLN C 6 -10.08 -10.77 16.78
CA GLN C 6 -9.62 -10.00 15.63
C GLN C 6 -8.66 -8.90 16.06
N LYS C 7 -7.50 -8.87 15.41
CA LYS C 7 -6.46 -7.87 15.69
C LYS C 7 -6.45 -6.82 14.60
N PHE C 8 -6.32 -5.56 15.00
CA PHE C 8 -6.24 -4.45 14.06
C PHE C 8 -5.06 -3.57 14.43
N ASP C 9 -4.47 -2.94 13.40
CA ASP C 9 -3.43 -1.95 13.67
C ASP C 9 -4.03 -0.72 14.32
N VAL C 10 -5.24 -0.35 13.91
CA VAL C 10 -5.92 0.84 14.41
C VAL C 10 -7.38 0.51 14.63
N VAL C 11 -7.89 0.79 15.83
CA VAL C 11 -9.31 0.74 16.11
C VAL C 11 -9.76 2.15 16.45
N VAL C 12 -10.74 2.65 15.69
CA VAL C 12 -11.28 3.99 15.86
C VAL C 12 -12.65 3.87 16.50
N ILE C 13 -12.88 4.62 17.58
CA ILE C 13 -14.18 4.68 18.23
C ILE C 13 -14.86 5.98 17.79
N GLY C 14 -15.90 5.85 16.99
CA GLY C 14 -16.65 7.00 16.48
C GLY C 14 -16.37 7.21 15.00
N ALA C 15 -17.42 7.57 14.27
CA ALA C 15 -17.35 7.77 12.83
C ALA C 15 -17.79 9.17 12.41
N GLY C 16 -17.54 10.17 13.26
CA GLY C 16 -17.71 11.55 12.88
C GLY C 16 -16.53 12.02 12.05
N PRO C 17 -16.48 13.32 11.76
CA PRO C 17 -15.36 13.86 10.98
C PRO C 17 -13.99 13.44 11.49
N GLY C 18 -13.82 13.34 12.81
CA GLY C 18 -12.55 12.89 13.35
C GLY C 18 -12.31 11.43 13.03
N GLY C 19 -13.22 10.56 13.48
CA GLY C 19 -12.98 9.14 13.39
C GLY C 19 -12.99 8.60 11.97
N TYR C 20 -13.95 9.04 11.15
CA TYR C 20 -14.04 8.44 9.82
C TYR C 20 -12.90 8.89 8.92
N VAL C 21 -12.43 10.13 9.06
CA VAL C 21 -11.27 10.57 8.30
C VAL C 21 -10.01 9.88 8.83
N ALA C 22 -9.87 9.79 10.15
CA ALA C 22 -8.73 9.05 10.71
C ALA C 22 -8.69 7.63 10.18
N ALA C 23 -9.85 6.97 10.11
CA ALA C 23 -9.90 5.59 9.65
C ALA C 23 -9.48 5.48 8.18
N ILE C 24 -9.97 6.39 7.34
CA ILE C 24 -9.58 6.38 5.92
C ILE C 24 -8.08 6.64 5.78
N ARG C 25 -7.57 7.66 6.49
CA ARG C 25 -6.14 7.97 6.38
C ARG C 25 -5.28 6.82 6.88
N ALA C 26 -5.66 6.22 8.02
CA ALA C 26 -4.90 5.07 8.52
C ALA C 26 -4.88 3.96 7.49
N ALA C 27 -6.02 3.70 6.86
CA ALA C 27 -6.08 2.66 5.84
C ALA C 27 -5.20 3.02 4.64
N GLN C 28 -5.21 4.31 4.26
CA GLN C 28 -4.36 4.74 3.15
C GLN C 28 -2.89 4.50 3.44
N LEU C 29 -2.49 4.54 4.71
CA LEU C 29 -1.11 4.31 5.09
C LEU C 29 -0.77 2.84 5.26
N GLY C 30 -1.70 1.94 4.92
CA GLY C 30 -1.44 0.53 5.01
C GLY C 30 -1.77 -0.11 6.33
N LEU C 31 -2.46 0.60 7.22
CA LEU C 31 -2.78 0.09 8.55
C LEU C 31 -4.12 -0.63 8.51
N LYS C 32 -4.18 -1.82 9.11
CA LYS C 32 -5.42 -2.59 9.21
C LYS C 32 -6.35 -1.90 10.21
N THR C 33 -7.47 -1.38 9.73
CA THR C 33 -8.25 -0.40 10.49
C THR C 33 -9.70 -0.82 10.66
N ALA C 34 -10.21 -0.63 11.89
CA ALA C 34 -11.62 -0.82 12.22
C ALA C 34 -12.20 0.50 12.73
N CYS C 35 -13.49 0.70 12.48
CA CYS C 35 -14.19 1.89 12.97
C CYS C 35 -15.53 1.48 13.58
N ILE C 36 -15.76 1.88 14.83
CA ILE C 36 -16.94 1.49 15.60
C ILE C 36 -17.87 2.70 15.70
N GLU C 37 -19.17 2.49 15.44
CA GLU C 37 -20.16 3.55 15.53
C GLU C 37 -21.47 3.00 16.04
N LYS C 38 -22.15 3.78 16.89
CA LYS C 38 -23.39 3.36 17.54
C LYS C 38 -24.62 4.16 17.14
N TYR C 39 -24.46 5.30 16.48
CA TYR C 39 -25.58 6.21 16.25
C TYR C 39 -26.59 5.61 15.27
N ILE C 40 -27.86 5.64 15.66
CA ILE C 40 -28.96 5.16 14.82
C ILE C 40 -29.58 6.35 14.11
N GLY C 41 -29.55 6.32 12.77
CA GLY C 41 -30.08 7.39 11.95
C GLY C 41 -31.57 7.24 11.68
N LYS C 42 -32.04 8.04 10.71
CA LYS C 42 -33.47 8.13 10.43
C LYS C 42 -34.06 6.83 9.89
N GLU C 43 -33.25 5.97 9.26
CA GLU C 43 -33.75 4.71 8.72
C GLU C 43 -33.77 3.59 9.76
N GLY C 44 -33.40 3.86 11.01
CA GLY C 44 -33.34 2.83 12.02
C GLY C 44 -32.08 2.01 11.98
N LYS C 45 -31.14 2.33 11.09
CA LYS C 45 -29.85 1.68 10.99
C LYS C 45 -28.75 2.64 11.44
N VAL C 46 -27.59 2.07 11.77
CA VAL C 46 -26.44 2.90 12.11
C VAL C 46 -26.10 3.82 10.96
N ALA C 47 -25.87 5.09 11.27
CA ALA C 47 -25.51 6.11 10.30
C ALA C 47 -24.17 6.72 10.68
N LEU C 48 -23.23 6.74 9.72
CA LEU C 48 -21.93 7.33 9.93
C LEU C 48 -21.98 8.84 9.70
N GLY C 49 -20.85 9.50 9.99
CA GLY C 49 -20.71 10.92 9.75
C GLY C 49 -20.83 11.80 10.98
N GLY C 50 -21.25 11.25 12.11
CA GLY C 50 -21.22 11.97 13.36
C GLY C 50 -22.18 13.15 13.46
N THR C 51 -21.85 14.05 14.38
CA THR C 51 -22.66 15.24 14.58
C THR C 51 -22.71 16.07 13.31
N CYS C 52 -21.56 16.26 12.69
CA CYS C 52 -21.44 17.18 11.57
C CYS C 52 -22.38 16.80 10.43
N LEU C 53 -22.41 15.53 10.05
CA LEU C 53 -23.21 15.16 8.90
C LEU C 53 -24.68 15.00 9.27
N ASN C 54 -24.98 14.48 10.46
CA ASN C 54 -26.35 14.08 10.75
C ASN C 54 -27.18 15.20 11.38
N VAL C 55 -26.58 16.00 12.26
CA VAL C 55 -27.36 16.98 13.05
C VAL C 55 -26.58 18.27 13.21
N GLY C 56 -25.61 18.53 12.32
CA GLY C 56 -24.73 19.66 12.51
C GLY C 56 -24.43 20.43 11.25
N CYS C 57 -23.16 20.39 10.82
CA CYS C 57 -22.67 21.18 9.69
C CYS C 57 -23.62 21.13 8.49
N ILE C 58 -23.88 19.94 7.97
CA ILE C 58 -24.52 19.80 6.68
C ILE C 58 -26.00 20.18 6.76
N PRO C 59 -26.76 19.64 7.73
CA PRO C 59 -28.16 20.05 7.82
C PRO C 59 -28.33 21.53 8.02
N SER C 60 -27.52 22.14 8.89
CA SER C 60 -27.65 23.57 9.13
CA SER C 60 -27.64 23.57 9.13
C SER C 60 -27.36 24.38 7.87
N LYS C 61 -26.31 24.00 7.12
CA LYS C 61 -26.01 24.75 5.90
C LYS C 61 -27.13 24.58 4.87
N ALA C 62 -27.74 23.39 4.79
CA ALA C 62 -28.85 23.20 3.86
C ALA C 62 -30.01 24.13 4.18
N LEU C 63 -30.39 24.24 5.46
CA LEU C 63 -31.49 25.13 5.83
C LEU C 63 -31.09 26.59 5.70
N LEU C 64 -29.84 26.93 5.98
CA LEU C 64 -29.39 28.31 5.76
C LEU C 64 -29.50 28.69 4.30
N ASP C 65 -29.10 27.79 3.39
CA ASP C 65 -29.15 28.10 1.97
C ASP C 65 -30.59 28.24 1.47
N SER C 66 -31.48 27.33 1.88
CA SER C 66 -32.87 27.42 1.44
C SER C 66 -33.51 28.68 1.99
N SER C 67 -33.31 28.94 3.28
CA SER C 67 -33.95 30.10 3.89
C SER C 67 -33.42 31.40 3.32
N TYR C 68 -32.14 31.44 2.94
CA TYR C 68 -31.63 32.68 2.36
C TYR C 68 -32.24 32.94 1.00
N LYS C 69 -32.42 31.88 0.20
CA LYS C 69 -33.03 32.05 -1.12
C LYS C 69 -34.44 32.60 -1.00
N TYR C 70 -35.21 32.11 -0.02
CA TYR C 70 -36.53 32.65 0.24
C TYR C 70 -36.44 34.11 0.65
N HIS C 71 -35.55 34.42 1.59
CA HIS C 71 -35.39 35.80 2.05
C HIS C 71 -35.05 36.74 0.91
N GLU C 72 -34.09 36.35 0.06
CA GLU C 72 -33.70 37.22 -1.04
C GLU C 72 -34.86 37.45 -2.00
N ALA C 73 -35.64 36.41 -2.28
CA ALA C 73 -36.79 36.57 -3.16
C ALA C 73 -37.83 37.50 -2.56
N LYS C 74 -37.97 37.50 -1.23
CA LYS C 74 -38.99 38.33 -0.59
C LYS C 74 -38.55 39.77 -0.41
N GLU C 75 -37.25 40.01 -0.22
CA GLU C 75 -36.78 41.31 0.24
C GLU C 75 -35.73 41.96 -0.65
N ALA C 76 -35.18 41.26 -1.64
CA ALA C 76 -34.06 41.81 -2.40
C ALA C 76 -34.13 41.43 -3.88
N PHE C 77 -35.34 41.30 -4.43
CA PHE C 77 -35.53 41.04 -5.85
C PHE C 77 -35.91 42.27 -6.64
N LYS C 78 -36.64 43.21 -6.03
CA LYS C 78 -37.19 44.34 -6.77
C LYS C 78 -36.09 45.18 -7.41
N VAL C 79 -34.95 45.32 -6.73
CA VAL C 79 -33.88 46.16 -7.26
C VAL C 79 -33.37 45.61 -8.60
N HIS C 80 -33.48 44.30 -8.81
CA HIS C 80 -33.07 43.68 -10.06
C HIS C 80 -34.14 43.79 -11.14
N GLY C 81 -35.30 44.33 -10.82
CA GLY C 81 -36.43 44.27 -11.73
C GLY C 81 -37.26 43.01 -11.63
N ILE C 82 -37.00 42.16 -10.64
CA ILE C 82 -37.71 40.89 -10.50
C ILE C 82 -38.91 41.09 -9.59
N GLU C 83 -40.09 40.76 -10.12
CA GLU C 83 -41.37 40.85 -9.42
C GLU C 83 -41.98 39.47 -9.25
N ALA C 84 -42.50 39.18 -8.06
CA ALA C 84 -43.22 37.94 -7.79
C ALA C 84 -44.60 38.25 -7.21
N LYS C 85 -45.63 37.59 -7.72
CA LYS C 85 -46.98 37.83 -7.22
C LYS C 85 -47.22 37.14 -5.89
N GLY C 86 -46.37 36.18 -5.52
CA GLY C 86 -46.44 35.58 -4.20
C GLY C 86 -45.27 34.65 -4.00
N VAL C 87 -44.67 34.70 -2.82
CA VAL C 87 -43.59 33.78 -2.46
C VAL C 87 -43.89 33.23 -1.07
N THR C 88 -43.90 31.91 -0.97
CA THR C 88 -44.17 31.21 0.27
C THR C 88 -43.15 30.11 0.47
N ILE C 89 -43.08 29.62 1.71
CA ILE C 89 -42.16 28.55 2.09
C ILE C 89 -42.97 27.38 2.63
N ASP C 90 -42.70 26.19 2.11
CA ASP C 90 -43.24 24.94 2.60
C ASP C 90 -42.15 24.34 3.49
N VAL C 91 -42.30 24.48 4.81
CA VAL C 91 -41.24 24.02 5.72
C VAL C 91 -41.05 22.52 5.67
N PRO C 92 -42.09 21.70 5.67
CA PRO C 92 -41.86 20.25 5.53
C PRO C 92 -41.03 19.90 4.31
N ALA C 93 -41.29 20.56 3.17
CA ALA C 93 -40.50 20.30 1.96
C ALA C 93 -39.06 20.77 2.14
N MET C 94 -38.86 21.95 2.74
CA MET C 94 -37.50 22.43 2.98
C MET C 94 -36.73 21.46 3.85
N VAL C 95 -37.35 20.98 4.93
CA VAL C 95 -36.68 20.06 5.83
C VAL C 95 -36.44 18.72 5.15
N ALA C 96 -37.36 18.29 4.29
CA ALA C 96 -37.19 17.01 3.59
C ALA C 96 -35.99 17.03 2.64
N ARG C 97 -35.76 18.15 1.94
CA ARG C 97 -34.58 18.24 1.09
C ARG C 97 -33.32 18.05 1.93
N LYS C 98 -33.27 18.73 3.08
CA LYS C 98 -32.16 18.58 4.00
C LYS C 98 -31.98 17.14 4.43
N ALA C 99 -33.09 16.47 4.79
CA ALA C 99 -33.01 15.08 5.23
C ALA C 99 -32.48 14.19 4.11
N ASN C 100 -32.91 14.45 2.87
CA ASN C 100 -32.45 13.63 1.76
C ASN C 100 -30.95 13.78 1.54
N ILE C 101 -30.44 15.01 1.68
CA ILE C 101 -29.01 15.26 1.54
C ILE C 101 -28.23 14.49 2.61
N VAL C 102 -28.70 14.57 3.87
CA VAL C 102 -28.04 13.84 4.95
C VAL C 102 -28.02 12.35 4.64
N LYS C 103 -29.15 11.81 4.21
CA LYS C 103 -29.22 10.37 3.93
C LYS C 103 -28.23 9.97 2.84
N ASN C 104 -28.13 10.77 1.78
CA ASN C 104 -27.21 10.46 0.70
C ASN C 104 -25.76 10.49 1.19
N LEU C 105 -25.40 11.51 1.96
CA LEU C 105 -24.00 11.67 2.37
C LEU C 105 -23.59 10.62 3.41
N THR C 106 -24.48 10.28 4.35
CA THR C 106 -24.11 9.26 5.33
C THR C 106 -23.86 7.93 4.65
N GLY C 107 -24.67 7.58 3.65
CA GLY C 107 -24.40 6.38 2.87
C GLY C 107 -23.07 6.48 2.13
N GLY C 108 -22.72 7.68 1.67
CA GLY C 108 -21.46 7.86 0.98
C GLY C 108 -20.25 7.53 1.83
N ILE C 109 -20.31 7.79 3.13
CA ILE C 109 -19.20 7.44 4.00
CA ILE C 109 -19.20 7.44 4.00
C ILE C 109 -19.01 5.92 4.05
N ALA C 110 -20.10 5.18 4.15
CA ALA C 110 -20.00 3.73 4.13
C ALA C 110 -19.35 3.25 2.83
N THR C 111 -19.69 3.89 1.72
CA THR C 111 -19.06 3.55 0.44
C THR C 111 -17.55 3.81 0.49
N LEU C 112 -17.15 4.94 1.07
CA LEU C 112 -15.73 5.24 1.19
C LEU C 112 -15.01 4.21 2.07
N PHE C 113 -15.65 3.80 3.17
CA PHE C 113 -15.07 2.78 4.03
C PHE C 113 -14.84 1.49 3.26
N LYS C 114 -15.85 1.05 2.49
CA LYS C 114 -15.71 -0.18 1.73
C LYS C 114 -14.57 -0.07 0.72
N ALA C 115 -14.49 1.05 0.01
CA ALA C 115 -13.46 1.21 -1.02
C ALA C 115 -12.06 1.21 -0.41
N ASN C 116 -11.92 1.69 0.82
CA ASN C 116 -10.62 1.77 1.47
C ASN C 116 -10.30 0.57 2.34
N GLY C 117 -11.24 -0.36 2.51
CA GLY C 117 -10.99 -1.53 3.33
C GLY C 117 -11.11 -1.31 4.81
N VAL C 118 -11.82 -0.27 5.24
CA VAL C 118 -12.08 -0.06 6.66
C VAL C 118 -13.16 -1.04 7.10
N THR C 119 -12.93 -1.73 8.21
CA THR C 119 -13.91 -2.66 8.76
C THR C 119 -14.81 -1.90 9.73
N SER C 120 -16.12 -1.97 9.48
CA SER C 120 -17.10 -1.30 10.33
C SER C 120 -17.66 -2.25 11.37
N PHE C 121 -17.78 -1.75 12.60
CA PHE C 121 -18.50 -2.42 13.67
C PHE C 121 -19.65 -1.52 14.12
N GLU C 122 -20.81 -2.13 14.36
CA GLU C 122 -21.98 -1.41 14.83
C GLU C 122 -22.19 -1.68 16.31
N GLY C 123 -22.13 -0.64 17.11
CA GLY C 123 -22.38 -0.75 18.54
C GLY C 123 -21.55 0.24 19.31
N HIS C 124 -21.54 0.04 20.63
CA HIS C 124 -20.87 0.93 21.55
C HIS C 124 -19.47 0.39 21.84
N GLY C 125 -18.46 1.21 21.61
CA GLY C 125 -17.09 0.85 21.89
C GLY C 125 -16.64 1.37 23.25
N LYS C 126 -15.94 0.51 23.99
CA LYS C 126 -15.38 0.86 25.29
C LYS C 126 -13.92 0.44 25.30
N LEU C 127 -13.03 1.36 25.69
CA LEU C 127 -11.61 1.03 25.80
C LEU C 127 -11.37 0.28 27.09
N LEU C 128 -10.85 -0.94 26.97
CA LEU C 128 -10.45 -1.72 28.13
C LEU C 128 -8.96 -1.51 28.38
N ALA C 129 -8.45 -2.15 29.43
CA ALA C 129 -7.02 -2.11 29.69
C ALA C 129 -6.27 -2.73 28.52
N ASN C 130 -5.03 -2.28 28.31
CA ASN C 130 -4.11 -2.91 27.38
C ASN C 130 -4.62 -2.85 25.93
N LYS C 131 -5.29 -1.74 25.59
CA LYS C 131 -5.66 -1.41 24.23
C LYS C 131 -6.64 -2.39 23.59
N GLN C 132 -7.38 -3.14 24.40
CA GLN C 132 -8.50 -3.92 23.90
C GLN C 132 -9.74 -3.04 23.87
N VAL C 133 -10.55 -3.20 22.83
CA VAL C 133 -11.76 -2.42 22.64
C VAL C 133 -12.95 -3.37 22.64
N GLU C 134 -13.87 -3.17 23.60
CA GLU C 134 -15.08 -3.97 23.70
C GLU C 134 -16.20 -3.30 22.91
N VAL C 135 -16.80 -4.04 21.98
CA VAL C 135 -17.92 -3.55 21.19
C VAL C 135 -19.17 -4.23 21.68
N THR C 136 -20.11 -3.46 22.22
CA THR C 136 -21.42 -4.00 22.60
C THR C 136 -22.37 -3.78 21.44
N GLY C 137 -22.74 -4.88 20.79
CA GLY C 137 -23.59 -4.88 19.64
C GLY C 137 -25.04 -4.63 19.95
N LEU C 138 -25.85 -4.62 18.88
CA LEU C 138 -27.28 -4.38 19.00
C LEU C 138 -27.99 -5.48 19.78
N ASP C 139 -27.37 -6.65 19.93
CA ASP C 139 -27.98 -7.71 20.72
C ASP C 139 -27.56 -7.68 22.19
N GLY C 140 -26.81 -6.66 22.61
CA GLY C 140 -26.35 -6.61 23.98
C GLY C 140 -25.13 -7.48 24.23
N LYS C 141 -24.70 -8.23 23.22
CA LYS C 141 -23.54 -9.11 23.26
C LYS C 141 -22.28 -8.32 22.88
N THR C 142 -21.15 -8.82 23.34
CA THR C 142 -19.87 -8.15 23.15
C THR C 142 -18.95 -8.91 22.20
N GLN C 143 -18.08 -8.13 21.56
CA GLN C 143 -16.95 -8.66 20.83
C GLN C 143 -15.79 -7.78 21.22
N VAL C 144 -14.64 -8.39 21.48
CA VAL C 144 -13.47 -7.66 21.96
C VAL C 144 -12.43 -7.67 20.86
N LEU C 145 -11.97 -6.48 20.51
CA LEU C 145 -10.96 -6.28 19.48
C LEU C 145 -9.61 -6.01 20.10
N GLU C 146 -8.57 -6.62 19.52
CA GLU C 146 -7.19 -6.36 19.90
C GLU C 146 -6.66 -5.25 19.01
N ALA C 147 -6.24 -4.13 19.61
CA ALA C 147 -5.77 -2.98 18.87
C ALA C 147 -4.31 -2.74 19.16
N GLU C 148 -3.51 -2.51 18.11
CA GLU C 148 -2.16 -2.00 18.32
C GLU C 148 -2.20 -0.52 18.70
N ASN C 149 -3.20 0.20 18.17
CA ASN C 149 -3.42 1.60 18.48
C ASN C 149 -4.92 1.84 18.51
N VAL C 150 -5.34 2.74 19.39
CA VAL C 150 -6.75 3.12 19.50
C VAL C 150 -6.84 4.63 19.28
N ILE C 151 -7.81 5.04 18.47
CA ILE C 151 -8.10 6.45 18.24
C ILE C 151 -9.51 6.69 18.77
N ILE C 152 -9.61 7.48 19.84
CA ILE C 152 -10.89 7.80 20.45
C ILE C 152 -11.41 9.06 19.78
N ALA C 153 -12.60 8.98 19.20
CA ALA C 153 -13.20 10.10 18.48
C ALA C 153 -14.70 10.15 18.78
N SER C 154 -15.02 10.20 20.08
CA SER C 154 -16.39 10.07 20.56
C SER C 154 -17.19 11.36 20.52
N GLY C 155 -16.55 12.49 20.22
CA GLY C 155 -17.28 13.71 19.90
C GLY C 155 -17.90 14.38 21.12
N SER C 156 -19.02 15.06 20.87
CA SER C 156 -19.64 15.94 21.84
C SER C 156 -21.16 15.80 21.74
N ARG C 157 -21.84 16.49 22.65
CA ARG C 157 -23.30 16.60 22.61
C ARG C 157 -23.68 17.95 23.20
N PRO C 158 -24.92 18.38 23.02
CA PRO C 158 -25.30 19.69 23.54
C PRO C 158 -25.25 19.75 25.06
N VAL C 159 -24.85 20.91 25.56
CA VAL C 159 -25.00 21.22 26.97
C VAL C 159 -26.48 21.40 27.30
N GLU C 160 -26.88 20.89 28.46
CA GLU C 160 -28.23 21.03 28.98
C GLU C 160 -28.22 22.03 30.13
N ILE C 161 -29.30 22.81 30.25
CA ILE C 161 -29.41 23.77 31.35
C ILE C 161 -30.72 23.61 32.12
N PRO C 162 -30.70 23.79 33.44
CA PRO C 162 -31.88 23.51 34.27
C PRO C 162 -33.12 24.30 33.89
N PRO C 163 -32.99 25.62 33.69
N PRO C 163 -33.01 25.55 33.42
CA PRO C 163 -34.17 26.46 33.50
CA PRO C 163 -34.24 26.28 33.03
C PRO C 163 -34.67 26.49 32.07
C PRO C 163 -34.94 25.75 31.78
N ALA C 164 -33.89 25.95 31.14
N ALA C 164 -34.30 24.95 30.94
CA ALA C 164 -34.35 25.65 29.79
CA ALA C 164 -34.83 24.63 29.61
C ALA C 164 -34.09 24.17 29.53
C ALA C 164 -34.61 23.16 29.25
N PRO C 165 -34.66 23.28 30.34
N PRO C 165 -35.27 22.25 29.97
CA PRO C 165 -34.55 21.86 30.06
CA PRO C 165 -35.24 20.84 29.55
C PRO C 165 -35.32 21.55 28.80
C PRO C 165 -35.98 20.67 28.23
N LEU C 166 -34.81 20.61 28.01
N LEU C 166 -35.45 19.79 27.37
CA LEU C 166 -35.56 20.18 26.84
CA LEU C 166 -36.12 19.50 26.12
C LEU C 166 -36.92 19.67 27.29
C LEU C 166 -37.57 19.11 26.40
N THR C 167 -37.98 20.22 26.68
N THR C 167 -38.49 19.72 25.65
CA THR C 167 -39.34 20.01 27.15
CA THR C 167 -39.92 19.56 25.88
C THR C 167 -40.25 19.89 25.95
C THR C 167 -40.60 19.46 24.52
N ASP C 168 -40.97 18.77 25.86
N ASP C 168 -41.34 18.38 24.30
CA ASP C 168 -41.89 18.52 24.75
CA ASP C 168 -41.93 18.11 22.99
C ASP C 168 -41.16 18.80 23.43
C ASP C 168 -42.62 19.35 22.44
N ASP C 169 -41.84 19.47 22.50
N ASP C 169 -42.21 19.76 21.25
CA ASP C 169 -41.20 20.02 21.31
CA ASP C 169 -42.83 20.83 20.47
C ASP C 169 -41.13 21.54 21.37
C ASP C 169 -42.63 22.22 21.07
N ILE C 170 -41.52 22.13 22.50
N ILE C 170 -41.68 22.39 22.01
CA ILE C 170 -41.47 23.58 22.67
CA ILE C 170 -41.48 23.69 22.65
C ILE C 170 -40.03 24.03 22.90
C ILE C 170 -39.99 24.02 22.84
N ILE C 171 -39.27 23.24 23.65
CA ILE C 171 -37.88 23.53 23.96
C ILE C 171 -37.02 22.45 23.32
N VAL C 172 -36.10 22.87 22.45
CA VAL C 172 -35.26 21.97 21.66
C VAL C 172 -33.80 22.40 21.80
N ASP C 173 -32.91 21.48 21.44
CA ASP C 173 -31.52 21.84 21.23
C ASP C 173 -31.29 21.97 19.73
N SER C 174 -30.02 22.03 19.31
CA SER C 174 -29.74 22.25 17.90
C SER C 174 -30.32 21.16 17.02
N THR C 175 -30.43 19.93 17.52
CA THR C 175 -30.97 18.84 16.70
C THR C 175 -32.43 19.09 16.38
N GLY C 176 -33.24 19.41 17.38
CA GLY C 176 -34.65 19.69 17.14
C GLY C 176 -34.86 20.96 16.34
N ALA C 177 -33.96 21.92 16.46
CA ALA C 177 -34.08 23.17 15.72
C ALA C 177 -33.98 22.97 14.22
N LEU C 178 -33.38 21.86 13.79
CA LEU C 178 -33.27 21.52 12.37
C LEU C 178 -34.44 20.68 11.89
N GLU C 179 -35.46 20.47 12.74
CA GLU C 179 -36.56 19.58 12.45
C GLU C 179 -37.94 20.23 12.58
N PHE C 180 -38.01 21.53 12.85
CA PHE C 180 -39.31 22.20 12.93
C PHE C 180 -40.08 21.95 11.63
N GLN C 181 -41.39 21.71 11.76
CA GLN C 181 -42.25 21.48 10.60
C GLN C 181 -43.07 22.71 10.23
N ALA C 182 -42.93 23.80 10.97
CA ALA C 182 -43.56 25.07 10.66
C ALA C 182 -42.65 26.17 11.19
N VAL C 183 -42.77 27.36 10.61
CA VAL C 183 -41.97 28.50 11.08
C VAL C 183 -42.48 28.88 12.46
N PRO C 184 -41.61 28.91 13.48
CA PRO C 184 -42.05 29.43 14.79
C PRO C 184 -42.48 30.88 14.66
N LYS C 185 -43.56 31.24 15.35
CA LYS C 185 -44.02 32.63 15.30
C LYS C 185 -43.09 33.54 16.08
N LYS C 186 -42.79 33.16 17.32
CA LYS C 186 -41.84 33.88 18.16
C LYS C 186 -40.83 32.85 18.66
N LEU C 187 -39.57 33.06 18.32
CA LEU C 187 -38.51 32.09 18.57
C LEU C 187 -37.49 32.69 19.52
N GLY C 188 -37.20 31.96 20.59
CA GLY C 188 -36.13 32.31 21.50
C GLY C 188 -34.93 31.41 21.27
N VAL C 189 -33.74 31.97 21.40
CA VAL C 189 -32.49 31.25 21.31
C VAL C 189 -31.66 31.61 22.53
N ILE C 190 -31.20 30.62 23.27
CA ILE C 190 -30.31 30.85 24.40
C ILE C 190 -28.90 30.56 23.90
N GLY C 191 -28.07 31.60 23.85
CA GLY C 191 -26.71 31.50 23.37
C GLY C 191 -26.55 32.18 22.02
N ALA C 192 -25.73 33.22 21.98
CA ALA C 192 -25.43 33.94 20.75
C ALA C 192 -24.08 33.55 20.18
N GLY C 193 -23.72 32.27 20.29
CA GLY C 193 -22.58 31.73 19.62
C GLY C 193 -22.93 31.35 18.20
N VAL C 194 -21.98 30.65 17.55
CA VAL C 194 -22.14 30.32 16.14
C VAL C 194 -23.43 29.54 15.91
N ILE C 195 -23.71 28.55 16.75
CA ILE C 195 -24.89 27.71 16.51
C ILE C 195 -26.16 28.52 16.70
N GLY C 196 -26.25 29.30 17.78
CA GLY C 196 -27.43 30.10 18.02
C GLY C 196 -27.70 31.12 16.92
N LEU C 197 -26.63 31.76 16.43
CA LEU C 197 -26.79 32.76 15.38
C LEU C 197 -27.22 32.13 14.06
N GLU C 198 -26.65 30.96 13.72
CA GLU C 198 -27.03 30.28 12.50
C GLU C 198 -28.48 29.81 12.55
N LEU C 199 -28.87 29.15 13.65
CA LEU C 199 -30.22 28.62 13.75
C LEU C 199 -31.25 29.75 13.85
N GLY C 200 -30.92 30.80 14.59
CA GLY C 200 -31.82 31.95 14.63
C GLY C 200 -32.01 32.56 13.26
N SER C 201 -30.93 32.61 12.47
CA SER C 201 -31.00 33.18 11.12
C SER C 201 -31.94 32.38 10.23
N VAL C 202 -31.84 31.04 10.27
CA VAL C 202 -32.71 30.21 9.44
C VAL C 202 -34.16 30.63 9.62
N TRP C 203 -34.62 30.65 10.86
CA TRP C 203 -36.04 30.82 11.11
C TRP C 203 -36.47 32.29 11.01
N ALA C 204 -35.58 33.23 11.36
CA ALA C 204 -35.90 34.64 11.15
C ALA C 204 -36.17 34.93 9.68
N ARG C 205 -35.37 34.33 8.79
CA ARG C 205 -35.54 34.57 7.37
C ARG C 205 -36.91 34.14 6.88
N LEU C 206 -37.48 33.12 7.51
CA LEU C 206 -38.76 32.58 7.10
C LEU C 206 -39.93 33.22 7.82
N GLY C 207 -39.67 34.22 8.66
CA GLY C 207 -40.72 35.01 9.29
C GLY C 207 -40.78 34.95 10.81
N ALA C 208 -39.96 34.14 11.47
CA ALA C 208 -39.97 34.09 12.93
C ALA C 208 -39.45 35.41 13.49
N GLU C 209 -40.05 35.85 14.59
CA GLU C 209 -39.53 36.97 15.37
C GLU C 209 -38.62 36.41 16.45
N VAL C 210 -37.33 36.68 16.33
CA VAL C 210 -36.28 35.96 17.04
C VAL C 210 -35.62 36.86 18.07
N THR C 211 -35.52 36.37 19.30
CA THR C 211 -34.70 36.98 20.34
C THR C 211 -33.62 36.00 20.73
N VAL C 212 -32.38 36.48 20.81
CA VAL C 212 -31.23 35.66 21.21
C VAL C 212 -30.73 36.21 22.54
N LEU C 213 -30.76 35.38 23.57
CA LEU C 213 -30.35 35.77 24.92
C LEU C 213 -28.95 35.21 25.18
N GLU C 214 -27.99 36.10 25.42
CA GLU C 214 -26.59 35.75 25.55
C GLU C 214 -26.06 36.24 26.88
N ALA C 215 -25.47 35.34 27.67
CA ALA C 215 -25.08 35.66 29.03
C ALA C 215 -23.91 36.65 29.08
N LEU C 216 -22.98 36.54 28.14
CA LEU C 216 -21.79 37.38 28.18
C LEU C 216 -22.10 38.78 27.67
N ASP C 217 -21.33 39.76 28.17
CA ASP C 217 -21.44 41.13 27.68
C ASP C 217 -20.81 41.30 26.30
N LYS C 218 -19.83 40.47 25.97
CA LYS C 218 -19.07 40.63 24.73
C LYS C 218 -19.60 39.67 23.67
N PHE C 219 -19.86 40.21 22.48
CA PHE C 219 -20.36 39.44 21.35
C PHE C 219 -19.19 38.84 20.58
N LEU C 220 -19.32 37.57 20.22
CA LEU C 220 -18.32 36.81 19.48
C LEU C 220 -16.90 37.12 19.98
N PRO C 221 -16.60 36.82 21.24
CA PRO C 221 -15.30 37.22 21.80
C PRO C 221 -14.10 36.62 21.10
N ALA C 222 -14.25 35.48 20.42
CA ALA C 222 -13.12 34.88 19.69
C ALA C 222 -12.84 35.57 18.37
N ALA C 223 -13.82 36.29 17.81
CA ALA C 223 -13.62 36.98 16.55
C ALA C 223 -12.90 38.31 16.78
N ASP C 224 -12.36 38.85 15.71
CA ASP C 224 -11.77 40.17 15.79
C ASP C 224 -12.84 41.19 16.17
N GLU C 225 -12.49 42.11 17.07
CA GLU C 225 -13.48 43.02 17.63
C GLU C 225 -14.16 43.85 16.56
N GLN C 226 -13.40 44.30 15.55
CA GLN C 226 -14.00 45.10 14.49
C GLN C 226 -15.01 44.29 13.69
N ILE C 227 -14.67 43.03 13.41
CA ILE C 227 -15.59 42.13 12.72
C ILE C 227 -16.83 41.88 13.58
N ALA C 228 -16.63 41.60 14.86
CA ALA C 228 -17.75 41.30 15.75
C ALA C 228 -18.68 42.49 15.89
N LYS C 229 -18.14 43.71 15.96
CA LYS C 229 -18.98 44.89 16.07
C LYS C 229 -19.86 45.06 14.83
N GLU C 230 -19.27 44.88 13.64
CA GLU C 230 -20.07 44.95 12.42
C GLU C 230 -21.10 43.82 12.38
N ALA C 231 -20.70 42.61 12.80
CA ALA C 231 -21.63 41.49 12.80
C ALA C 231 -22.83 41.78 13.68
N LEU C 232 -22.60 42.32 14.88
CA LEU C 232 -23.71 42.59 15.78
C LEU C 232 -24.67 43.61 15.17
N LYS C 233 -24.12 44.66 14.56
CA LYS C 233 -24.94 45.69 13.94
C LYS C 233 -25.79 45.09 12.81
N VAL C 234 -25.16 44.31 11.93
CA VAL C 234 -25.85 43.80 10.76
C VAL C 234 -26.87 42.74 11.15
N LEU C 235 -26.50 41.82 12.04
CA LEU C 235 -27.42 40.76 12.41
C LEU C 235 -28.61 41.30 13.20
N THR C 236 -28.40 42.33 14.01
CA THR C 236 -29.51 42.96 14.70
C THR C 236 -30.46 43.60 13.71
N LYS C 237 -29.92 44.28 12.69
CA LYS C 237 -30.75 44.90 11.67
C LYS C 237 -31.58 43.87 10.90
N GLN C 238 -31.05 42.65 10.73
CA GLN C 238 -31.77 41.57 10.04
C GLN C 238 -32.87 40.96 10.88
N GLY C 239 -33.03 41.40 12.13
CA GLY C 239 -34.10 40.91 12.98
C GLY C 239 -33.67 39.95 14.06
N LEU C 240 -32.37 39.67 14.22
CA LEU C 240 -31.93 38.89 15.37
C LEU C 240 -31.79 39.86 16.54
N ASN C 241 -32.76 39.81 17.44
CA ASN C 241 -32.78 40.69 18.62
C ASN C 241 -31.83 40.08 19.64
N ILE C 242 -30.55 40.41 19.48
CA ILE C 242 -29.48 39.84 20.30
C ILE C 242 -29.36 40.67 21.57
N ARG C 243 -29.61 40.05 22.71
CA ARG C 243 -29.57 40.71 24.02
C ARG C 243 -28.36 40.19 24.77
N LEU C 244 -27.36 41.04 24.96
CA LEU C 244 -26.12 40.69 25.65
C LEU C 244 -26.27 40.93 27.15
N GLY C 245 -25.42 40.25 27.92
CA GLY C 245 -25.51 40.34 29.37
C GLY C 245 -26.86 39.89 29.91
N ALA C 246 -27.47 38.89 29.27
CA ALA C 246 -28.82 38.45 29.59
C ALA C 246 -28.72 36.99 30.00
N ARG C 247 -28.90 36.73 31.30
CA ARG C 247 -28.68 35.40 31.81
C ARG C 247 -30.04 34.76 32.15
N VAL C 248 -30.36 33.67 31.46
CA VAL C 248 -31.62 32.95 31.71
C VAL C 248 -31.55 32.24 33.06
N THR C 249 -32.60 32.44 33.88
CA THR C 249 -32.67 31.84 35.20
C THR C 249 -33.86 30.91 35.41
N ALA C 250 -34.89 30.98 34.58
CA ALA C 250 -36.06 30.14 34.76
C ALA C 250 -36.91 30.21 33.51
N SER C 251 -37.82 29.26 33.39
CA SER C 251 -38.82 29.31 32.33
C SER C 251 -40.11 28.72 32.86
N GLU C 252 -41.20 29.03 32.16
CA GLU C 252 -42.51 28.53 32.52
C GLU C 252 -43.12 28.04 31.22
N VAL C 253 -43.35 26.73 31.14
CA VAL C 253 -43.90 26.12 29.95
C VAL C 253 -45.38 25.89 30.22
N LYS C 254 -46.23 26.52 29.41
CA LYS C 254 -47.67 26.48 29.58
C LYS C 254 -48.31 27.01 28.31
N LYS C 255 -49.43 26.39 27.92
CA LYS C 255 -50.22 26.89 26.79
C LYS C 255 -49.41 26.86 25.50
N LYS C 256 -48.64 25.79 25.32
CA LYS C 256 -47.89 25.54 24.08
C LYS C 256 -46.86 26.64 23.83
N GLN C 257 -46.41 27.29 24.90
CA GLN C 257 -45.42 28.35 24.81
C GLN C 257 -44.53 28.27 26.05
N VAL C 258 -43.44 29.01 26.03
CA VAL C 258 -42.51 29.08 27.15
C VAL C 258 -42.17 30.54 27.42
N THR C 259 -42.36 30.96 28.67
CA THR C 259 -41.95 32.29 29.11
C THR C 259 -40.61 32.14 29.83
N VAL C 260 -39.62 32.88 29.35
CA VAL C 260 -38.27 32.81 29.88
C VAL C 260 -38.04 34.01 30.76
N THR C 261 -37.51 33.79 31.96
CA THR C 261 -37.10 34.86 32.85
C THR C 261 -35.59 34.99 32.76
N PHE C 262 -35.11 36.22 32.62
CA PHE C 262 -33.68 36.46 32.53
C PHE C 262 -33.36 37.80 33.19
N THR C 263 -32.11 37.92 33.62
CA THR C 263 -31.58 39.12 34.26
C THR C 263 -30.66 39.81 33.28
N ASP C 264 -30.92 41.09 33.03
CA ASP C 264 -30.01 41.91 32.24
C ASP C 264 -29.62 43.14 33.06
N ALA C 265 -28.97 44.10 32.41
CA ALA C 265 -28.48 45.28 33.12
C ALA C 265 -29.60 46.03 33.82
N ASN C 266 -30.83 45.92 33.31
CA ASN C 266 -31.97 46.65 33.86
C ASN C 266 -32.83 45.80 34.79
N GLY C 267 -32.36 44.61 35.16
CA GLY C 267 -33.08 43.81 36.14
C GLY C 267 -33.74 42.59 35.56
N GLU C 268 -34.82 42.15 36.21
CA GLU C 268 -35.52 40.93 35.81
C GLU C 268 -36.43 41.22 34.63
N GLN C 269 -36.34 40.37 33.61
CA GLN C 269 -37.11 40.50 32.38
C GLN C 269 -37.79 39.18 32.09
N LYS C 270 -38.87 39.24 31.31
CA LYS C 270 -39.56 38.06 30.84
C LYS C 270 -39.89 38.21 29.36
N GLU C 271 -39.84 37.08 28.65
CA GLU C 271 -40.21 37.07 27.24
C GLU C 271 -40.77 35.70 26.91
N THR C 272 -41.81 35.67 26.07
CA THR C 272 -42.53 34.44 25.75
C THR C 272 -42.29 34.04 24.31
N PHE C 273 -42.14 32.74 24.08
CA PHE C 273 -41.85 32.19 22.76
C PHE C 273 -42.71 30.95 22.54
N ASP C 274 -43.01 30.64 21.27
CA ASP C 274 -43.60 29.35 20.96
C ASP C 274 -42.56 28.25 20.79
N LYS C 275 -41.32 28.60 20.49
CA LYS C 275 -40.22 27.65 20.44
C LYS C 275 -39.00 28.29 21.06
N LEU C 276 -38.19 27.46 21.72
CA LEU C 276 -36.98 27.92 22.40
C LEU C 276 -35.87 26.96 22.05
N ILE C 277 -34.78 27.48 21.48
CA ILE C 277 -33.60 26.70 21.13
C ILE C 277 -32.53 26.92 22.17
N VAL C 278 -32.02 25.82 22.74
CA VAL C 278 -30.92 25.88 23.69
C VAL C 278 -29.63 25.67 22.90
N ALA C 279 -28.80 26.71 22.82
CA ALA C 279 -27.54 26.65 22.07
C ALA C 279 -26.42 27.23 22.93
N VAL C 280 -26.18 26.59 24.09
CA VAL C 280 -25.28 27.13 25.10
C VAL C 280 -23.97 26.34 25.14
N GLY C 281 -23.62 25.67 24.07
CA GLY C 281 -22.33 25.02 23.96
C GLY C 281 -22.47 23.51 23.89
N ARG C 282 -21.31 22.86 23.84
CA ARG C 282 -21.25 21.42 23.69
C ARG C 282 -20.22 20.86 24.65
N ARG C 283 -20.45 19.62 25.06
CA ARG C 283 -19.63 18.96 26.05
C ARG C 283 -19.10 17.64 25.50
N PRO C 284 -17.91 17.25 25.93
CA PRO C 284 -17.33 16.00 25.40
C PRO C 284 -18.11 14.79 25.90
N VAL C 285 -18.16 13.78 25.05
CA VAL C 285 -18.89 12.55 25.33
C VAL C 285 -17.88 11.48 25.73
N THR C 286 -17.96 11.03 26.98
CA THR C 286 -17.14 9.92 27.46
C THR C 286 -17.97 8.86 28.20
N THR C 287 -19.30 8.90 28.07
CA THR C 287 -20.16 7.97 28.81
C THR C 287 -19.85 6.53 28.43
N ASP C 288 -19.45 5.74 29.43
CA ASP C 288 -19.14 4.32 29.27
C ASP C 288 -18.05 4.09 28.23
N LEU C 289 -17.21 5.09 28.01
CA LEU C 289 -16.19 5.03 26.98
C LEU C 289 -14.91 4.36 27.45
N LEU C 290 -14.56 4.50 28.74
CA LEU C 290 -13.27 4.07 29.27
C LEU C 290 -13.51 3.17 30.46
N ALA C 291 -12.95 1.96 30.41
CA ALA C 291 -12.92 1.12 31.60
C ALA C 291 -12.14 1.81 32.70
N ALA C 292 -12.48 1.46 33.95
CA ALA C 292 -11.83 2.11 35.09
C ALA C 292 -10.33 1.90 35.09
N ASP C 293 -9.85 0.82 34.48
CA ASP C 293 -8.42 0.52 34.42
C ASP C 293 -7.84 0.73 33.02
N SER C 294 -8.48 1.57 32.20
CA SER C 294 -7.98 1.80 30.85
C SER C 294 -6.67 2.57 30.87
N GLY C 295 -6.44 3.39 31.89
CA GLY C 295 -5.27 4.25 31.95
C GLY C 295 -5.46 5.64 31.37
N VAL C 296 -6.56 5.90 30.69
CA VAL C 296 -6.81 7.21 30.07
C VAL C 296 -7.43 8.14 31.09
N THR C 297 -6.91 9.36 31.17
CA THR C 297 -7.33 10.34 32.15
C THR C 297 -8.11 11.47 31.50
N LEU C 298 -8.99 12.10 32.29
CA LEU C 298 -9.79 13.23 31.87
C LEU C 298 -9.33 14.49 32.61
N ASP C 299 -9.55 15.64 31.98
CA ASP C 299 -9.26 16.92 32.62
C ASP C 299 -10.46 17.40 33.44
N GLU C 300 -10.31 18.58 34.05
CA GLU C 300 -11.35 19.10 34.94
C GLU C 300 -12.66 19.36 34.23
N ARG C 301 -12.62 19.58 32.91
CA ARG C 301 -13.83 19.85 32.14
C ARG C 301 -14.40 18.61 31.47
N GLY C 302 -13.80 17.44 31.69
CA GLY C 302 -14.31 16.20 31.13
C GLY C 302 -13.72 15.82 29.79
N PHE C 303 -12.78 16.60 29.25
CA PHE C 303 -12.11 16.23 28.01
C PHE C 303 -11.03 15.20 28.29
N ILE C 304 -10.74 14.37 27.29
CA ILE C 304 -9.62 13.44 27.41
C ILE C 304 -8.32 14.22 27.35
N TYR C 305 -7.44 13.94 28.30
CA TYR C 305 -6.17 14.65 28.39
C TYR C 305 -5.24 14.13 27.32
N VAL C 306 -4.75 15.02 26.45
CA VAL C 306 -3.81 14.65 25.39
C VAL C 306 -2.73 15.71 25.30
N ASP C 307 -1.62 15.34 24.68
CA ASP C 307 -0.53 16.26 24.41
C ASP C 307 -0.78 16.96 23.08
N ASP C 308 0.23 17.68 22.59
CA ASP C 308 0.08 18.43 21.35
C ASP C 308 -0.04 17.53 20.12
N HIS C 309 0.23 16.22 20.25
CA HIS C 309 0.03 15.28 19.16
C HIS C 309 -1.20 14.38 19.36
N CYS C 310 -2.09 14.74 20.29
CA CYS C 310 -3.30 13.99 20.57
C CYS C 310 -3.04 12.63 21.19
N LYS C 311 -1.89 12.44 21.83
CA LYS C 311 -1.58 11.19 22.53
C LYS C 311 -2.09 11.30 23.96
N THR C 312 -2.80 10.27 24.42
CA THR C 312 -3.30 10.21 25.78
C THR C 312 -2.19 9.81 26.73
N SER C 313 -2.54 9.58 28.00
CA SER C 313 -1.59 9.07 28.98
C SER C 313 -1.13 7.66 28.68
N VAL C 314 -1.80 6.96 27.78
CA VAL C 314 -1.54 5.54 27.52
C VAL C 314 -0.86 5.43 26.15
N PRO C 315 0.35 4.86 26.06
CA PRO C 315 0.97 4.70 24.75
C PRO C 315 0.08 3.92 23.79
N GLY C 316 0.03 4.37 22.55
CA GLY C 316 -0.80 3.75 21.55
C GLY C 316 -2.27 4.12 21.61
N VAL C 317 -2.67 4.99 22.53
CA VAL C 317 -4.06 5.44 22.63
C VAL C 317 -4.07 6.95 22.40
N PHE C 318 -4.86 7.38 21.43
CA PHE C 318 -4.94 8.76 21.02
C PHE C 318 -6.39 9.21 21.08
N ALA C 319 -6.60 10.52 21.17
CA ALA C 319 -7.95 11.06 21.18
C ALA C 319 -7.97 12.35 20.39
N ILE C 320 -9.01 12.54 19.59
CA ILE C 320 -9.07 13.61 18.61
C ILE C 320 -10.47 14.22 18.61
N GLY C 321 -10.58 15.39 18.00
CA GLY C 321 -11.87 15.99 17.77
C GLY C 321 -12.45 16.67 19.00
N ASP C 322 -13.79 16.68 19.05
CA ASP C 322 -14.50 17.45 20.08
C ASP C 322 -14.26 16.88 21.48
N VAL C 323 -13.77 15.65 21.61
CA VAL C 323 -13.54 15.07 22.93
C VAL C 323 -12.23 15.53 23.55
N VAL C 324 -11.40 16.30 22.84
CA VAL C 324 -10.16 16.82 23.38
C VAL C 324 -10.13 18.34 23.21
N ARG C 325 -9.10 18.96 23.79
CA ARG C 325 -8.94 20.40 23.79
C ARG C 325 -8.86 20.93 22.35
N GLY C 326 -9.18 22.21 22.21
CA GLY C 326 -9.07 22.92 20.95
C GLY C 326 -10.43 23.28 20.38
N ALA C 327 -10.38 23.99 19.25
CA ALA C 327 -11.60 24.45 18.59
C ALA C 327 -12.46 23.27 18.20
N MET C 328 -13.74 23.33 18.54
CA MET C 328 -14.69 22.25 18.27
C MET C 328 -15.24 22.45 16.86
N LEU C 329 -14.43 22.06 15.88
CA LEU C 329 -14.73 22.25 14.48
C LEU C 329 -14.47 20.95 13.72
N ALA C 330 -15.24 20.75 12.66
CA ALA C 330 -15.17 19.48 11.93
C ALA C 330 -13.80 19.30 11.28
N HIS C 331 -13.27 20.34 10.65
CA HIS C 331 -11.96 20.22 9.99
C HIS C 331 -10.82 20.12 11.00
N LYS C 332 -11.00 20.64 12.21
CA LYS C 332 -10.02 20.40 13.27
C LYS C 332 -10.01 18.93 13.64
N ALA C 333 -11.20 18.34 13.83
CA ALA C 333 -11.28 16.92 14.17
C ALA C 333 -10.64 16.05 13.09
N SER C 334 -10.99 16.31 11.83
CA SER C 334 -10.48 15.46 10.75
CA SER C 334 -10.48 15.48 10.73
C SER C 334 -8.97 15.61 10.60
N GLU C 335 -8.45 16.83 10.73
CA GLU C 335 -7.02 16.99 10.57
C GLU C 335 -6.27 16.35 11.73
N GLU C 336 -6.82 16.40 12.95
CA GLU C 336 -6.22 15.67 14.04
C GLU C 336 -6.21 14.18 13.76
N GLY C 337 -7.28 13.66 13.15
CA GLY C 337 -7.30 12.27 12.76
C GLY C 337 -6.17 11.94 11.79
N VAL C 338 -5.92 12.84 10.83
CA VAL C 338 -4.82 12.65 9.89
C VAL C 338 -3.48 12.65 10.62
N MET C 339 -3.26 13.63 11.51
CA MET C 339 -1.99 13.70 12.24
C MET C 339 -1.74 12.42 13.02
N VAL C 340 -2.76 11.94 13.75
CA VAL C 340 -2.58 10.77 14.60
C VAL C 340 -2.26 9.55 13.75
N ALA C 341 -2.99 9.35 12.66
CA ALA C 341 -2.73 8.21 11.80
C ALA C 341 -1.32 8.28 11.24
N GLU C 342 -0.88 9.47 10.83
CA GLU C 342 0.46 9.61 10.28
C GLU C 342 1.53 9.32 11.33
N ARG C 343 1.29 9.74 12.59
CA ARG C 343 2.26 9.44 13.65
C ARG C 343 2.29 7.95 13.96
N ILE C 344 1.14 7.27 13.91
CA ILE C 344 1.13 5.81 14.07
C ILE C 344 1.99 5.15 13.00
N ALA C 345 1.96 5.69 11.78
CA ALA C 345 2.75 5.17 10.68
C ALA C 345 4.22 5.57 10.76
N GLY C 346 4.60 6.31 11.80
CA GLY C 346 5.99 6.63 12.05
C GLY C 346 6.42 8.01 11.60
N HIS C 347 5.50 8.83 11.10
CA HIS C 347 5.85 10.16 10.61
C HIS C 347 5.65 11.18 11.73
N LYS C 348 6.59 12.10 11.86
CA LYS C 348 6.54 13.13 12.90
C LYS C 348 5.62 14.27 12.48
N ALA C 349 4.36 13.92 12.27
CA ALA C 349 3.37 14.89 11.83
C ALA C 349 3.04 15.86 12.95
N GLN C 350 2.84 17.11 12.57
CA GLN C 350 2.57 18.17 13.51
C GLN C 350 1.28 18.85 13.07
N MET C 351 0.72 19.63 13.98
CA MET C 351 -0.40 20.46 13.60
C MET C 351 -0.12 21.91 13.89
N ASN C 352 -0.50 22.74 12.95
CA ASN C 352 -0.49 24.17 13.17
C ASN C 352 -1.92 24.51 13.54
N TYR C 353 -2.17 24.64 14.84
CA TYR C 353 -3.48 25.07 15.29
C TYR C 353 -3.65 26.56 15.06
N ASP C 354 -2.60 27.21 14.57
CA ASP C 354 -2.62 28.64 14.34
C ASP C 354 -3.27 28.96 13.01
N LEU C 355 -3.43 27.97 12.12
CA LEU C 355 -4.00 28.21 10.80
C LEU C 355 -5.28 27.42 10.57
N ILE C 356 -5.98 27.05 11.63
CA ILE C 356 -7.30 26.42 11.51
C ILE C 356 -8.32 27.55 11.36
N PRO C 357 -8.99 27.70 10.22
CA PRO C 357 -9.98 28.79 10.10
C PRO C 357 -11.26 28.49 10.85
N SER C 358 -11.99 29.56 11.13
CA SER C 358 -13.32 29.51 11.73
C SER C 358 -14.29 30.15 10.78
N VAL C 359 -15.50 29.58 10.67
CA VAL C 359 -16.54 30.11 9.80
C VAL C 359 -17.85 30.13 10.57
N ILE C 360 -18.58 31.23 10.43
CA ILE C 360 -19.95 31.37 10.92
C ILE C 360 -20.81 31.59 9.67
N TYR C 361 -21.77 30.71 9.43
CA TYR C 361 -22.48 30.67 8.16
C TYR C 361 -23.75 31.51 8.19
N THR C 362 -23.70 32.66 8.86
CA THR C 362 -24.69 33.69 8.69
C THR C 362 -24.57 34.27 7.27
N HIS C 363 -25.48 35.18 6.93
CA HIS C 363 -25.36 35.97 5.72
C HIS C 363 -25.53 37.41 6.16
N PRO C 364 -24.45 38.22 6.17
CA PRO C 364 -23.11 37.93 5.66
C PRO C 364 -22.38 36.86 6.44
N GLU C 365 -21.62 36.06 5.71
CA GLU C 365 -20.76 35.05 6.29
C GLU C 365 -19.60 35.72 7.02
N ILE C 366 -19.15 35.07 8.09
CA ILE C 366 -18.03 35.55 8.91
C ILE C 366 -16.99 34.45 8.94
N ALA C 367 -15.73 34.80 8.71
CA ALA C 367 -14.69 33.79 8.77
C ALA C 367 -13.36 34.45 9.12
N TRP C 368 -12.47 33.66 9.71
CA TRP C 368 -11.15 34.20 10.02
C TRP C 368 -10.14 33.08 10.23
N VAL C 369 -8.87 33.46 10.14
CA VAL C 369 -7.75 32.57 10.40
C VAL C 369 -6.66 33.40 11.06
N GLY C 370 -5.93 32.78 11.98
CA GLY C 370 -4.89 33.50 12.68
C GLY C 370 -5.44 34.35 13.82
N LYS C 371 -4.66 35.36 14.19
CA LYS C 371 -4.91 36.09 15.42
C LYS C 371 -5.68 37.38 15.17
N THR C 372 -6.48 37.75 16.17
CA THR C 372 -7.25 38.99 16.13
C THR C 372 -6.40 40.16 16.55
N GLU C 373 -6.89 41.37 16.25
CA GLU C 373 -6.19 42.58 16.68
C GLU C 373 -6.07 42.63 18.20
N GLN C 374 -7.15 42.29 18.91
CA GLN C 374 -7.10 42.40 20.37
C GLN C 374 -6.15 41.38 20.97
N THR C 375 -6.05 40.18 20.38
CA THR C 375 -5.09 39.20 20.85
C THR C 375 -3.67 39.71 20.68
N LEU C 376 -3.36 40.25 19.50
CA LEU C 376 -2.00 40.73 19.25
C LEU C 376 -1.66 41.92 20.13
N LYS C 377 -2.66 42.77 20.43
CA LYS C 377 -2.41 43.86 21.37
C LYS C 377 -2.11 43.35 22.76
N ALA C 378 -2.87 42.35 23.23
CA ALA C 378 -2.61 41.77 24.53
C ALA C 378 -1.24 41.11 24.58
N GLU C 379 -0.78 40.59 23.43
CA GLU C 379 0.54 39.97 23.33
C GLU C 379 1.66 40.98 23.13
N GLY C 380 1.35 42.26 22.94
CA GLY C 380 2.38 43.26 22.76
C GLY C 380 3.06 43.23 21.40
N VAL C 381 2.40 42.68 20.39
CA VAL C 381 2.95 42.59 19.05
C VAL C 381 2.48 43.82 18.26
N GLU C 382 3.42 44.64 17.82
CA GLU C 382 3.06 45.79 16.99
C GLU C 382 2.69 45.31 15.60
N VAL C 383 1.57 45.80 15.08
CA VAL C 383 1.04 45.32 13.82
C VAL C 383 0.63 46.49 12.94
N ASN C 384 0.56 46.20 11.64
CA ASN C 384 -0.09 47.07 10.67
C ASN C 384 -1.34 46.37 10.16
N VAL C 385 -2.42 47.15 10.02
CA VAL C 385 -3.72 46.63 9.65
C VAL C 385 -4.17 47.29 8.36
N GLY C 386 -4.71 46.49 7.46
CA GLY C 386 -5.36 47.01 6.27
C GLY C 386 -6.75 46.42 6.12
N THR C 387 -7.69 47.27 5.74
CA THR C 387 -9.06 46.83 5.51
C THR C 387 -9.56 47.34 4.17
N PHE C 388 -10.55 46.63 3.64
CA PHE C 388 -11.21 47.06 2.42
C PHE C 388 -12.68 46.67 2.51
N PRO C 389 -13.61 47.61 2.29
CA PRO C 389 -15.03 47.29 2.43
C PRO C 389 -15.63 46.79 1.12
N PHE C 390 -16.56 45.84 1.24
CA PHE C 390 -17.25 45.36 0.05
C PHE C 390 -18.10 46.43 -0.62
N ALA C 391 -18.42 47.51 0.09
CA ALA C 391 -19.11 48.64 -0.53
C ALA C 391 -18.29 49.26 -1.66
N ALA C 392 -16.99 49.01 -1.69
CA ALA C 392 -16.11 49.52 -2.74
C ALA C 392 -15.75 48.44 -3.76
N SER C 393 -16.37 47.27 -3.68
CA SER C 393 -16.09 46.15 -4.59
C SER C 393 -17.10 46.16 -5.73
N GLY C 394 -16.60 46.31 -6.96
CA GLY C 394 -17.49 46.24 -8.11
C GLY C 394 -18.20 44.90 -8.22
N ARG C 395 -17.49 43.80 -7.93
CA ARG C 395 -18.13 42.49 -7.98
C ARG C 395 -19.27 42.41 -6.97
N ALA C 396 -19.04 42.89 -5.75
CA ALA C 396 -20.08 42.85 -4.73
C ALA C 396 -21.26 43.73 -5.10
N MET C 397 -20.99 44.87 -5.74
CA MET C 397 -22.09 45.73 -6.18
C MET C 397 -22.95 45.01 -7.21
N ALA C 398 -22.32 44.38 -8.20
CA ALA C 398 -23.07 43.60 -9.17
C ALA C 398 -23.91 42.52 -8.48
N ALA C 399 -23.38 41.94 -7.40
CA ALA C 399 -24.08 40.91 -6.67
C ALA C 399 -25.17 41.47 -5.76
N ASN C 400 -25.31 42.78 -5.64
CA ASN C 400 -26.26 43.39 -4.71
C ASN C 400 -25.98 42.95 -3.27
N ASP C 401 -24.69 42.82 -2.93
CA ASP C 401 -24.33 42.26 -1.63
C ASP C 401 -23.02 42.93 -1.17
N THR C 402 -23.15 44.12 -0.59
CA THR C 402 -22.00 44.98 -0.31
C THR C 402 -21.70 45.15 1.17
N THR C 403 -22.38 44.43 2.05
CA THR C 403 -22.10 44.52 3.47
C THR C 403 -20.76 43.87 3.79
N GLY C 404 -19.98 44.51 4.66
CA GLY C 404 -18.84 43.88 5.29
C GLY C 404 -17.50 44.43 4.82
N LEU C 405 -16.44 43.71 5.21
CA LEU C 405 -15.08 44.14 4.94
C LEU C 405 -14.14 42.95 5.06
N VAL C 406 -12.94 43.13 4.49
CA VAL C 406 -11.80 42.24 4.69
C VAL C 406 -10.77 42.98 5.53
N LYS C 407 -10.17 42.27 6.49
CA LYS C 407 -9.13 42.82 7.35
C LYS C 407 -7.92 41.91 7.32
N VAL C 408 -6.75 42.49 7.04
CA VAL C 408 -5.48 41.78 7.06
C VAL C 408 -4.62 42.44 8.13
N ILE C 409 -4.03 41.61 9.00
CA ILE C 409 -3.15 42.07 10.06
C ILE C 409 -1.77 41.49 9.80
N ALA C 410 -0.75 42.35 9.82
CA ALA C 410 0.62 41.94 9.55
C ALA C 410 1.55 42.47 10.64
N ASP C 411 2.61 41.71 10.90
CA ASP C 411 3.64 42.15 11.82
C ASP C 411 4.29 43.43 11.30
N ALA C 412 4.40 44.44 12.18
CA ALA C 412 4.91 45.74 11.76
C ALA C 412 6.38 45.69 11.37
N LYS C 413 7.14 44.74 11.91
CA LYS C 413 8.57 44.67 11.63
C LYS C 413 8.89 43.80 10.42
N THR C 414 8.23 42.65 10.29
CA THR C 414 8.54 41.69 9.25
C THR C 414 7.54 41.69 8.09
N ASP C 415 6.38 42.31 8.28
CA ASP C 415 5.29 42.32 7.30
C ASP C 415 4.63 40.96 7.15
N ARG C 416 4.96 39.99 8.00
CA ARG C 416 4.32 38.68 7.95
C ARG C 416 2.83 38.80 8.28
N VAL C 417 1.99 38.19 7.45
CA VAL C 417 0.55 38.18 7.74
C VAL C 417 0.30 37.29 8.95
N LEU C 418 -0.38 37.85 9.95
CA LEU C 418 -0.67 37.17 11.21
C LEU C 418 -2.13 36.81 11.36
N GLY C 419 -3.01 37.43 10.58
CA GLY C 419 -4.43 37.13 10.66
C GLY C 419 -5.19 37.72 9.49
N VAL C 420 -6.23 37.02 9.05
CA VAL C 420 -7.14 37.48 8.01
C VAL C 420 -8.55 37.27 8.52
N HIS C 421 -9.37 38.32 8.44
CA HIS C 421 -10.69 38.32 9.04
C HIS C 421 -11.66 38.95 8.04
N VAL C 422 -12.78 38.29 7.80
CA VAL C 422 -13.73 38.73 6.79
C VAL C 422 -15.15 38.60 7.30
N ILE C 423 -15.95 39.64 7.06
CA ILE C 423 -17.40 39.52 7.13
C ILE C 423 -17.92 40.02 5.79
N GLY C 424 -18.64 39.16 5.08
CA GLY C 424 -19.14 39.51 3.77
C GLY C 424 -19.24 38.31 2.85
N PRO C 425 -19.52 38.57 1.58
CA PRO C 425 -19.75 37.47 0.65
C PRO C 425 -18.50 36.65 0.43
N SER C 426 -18.67 35.32 0.44
CA SER C 426 -17.59 34.37 0.24
C SER C 426 -16.47 34.53 1.27
N ALA C 427 -16.84 34.92 2.50
CA ALA C 427 -15.84 35.12 3.55
C ALA C 427 -14.91 33.91 3.71
N ALA C 428 -15.48 32.71 3.74
CA ALA C 428 -14.66 31.52 3.99
C ALA C 428 -13.66 31.28 2.87
N GLU C 429 -14.07 31.53 1.61
CA GLU C 429 -13.16 31.33 0.49
C GLU C 429 -12.03 32.35 0.51
N LEU C 430 -12.33 33.59 0.89
CA LEU C 430 -11.28 34.61 0.97
C LEU C 430 -10.34 34.32 2.13
N VAL C 431 -10.88 33.86 3.26
CA VAL C 431 -10.04 33.47 4.38
C VAL C 431 -9.13 32.30 4.00
N GLN C 432 -9.65 31.36 3.21
CA GLN C 432 -8.82 30.24 2.79
C GLN C 432 -7.67 30.71 1.90
N GLN C 433 -7.91 31.71 1.06
CA GLN C 433 -6.82 32.33 0.31
C GLN C 433 -5.76 32.87 1.25
N GLY C 434 -6.18 33.57 2.30
CA GLY C 434 -5.22 34.05 3.28
C GLY C 434 -4.48 32.93 3.97
N ALA C 435 -5.20 31.86 4.33
CA ALA C 435 -4.59 30.74 5.03
C ALA C 435 -3.54 30.06 4.16
N ILE C 436 -3.82 29.91 2.86
CA ILE C 436 -2.84 29.33 1.95
C ILE C 436 -1.59 30.19 1.92
N GLY C 437 -1.76 31.50 1.78
CA GLY C 437 -0.61 32.39 1.85
C GLY C 437 0.17 32.25 3.15
N MET C 438 -0.56 32.17 4.27
CA MET C 438 0.10 32.07 5.57
C MET C 438 0.86 30.77 5.73
N GLU C 439 0.38 29.69 5.11
CA GLU C 439 1.12 28.44 5.13
C GLU C 439 2.50 28.61 4.52
N PHE C 440 2.63 29.48 3.51
CA PHE C 440 3.90 29.74 2.86
C PHE C 440 4.64 30.93 3.46
N GLY C 441 4.16 31.46 4.58
CA GLY C 441 4.85 32.57 5.22
C GLY C 441 4.65 33.90 4.54
N THR C 442 3.49 34.11 3.90
CA THR C 442 3.30 35.29 3.08
C THR C 442 3.45 36.56 3.92
N SER C 443 4.03 37.58 3.29
CA SER C 443 3.92 38.93 3.79
C SER C 443 2.68 39.58 3.19
N ALA C 444 2.31 40.75 3.72
CA ALA C 444 1.23 41.51 3.10
C ALA C 444 1.63 41.97 1.71
N GLU C 445 2.88 42.41 1.54
CA GLU C 445 3.31 42.84 0.22
C GLU C 445 3.30 41.67 -0.77
N ASP C 446 3.59 40.45 -0.33
CA ASP C 446 3.51 39.29 -1.22
C ASP C 446 2.12 39.20 -1.85
N LEU C 447 1.08 39.26 -1.02
CA LEU C 447 -0.27 39.20 -1.56
C LEU C 447 -0.54 40.37 -2.48
N GLY C 448 -0.03 41.55 -2.12
CA GLY C 448 -0.25 42.73 -2.95
C GLY C 448 0.37 42.62 -4.34
N MET C 449 1.47 41.88 -4.47
CA MET C 449 2.16 41.79 -5.74
C MET C 449 1.56 40.77 -6.71
N MET C 450 0.55 40.03 -6.29
CA MET C 450 -0.06 39.00 -7.12
C MET C 450 -1.16 39.57 -8.01
N VAL C 451 -1.44 38.86 -9.09
CA VAL C 451 -2.52 39.22 -10.00
C VAL C 451 -3.81 38.57 -9.50
N PHE C 452 -4.77 39.41 -9.11
CA PHE C 452 -6.09 38.95 -8.69
C PHE C 452 -7.09 39.25 -9.80
N SER C 453 -7.89 38.25 -10.17
CA SER C 453 -8.85 38.43 -11.25
C SER C 453 -9.83 39.56 -10.94
N HIS C 454 -10.17 40.33 -11.98
CA HIS C 454 -11.19 41.36 -11.87
C HIS C 454 -12.32 41.08 -12.85
N PRO C 455 -13.59 41.21 -12.42
CA PRO C 455 -14.06 41.53 -11.08
C PRO C 455 -14.31 40.27 -10.27
N THR C 456 -13.72 40.17 -9.07
CA THR C 456 -14.00 39.06 -8.17
C THR C 456 -14.02 39.57 -6.74
N LEU C 457 -14.71 38.84 -5.88
CA LEU C 457 -14.69 39.17 -4.47
C LEU C 457 -13.28 39.08 -3.90
N SER C 458 -12.44 38.21 -4.48
CA SER C 458 -11.07 38.05 -4.02
C SER C 458 -10.29 39.36 -4.04
N GLU C 459 -10.65 40.29 -4.93
CA GLU C 459 -9.95 41.58 -4.98
C GLU C 459 -9.99 42.31 -3.65
N ALA C 460 -11.03 42.08 -2.84
CA ALA C 460 -11.10 42.74 -1.55
C ALA C 460 -9.95 42.30 -0.64
N LEU C 461 -9.52 41.04 -0.74
CA LEU C 461 -8.35 40.61 0.01
C LEU C 461 -7.09 41.27 -0.52
N HIS C 462 -6.98 41.35 -1.85
CA HIS C 462 -5.83 42.02 -2.46
C HIS C 462 -5.72 43.46 -1.99
N GLU C 463 -6.83 44.20 -2.01
CA GLU C 463 -6.80 45.60 -1.60
C GLU C 463 -6.47 45.72 -0.11
N ALA C 464 -7.07 44.86 0.72
CA ALA C 464 -6.77 44.91 2.14
C ALA C 464 -5.29 44.66 2.41
N ALA C 465 -4.69 43.71 1.68
CA ALA C 465 -3.27 43.44 1.84
C ALA C 465 -2.42 44.65 1.46
N LEU C 466 -2.78 45.32 0.36
CA LEU C 466 -2.07 46.53 -0.03
C LEU C 466 -2.26 47.63 1.00
N ALA C 467 -3.44 47.70 1.62
CA ALA C 467 -3.73 48.74 2.59
C ALA C 467 -2.87 48.61 3.84
N VAL C 468 -2.42 47.39 4.16
CA VAL C 468 -1.53 47.19 5.31
C VAL C 468 -0.39 48.19 5.27
N ASN C 469 0.20 48.37 4.09
CA ASN C 469 1.35 49.24 3.93
C ASN C 469 1.00 50.52 3.20
N GLY C 470 -0.29 50.89 3.21
CA GLY C 470 -0.70 52.21 2.79
C GLY C 470 -0.74 52.46 1.30
N HIS C 471 -0.88 51.42 0.47
CA HIS C 471 -0.97 51.69 -0.96
C HIS C 471 -1.98 50.79 -1.66
N ALA C 472 -3.15 50.62 -1.05
CA ALA C 472 -4.28 50.12 -1.82
C ALA C 472 -4.62 51.12 -2.92
N ILE C 473 -5.06 50.61 -4.05
CA ILE C 473 -5.46 51.49 -5.16
C ILE C 473 -6.84 52.09 -4.92
N HIS C 474 -7.77 51.29 -4.40
CA HIS C 474 -9.19 51.64 -4.46
C HIS C 474 -9.76 52.15 -3.14
N ILE C 475 -8.91 52.52 -2.19
CA ILE C 475 -9.37 53.26 -1.04
C ILE C 475 -8.32 54.30 -0.70
N ALA C 476 -8.76 55.39 -0.08
CA ALA C 476 -7.80 56.34 0.45
C ALA C 476 -6.95 55.61 1.47
N ASN C 477 -5.66 55.93 1.49
CA ASN C 477 -4.73 55.29 2.40
C ASN C 477 -4.32 56.26 3.51
N ARG C 478 -4.02 55.68 4.67
CA ARG C 478 -3.47 56.45 5.79
C ARG C 478 -2.07 55.92 6.13
N HIS D 3 2.58 77.38 -27.50
CA HIS D 3 3.79 78.16 -27.10
C HIS D 3 4.17 78.02 -25.62
N MET D 4 3.27 77.52 -24.78
CA MET D 4 3.57 77.27 -23.37
C MET D 4 2.86 75.98 -22.95
N SER D 5 3.63 75.03 -22.45
CA SER D 5 3.11 73.74 -22.03
C SER D 5 3.00 73.67 -20.51
N GLN D 6 2.24 72.68 -20.04
CA GLN D 6 2.18 72.31 -18.64
C GLN D 6 3.08 71.10 -18.42
N LYS D 7 3.85 71.12 -17.34
CA LYS D 7 4.82 70.07 -17.06
C LYS D 7 4.23 69.04 -16.10
N PHE D 8 4.39 67.77 -16.43
CA PHE D 8 4.02 66.66 -15.57
C PHE D 8 5.13 65.62 -15.57
N ASP D 9 5.27 64.92 -14.44
CA ASP D 9 6.20 63.80 -14.41
C ASP D 9 5.67 62.63 -15.22
N VAL D 10 4.36 62.41 -15.17
CA VAL D 10 3.71 61.28 -15.83
C VAL D 10 2.43 61.80 -16.49
N VAL D 11 2.27 61.50 -17.78
CA VAL D 11 1.02 61.75 -18.49
C VAL D 11 0.48 60.40 -18.96
N VAL D 12 -0.74 60.08 -18.54
CA VAL D 12 -1.40 58.83 -18.90
C VAL D 12 -2.49 59.14 -19.92
N ILE D 13 -2.49 58.42 -21.04
CA ILE D 13 -3.52 58.53 -22.06
C ILE D 13 -4.46 57.36 -21.88
N GLY D 14 -5.67 57.64 -21.42
CA GLY D 14 -6.70 56.62 -21.18
C GLY D 14 -6.89 56.37 -19.70
N ALA D 15 -8.15 56.16 -19.29
CA ALA D 15 -8.48 55.93 -17.89
C ALA D 15 -9.23 54.63 -17.67
N GLY D 16 -8.93 53.60 -18.46
CA GLY D 16 -9.42 52.26 -18.18
C GLY D 16 -8.60 51.59 -17.08
N PRO D 17 -8.85 50.31 -16.84
CA PRO D 17 -8.11 49.60 -15.79
C PRO D 17 -6.60 49.80 -15.87
N GLY D 18 -6.04 49.90 -17.06
CA GLY D 18 -4.62 50.19 -17.17
C GLY D 18 -4.29 51.59 -16.72
N GLY D 19 -4.89 52.57 -17.42
CA GLY D 19 -4.48 53.96 -17.23
C GLY D 19 -4.85 54.53 -15.87
N TYR D 20 -6.07 54.27 -15.40
CA TYR D 20 -6.47 54.91 -14.14
C TYR D 20 -5.71 54.32 -12.96
N VAL D 21 -5.40 53.03 -13.00
CA VAL D 21 -4.58 52.42 -11.95
C VAL D 21 -3.15 52.92 -12.04
N ALA D 22 -2.59 52.99 -13.24
CA ALA D 22 -1.25 53.57 -13.41
C ALA D 22 -1.20 54.99 -12.86
N ALA D 23 -2.23 55.78 -13.12
CA ALA D 23 -2.23 57.17 -12.67
C ALA D 23 -2.25 57.25 -11.15
N ILE D 24 -3.11 56.46 -10.51
CA ILE D 24 -3.18 56.46 -9.05
C ILE D 24 -1.84 56.02 -8.46
N ARG D 25 -1.27 54.93 -8.98
CA ARG D 25 -0.02 54.43 -8.42
C ARG D 25 1.11 55.46 -8.60
N ALA D 26 1.20 56.07 -9.78
CA ALA D 26 2.22 57.10 -9.99
C ALA D 26 2.07 58.24 -8.99
N ALA D 27 0.83 58.68 -8.75
CA ALA D 27 0.60 59.74 -7.78
C ALA D 27 0.97 59.31 -6.38
N GLN D 28 0.64 58.07 -6.01
CA GLN D 28 1.03 57.55 -4.70
C GLN D 28 2.54 57.56 -4.53
N LEU D 29 3.27 57.39 -5.62
CA LEU D 29 4.73 57.36 -5.58
C LEU D 29 5.35 58.75 -5.64
N GLY D 30 4.55 59.81 -5.58
CA GLY D 30 5.06 61.17 -5.54
C GLY D 30 5.26 61.81 -6.89
N LEU D 31 4.79 61.20 -7.97
CA LEU D 31 4.97 61.73 -9.32
C LEU D 31 3.79 62.63 -9.66
N LYS D 32 4.09 63.81 -10.20
CA LYS D 32 3.04 64.73 -10.64
C LYS D 32 2.40 64.16 -11.90
N THR D 33 1.13 63.78 -11.80
CA THR D 33 0.52 62.89 -12.76
C THR D 33 -0.74 63.49 -13.36
N ALA D 34 -0.87 63.38 -14.68
CA ALA D 34 -2.07 63.74 -15.40
C ALA D 34 -2.63 62.49 -16.08
N CYS D 35 -3.97 62.45 -16.20
CA CYS D 35 -4.65 61.35 -16.90
C CYS D 35 -5.69 61.94 -17.83
N ILE D 36 -5.61 61.57 -19.11
CA ILE D 36 -6.46 62.13 -20.16
C ILE D 36 -7.48 61.08 -20.56
N GLU D 37 -8.76 61.48 -20.63
CA GLU D 37 -9.82 60.58 -21.03
C GLU D 37 -10.88 61.34 -21.82
N LYS D 38 -11.42 60.69 -22.85
CA LYS D 38 -12.40 61.31 -23.75
C LYS D 38 -13.80 60.70 -23.69
N TYR D 39 -13.96 59.53 -23.07
CA TYR D 39 -15.23 58.82 -23.15
C TYR D 39 -16.32 59.51 -22.34
N ILE D 40 -17.45 59.77 -22.99
CA ILE D 40 -18.65 60.31 -22.34
C ILE D 40 -19.57 59.14 -22.05
N GLY D 41 -19.87 58.92 -20.76
CA GLY D 41 -20.68 57.80 -20.36
C GLY D 41 -22.16 58.09 -20.42
N LYS D 42 -22.94 57.15 -19.87
CA LYS D 42 -24.39 57.20 -19.98
C LYS D 42 -24.97 58.39 -19.23
N GLU D 43 -24.27 58.90 -18.22
CA GLU D 43 -24.76 60.05 -17.47
C GLU D 43 -24.43 61.37 -18.15
N GLY D 44 -23.78 61.35 -19.31
CA GLY D 44 -23.42 62.55 -20.03
C GLY D 44 -22.15 63.24 -19.56
N LYS D 45 -21.45 62.67 -18.58
CA LYS D 45 -20.18 63.21 -18.13
C LYS D 45 -19.08 62.29 -18.59
N VAL D 46 -17.84 62.81 -18.64
CA VAL D 46 -16.72 61.93 -18.92
C VAL D 46 -16.72 60.88 -17.82
N ALA D 47 -16.60 59.61 -18.20
CA ALA D 47 -16.63 58.52 -17.25
C ALA D 47 -15.31 57.79 -17.31
N LEU D 48 -14.67 57.66 -16.15
CA LEU D 48 -13.43 56.92 -16.04
C LEU D 48 -13.76 55.43 -15.91
N GLY D 49 -12.72 54.60 -15.98
CA GLY D 49 -12.89 53.17 -15.81
C GLY D 49 -12.87 52.39 -17.11
N GLY D 50 -12.91 53.08 -18.26
CA GLY D 50 -12.69 52.43 -19.53
C GLY D 50 -13.79 51.48 -19.95
N THR D 51 -13.39 50.56 -20.84
CA THR D 51 -14.32 49.55 -21.33
C THR D 51 -14.86 48.72 -20.17
N CYS D 52 -13.97 48.31 -19.28
CA CYS D 52 -14.32 47.36 -18.23
C CYS D 52 -15.46 47.88 -17.37
N LEU D 53 -15.35 49.13 -16.91
CA LEU D 53 -16.38 49.64 -16.00
C LEU D 53 -17.63 50.07 -16.75
N ASN D 54 -17.49 50.64 -17.93
CA ASN D 54 -18.62 51.31 -18.57
C ASN D 54 -19.44 50.40 -19.49
N VAL D 55 -18.78 49.50 -20.23
CA VAL D 55 -19.47 48.71 -21.24
C VAL D 55 -18.93 47.29 -21.27
N GLY D 56 -18.33 46.84 -20.17
CA GLY D 56 -17.64 45.56 -20.17
C GLY D 56 -17.84 44.73 -18.92
N CYS D 57 -16.75 44.55 -18.15
CA CYS D 57 -16.75 43.69 -16.97
C CYS D 57 -17.97 43.93 -16.09
N ILE D 58 -18.12 45.16 -15.59
CA ILE D 58 -19.07 45.42 -14.52
C ILE D 58 -20.49 45.34 -15.04
N PRO D 59 -20.83 45.99 -16.17
CA PRO D 59 -22.20 45.86 -16.68
C PRO D 59 -22.59 44.42 -16.96
N SER D 60 -21.68 43.63 -17.56
CA SER D 60 -22.02 42.25 -17.86
CA SER D 60 -22.01 42.24 -17.85
C SER D 60 -22.27 41.47 -16.58
N LYS D 61 -21.42 41.64 -15.57
CA LYS D 61 -21.61 40.90 -14.34
C LYS D 61 -22.91 41.30 -13.65
N ALA D 62 -23.28 42.59 -13.74
CA ALA D 62 -24.55 43.03 -13.13
C ALA D 62 -25.73 42.32 -13.78
N LEU D 63 -25.76 42.29 -15.12
CA LEU D 63 -26.88 41.61 -15.79
C LEU D 63 -26.82 40.11 -15.61
N LEU D 64 -25.61 39.54 -15.53
CA LEU D 64 -25.51 38.11 -15.25
C LEU D 64 -26.08 37.76 -13.88
N ASP D 65 -25.76 38.57 -12.87
CA ASP D 65 -26.27 38.28 -11.53
C ASP D 65 -27.78 38.44 -11.46
N SER D 66 -28.33 39.50 -12.05
CA SER D 66 -29.79 39.70 -12.02
C SER D 66 -30.49 38.57 -12.75
N SER D 67 -30.02 38.25 -13.96
CA SER D 67 -30.67 37.23 -14.77
C SER D 67 -30.55 35.86 -14.12
N TYR D 68 -29.45 35.58 -13.43
CA TYR D 68 -29.35 34.31 -12.74
C TYR D 68 -30.35 34.19 -11.60
N LYS D 69 -30.53 35.26 -10.83
CA LYS D 69 -31.49 35.21 -9.73
C LYS D 69 -32.91 34.97 -10.25
N TYR D 70 -33.26 35.59 -11.37
CA TYR D 70 -34.55 35.32 -12.00
C TYR D 70 -34.65 33.87 -12.43
N HIS D 71 -33.61 33.37 -13.11
CA HIS D 71 -33.58 32.00 -13.60
C HIS D 71 -33.75 31.01 -12.46
N GLU D 72 -33.03 31.22 -11.35
CA GLU D 72 -33.14 30.28 -10.23
C GLU D 72 -34.54 30.28 -9.65
N ALA D 73 -35.17 31.46 -9.55
CA ALA D 73 -36.52 31.54 -9.03
C ALA D 73 -37.51 30.77 -9.89
N LYS D 74 -37.27 30.73 -11.20
CA LYS D 74 -38.20 30.06 -12.11
C LYS D 74 -38.00 28.55 -12.15
N GLU D 75 -36.77 28.06 -11.97
CA GLU D 75 -36.47 26.65 -12.25
C GLU D 75 -35.83 25.89 -11.10
N ALA D 76 -35.47 26.55 -9.99
CA ALA D 76 -34.70 25.86 -8.96
C ALA D 76 -35.10 26.31 -7.55
N PHE D 77 -36.37 26.67 -7.36
CA PHE D 77 -36.87 27.05 -6.04
C PHE D 77 -37.70 25.95 -5.39
N LYS D 78 -38.48 25.20 -6.18
CA LYS D 78 -39.42 24.25 -5.60
C LYS D 78 -38.72 23.18 -4.77
N VAL D 79 -37.50 22.78 -5.16
CA VAL D 79 -36.79 21.74 -4.41
C VAL D 79 -36.56 22.18 -2.98
N HIS D 80 -36.43 23.49 -2.74
CA HIS D 80 -36.25 24.04 -1.40
C HIS D 80 -37.55 24.20 -0.64
N GLY D 81 -38.68 23.91 -1.26
CA GLY D 81 -39.97 24.23 -0.68
C GLY D 81 -40.44 25.63 -0.95
N ILE D 82 -39.76 26.38 -1.82
CA ILE D 82 -40.13 27.76 -2.10
C ILE D 82 -41.09 27.75 -3.29
N GLU D 83 -42.26 28.33 -3.09
CA GLU D 83 -43.27 28.44 -4.14
C GLU D 83 -43.28 29.91 -4.51
N ALA D 84 -43.01 30.20 -5.77
CA ALA D 84 -43.01 31.57 -6.27
C ALA D 84 -43.99 31.61 -7.44
N LYS D 85 -45.10 32.31 -7.24
CA LYS D 85 -46.12 32.48 -8.26
C LYS D 85 -45.84 33.71 -9.10
N GLY D 86 -45.96 33.56 -10.42
CA GLY D 86 -45.89 34.69 -11.32
C GLY D 86 -44.65 35.53 -11.12
N VAL D 87 -43.51 34.98 -11.49
CA VAL D 87 -42.24 35.69 -11.41
C VAL D 87 -41.98 36.29 -12.78
N THR D 88 -41.69 37.59 -12.79
CA THR D 88 -41.44 38.33 -14.02
C THR D 88 -40.20 39.18 -13.85
N ILE D 89 -39.65 39.60 -14.98
CA ILE D 89 -38.47 40.47 -15.02
C ILE D 89 -38.84 41.72 -15.79
N ASP D 90 -38.56 42.88 -15.23
CA ASP D 90 -38.72 44.14 -15.93
C ASP D 90 -37.34 44.53 -16.44
N VAL D 91 -37.14 44.40 -17.74
CA VAL D 91 -35.81 44.64 -18.33
C VAL D 91 -35.35 46.08 -18.12
N PRO D 92 -36.17 47.10 -18.37
CA PRO D 92 -35.72 48.46 -18.08
C PRO D 92 -35.19 48.65 -16.66
N ALA D 93 -35.89 48.08 -15.67
CA ALA D 93 -35.43 48.21 -14.29
C ALA D 93 -34.12 47.46 -14.06
N MET D 94 -33.97 46.27 -14.65
CA MET D 94 -32.72 45.54 -14.52
C MET D 94 -31.55 46.34 -15.10
N VAL D 95 -31.75 46.94 -16.27
CA VAL D 95 -30.70 47.72 -16.89
C VAL D 95 -30.41 48.99 -16.08
N ALA D 96 -31.46 49.58 -15.50
CA ALA D 96 -31.27 50.78 -14.69
C ALA D 96 -30.44 50.49 -13.44
N ARG D 97 -30.62 49.30 -12.84
CA ARG D 97 -29.77 48.95 -11.71
C ARG D 97 -28.31 48.92 -12.14
N LYS D 98 -28.04 48.29 -13.28
CA LYS D 98 -26.69 48.26 -13.81
C LYS D 98 -26.15 49.66 -14.06
N ALA D 99 -26.99 50.53 -14.66
CA ALA D 99 -26.54 51.89 -14.93
C ALA D 99 -26.19 52.62 -13.64
N ASN D 100 -26.95 52.39 -12.57
CA ASN D 100 -26.65 53.07 -11.30
C ASN D 100 -25.36 52.55 -10.69
N ILE D 101 -25.09 51.25 -10.82
CA ILE D 101 -23.84 50.71 -10.34
C ILE D 101 -22.67 51.35 -11.07
N VAL D 102 -22.78 51.44 -12.40
CA VAL D 102 -21.73 52.07 -13.20
C VAL D 102 -21.52 53.51 -12.77
N LYS D 103 -22.62 54.25 -12.57
CA LYS D 103 -22.53 55.64 -12.15
C LYS D 103 -21.77 55.77 -10.84
N ASN D 104 -22.10 54.92 -9.87
CA ASN D 104 -21.44 54.99 -8.57
C ASN D 104 -19.95 54.66 -8.68
N LEU D 105 -19.61 53.63 -9.44
CA LEU D 105 -18.20 53.24 -9.53
C LEU D 105 -17.37 54.25 -10.31
N THR D 106 -17.92 54.82 -11.38
CA THR D 106 -17.17 55.85 -12.10
C THR D 106 -16.94 57.05 -11.21
N GLY D 107 -17.94 57.42 -10.41
CA GLY D 107 -17.74 58.49 -9.43
C GLY D 107 -16.67 58.12 -8.43
N GLY D 108 -16.59 56.84 -8.06
CA GLY D 108 -15.56 56.40 -7.13
C GLY D 108 -14.16 56.60 -7.65
N ILE D 109 -13.93 56.34 -8.94
CA ILE D 109 -12.61 56.57 -9.51
CA ILE D 109 -12.61 56.57 -9.51
C ILE D 109 -12.27 58.05 -9.48
N ALA D 110 -13.23 58.91 -9.83
CA ALA D 110 -12.98 60.35 -9.77
C ALA D 110 -12.61 60.76 -8.35
N THR D 111 -13.28 60.19 -7.35
CA THR D 111 -12.94 60.47 -5.96
C THR D 111 -11.51 60.02 -5.65
N LEU D 112 -11.12 58.85 -6.14
CA LEU D 112 -9.75 58.37 -5.94
C LEU D 112 -8.73 59.29 -6.61
N PHE D 113 -9.02 59.75 -7.83
CA PHE D 113 -8.12 60.68 -8.49
C PHE D 113 -7.93 61.94 -7.64
N LYS D 114 -9.04 62.49 -7.14
CA LYS D 114 -8.94 63.71 -6.34
C LYS D 114 -8.13 63.48 -5.07
N ALA D 115 -8.39 62.37 -4.38
CA ALA D 115 -7.70 62.11 -3.12
C ALA D 115 -6.21 61.91 -3.35
N ASN D 116 -5.82 61.37 -4.50
CA ASN D 116 -4.42 61.10 -4.78
C ASN D 116 -3.73 62.23 -5.51
N GLY D 117 -4.45 63.27 -5.92
CA GLY D 117 -3.84 64.38 -6.61
C GLY D 117 -3.59 64.18 -8.09
N VAL D 118 -4.31 63.26 -8.73
CA VAL D 118 -4.22 63.09 -10.18
C VAL D 118 -4.99 64.22 -10.84
N THR D 119 -4.37 64.86 -11.83
CA THR D 119 -5.02 65.89 -12.62
C THR D 119 -5.71 65.25 -13.82
N SER D 120 -7.01 65.49 -13.95
CA SER D 120 -7.78 64.94 -15.06
C SER D 120 -7.87 65.94 -16.20
N PHE D 121 -7.71 65.45 -17.41
CA PHE D 121 -8.01 66.21 -18.61
C PHE D 121 -9.09 65.48 -19.38
N GLU D 122 -10.05 66.24 -19.88
CA GLU D 122 -11.13 65.69 -20.70
C GLU D 122 -10.79 65.97 -22.15
N GLY D 123 -10.62 64.92 -22.92
CA GLY D 123 -10.31 65.07 -24.32
C GLY D 123 -9.46 63.93 -24.83
N HIS D 124 -8.98 64.12 -26.05
CA HIS D 124 -8.19 63.14 -26.78
C HIS D 124 -6.71 63.46 -26.64
N GLY D 125 -5.93 62.49 -26.19
CA GLY D 125 -4.50 62.63 -26.07
C GLY D 125 -3.79 62.02 -27.27
N LYS D 126 -2.80 62.73 -27.78
CA LYS D 126 -1.98 62.26 -28.88
C LYS D 126 -0.52 62.47 -28.53
N LEU D 127 0.29 61.43 -28.69
CA LEU D 127 1.71 61.53 -28.40
C LEU D 127 2.41 62.17 -29.58
N LEU D 128 3.06 63.32 -29.33
CA LEU D 128 3.90 63.98 -30.31
C LEU D 128 5.34 63.57 -30.09
N ALA D 129 6.23 64.09 -30.93
CA ALA D 129 7.64 63.85 -30.76
C ALA D 129 8.10 64.40 -29.41
N ASN D 130 9.16 63.81 -28.88
CA ASN D 130 9.87 64.33 -27.71
C ASN D 130 8.99 64.32 -26.46
N LYS D 131 8.10 63.33 -26.35
CA LYS D 131 7.30 63.10 -25.14
C LYS D 131 6.36 64.27 -24.83
N GLN D 132 6.02 65.08 -25.82
CA GLN D 132 4.96 66.06 -25.68
C GLN D 132 3.63 65.38 -26.00
N VAL D 133 2.61 65.65 -25.19
CA VAL D 133 1.29 65.07 -25.38
C VAL D 133 0.32 66.20 -25.67
N GLU D 134 -0.30 66.15 -26.84
CA GLU D 134 -1.30 67.12 -27.24
C GLU D 134 -2.67 66.63 -26.79
N VAL D 135 -3.37 67.48 -26.04
CA VAL D 135 -4.72 67.18 -25.57
C VAL D 135 -5.68 68.04 -26.37
N THR D 136 -6.55 67.41 -27.15
CA THR D 136 -7.64 68.09 -27.84
C THR D 136 -8.89 67.91 -26.99
N GLY D 137 -9.37 69.01 -26.42
CA GLY D 137 -10.51 68.90 -25.54
C GLY D 137 -11.78 68.59 -26.29
N LEU D 138 -12.83 68.33 -25.52
CA LEU D 138 -14.14 68.06 -26.09
C LEU D 138 -14.76 69.28 -26.72
N ASP D 139 -14.20 70.47 -26.47
CA ASP D 139 -14.53 71.71 -27.15
C ASP D 139 -13.58 72.00 -28.31
N GLY D 140 -12.69 71.06 -28.63
CA GLY D 140 -11.78 71.23 -29.74
C GLY D 140 -10.55 72.05 -29.47
N LYS D 141 -10.38 72.61 -28.28
CA LYS D 141 -9.19 73.41 -28.02
C LYS D 141 -8.03 72.50 -27.62
N THR D 142 -6.82 72.91 -27.99
CA THR D 142 -5.66 72.08 -27.78
C THR D 142 -4.73 72.71 -26.75
N GLN D 143 -4.07 71.83 -25.99
CA GLN D 143 -2.97 72.21 -25.12
C GLN D 143 -1.97 71.08 -25.12
N VAL D 144 -0.71 71.42 -24.88
CA VAL D 144 0.38 70.46 -24.92
C VAL D 144 0.92 70.27 -23.51
N LEU D 145 1.09 69.01 -23.12
CA LEU D 145 1.70 68.68 -21.84
C LEU D 145 3.13 68.23 -22.08
N GLU D 146 4.06 68.78 -21.31
CA GLU D 146 5.46 68.38 -21.36
C GLU D 146 5.65 67.30 -20.32
N ALA D 147 5.89 66.07 -20.78
CA ALA D 147 5.90 64.90 -19.92
C ALA D 147 7.30 64.34 -19.79
N GLU D 148 7.69 64.02 -18.56
CA GLU D 148 8.92 63.26 -18.37
C GLU D 148 8.73 61.80 -18.76
N ASN D 149 7.51 61.29 -18.57
CA ASN D 149 7.16 59.93 -18.96
C ASN D 149 5.72 59.92 -19.44
N VAL D 150 5.44 59.07 -20.42
CA VAL D 150 4.10 58.90 -20.97
C VAL D 150 3.70 57.45 -20.83
N ILE D 151 2.47 57.22 -20.39
CA ILE D 151 1.89 55.87 -20.29
C ILE D 151 0.69 55.84 -21.23
N ILE D 152 0.81 55.06 -22.29
CA ILE D 152 -0.25 54.91 -23.29
C ILE D 152 -1.13 53.75 -22.86
N ALA D 153 -2.41 54.02 -22.67
CA ALA D 153 -3.36 53.01 -22.20
C ALA D 153 -4.71 53.19 -22.91
N SER D 154 -4.66 53.17 -24.24
CA SER D 154 -5.80 53.50 -25.09
C SER D 154 -6.75 52.33 -25.32
N GLY D 155 -6.41 51.13 -24.88
CA GLY D 155 -7.40 50.06 -24.82
C GLY D 155 -7.75 49.45 -26.16
N SER D 156 -9.01 49.01 -26.24
CA SER D 156 -9.50 48.20 -27.36
C SER D 156 -10.92 48.59 -27.71
N ARG D 157 -11.42 47.99 -28.78
CA ARG D 157 -12.81 48.11 -29.17
C ARG D 157 -13.21 46.84 -29.89
N PRO D 158 -14.50 46.63 -30.12
CA PRO D 158 -14.93 45.39 -30.78
C PRO D 158 -14.40 45.30 -32.21
N VAL D 159 -14.09 44.06 -32.60
CA VAL D 159 -13.82 43.76 -34.00
C VAL D 159 -15.11 43.89 -34.80
N GLU D 160 -15.00 44.45 -35.99
CA GLU D 160 -16.12 44.59 -36.92
C GLU D 160 -15.91 43.63 -38.07
N ILE D 161 -16.99 43.04 -38.57
CA ILE D 161 -16.91 42.15 -39.73
C ILE D 161 -17.91 42.58 -40.79
N PRO D 162 -17.54 42.62 -42.08
CA PRO D 162 -18.46 43.11 -43.11
C PRO D 162 -19.73 42.27 -43.20
N PRO D 163 -19.67 40.96 -42.93
CA PRO D 163 -20.90 40.16 -43.00
C PRO D 163 -21.97 40.56 -42.00
N ALA D 164 -21.64 41.28 -40.93
CA ALA D 164 -22.60 41.64 -39.90
C ALA D 164 -22.25 43.03 -39.36
N PRO D 165 -22.47 44.07 -40.17
CA PRO D 165 -22.18 45.43 -39.70
C PRO D 165 -23.26 45.90 -38.74
N LEU D 166 -22.85 46.67 -37.74
CA LEU D 166 -23.82 47.23 -36.81
C LEU D 166 -24.88 48.01 -37.59
N THR D 167 -26.15 47.76 -37.26
CA THR D 167 -27.26 48.27 -38.05
C THR D 167 -28.38 48.67 -37.09
N ASP D 168 -28.70 49.96 -37.06
CA ASP D 168 -29.77 50.47 -36.21
C ASP D 168 -29.63 49.90 -34.81
N ASP D 169 -30.66 49.21 -34.31
CA ASP D 169 -30.58 48.49 -33.05
C ASP D 169 -30.81 47.00 -33.23
N ILE D 170 -30.70 46.50 -34.46
CA ILE D 170 -30.93 45.09 -34.76
C ILE D 170 -29.64 44.30 -34.69
N ILE D 171 -28.57 44.79 -35.32
CA ILE D 171 -27.24 44.17 -35.22
C ILE D 171 -26.41 45.06 -34.32
N VAL D 172 -25.97 44.50 -33.19
CA VAL D 172 -25.27 45.26 -32.15
C VAL D 172 -23.99 44.53 -31.79
N ASP D 173 -23.09 45.25 -31.12
CA ASP D 173 -21.95 44.62 -30.48
C ASP D 173 -22.22 44.47 -28.99
N SER D 174 -21.19 44.16 -28.22
CA SER D 174 -21.37 43.93 -26.79
C SER D 174 -21.94 45.15 -26.08
N THR D 175 -21.63 46.35 -26.55
CA THR D 175 -22.15 47.56 -25.91
C THR D 175 -23.67 47.64 -26.05
N GLY D 176 -24.19 47.42 -27.26
CA GLY D 176 -25.63 47.43 -27.44
C GLY D 176 -26.33 46.28 -26.76
N ALA D 177 -25.67 45.13 -26.66
CA ALA D 177 -26.27 43.97 -26.02
C ALA D 177 -26.52 44.19 -24.53
N LEU D 178 -25.80 45.13 -23.92
CA LEU D 178 -25.97 45.48 -22.52
C LEU D 178 -27.03 46.56 -22.32
N GLU D 179 -27.71 46.96 -23.40
CA GLU D 179 -28.66 48.05 -23.36
C GLU D 179 -30.04 47.67 -23.90
N PHE D 180 -30.29 46.40 -24.22
CA PHE D 180 -31.62 46.01 -24.63
C PHE D 180 -32.63 46.42 -23.57
N GLN D 181 -33.78 46.93 -24.02
CA GLN D 181 -34.86 47.34 -23.12
C GLN D 181 -35.99 46.32 -23.09
N ALA D 182 -35.88 45.24 -23.85
CA ALA D 182 -36.84 44.15 -23.81
C ALA D 182 -36.10 42.86 -24.19
N VAL D 183 -36.64 41.73 -23.75
CA VAL D 183 -36.06 40.44 -24.09
C VAL D 183 -36.33 40.17 -25.57
N PRO D 184 -35.31 40.03 -26.42
CA PRO D 184 -35.58 39.61 -27.80
C PRO D 184 -36.15 38.20 -27.84
N LYS D 185 -37.13 37.98 -28.72
CA LYS D 185 -37.74 36.66 -28.81
C LYS D 185 -36.75 35.64 -29.32
N LYS D 186 -36.04 35.98 -30.40
CA LYS D 186 -35.01 35.11 -30.96
C LYS D 186 -33.72 35.92 -31.09
N LEU D 187 -32.66 35.44 -30.45
CA LEU D 187 -31.40 36.17 -30.37
C LEU D 187 -30.28 35.35 -31.01
N GLY D 188 -29.57 35.98 -31.93
CA GLY D 188 -28.38 35.38 -32.51
C GLY D 188 -27.12 36.02 -31.94
N VAL D 189 -26.09 35.21 -31.76
CA VAL D 189 -24.79 35.67 -31.29
C VAL D 189 -23.73 35.10 -32.23
N ILE D 190 -22.86 35.95 -32.75
CA ILE D 190 -21.74 35.51 -33.56
C ILE D 190 -20.52 35.48 -32.65
N GLY D 191 -19.99 34.28 -32.43
CA GLY D 191 -18.83 34.09 -31.58
C GLY D 191 -19.17 33.44 -30.26
N ALA D 192 -18.60 32.26 -30.02
CA ALA D 192 -18.79 31.54 -28.76
C ALA D 192 -17.59 31.70 -27.85
N GLY D 193 -16.99 32.89 -27.82
CA GLY D 193 -15.99 33.23 -26.84
C GLY D 193 -16.63 33.70 -25.56
N VAL D 194 -15.80 34.22 -24.66
CA VAL D 194 -16.28 34.60 -23.33
C VAL D 194 -17.43 35.60 -23.44
N ILE D 195 -17.27 36.62 -24.28
CA ILE D 195 -18.28 37.67 -24.36
C ILE D 195 -19.59 37.11 -24.93
N GLY D 196 -19.50 36.33 -26.00
CA GLY D 196 -20.71 35.76 -26.58
C GLY D 196 -21.44 34.84 -25.63
N LEU D 197 -20.70 34.03 -24.87
CA LEU D 197 -21.35 33.10 -23.94
C LEU D 197 -21.98 33.84 -22.77
N GLU D 198 -21.33 34.88 -22.26
CA GLU D 198 -21.90 35.65 -21.16
C GLU D 198 -23.16 36.39 -21.60
N LEU D 199 -23.09 37.08 -22.73
CA LEU D 199 -24.25 37.84 -23.18
C LEU D 199 -25.38 36.91 -23.60
N GLY D 200 -25.06 35.81 -24.27
CA GLY D 200 -26.07 34.82 -24.58
C GLY D 200 -26.74 34.25 -23.34
N SER D 201 -25.97 34.05 -22.27
CA SER D 201 -26.53 33.52 -21.04
C SER D 201 -27.54 34.50 -20.43
N VAL D 202 -27.18 35.78 -20.39
CA VAL D 202 -28.09 36.79 -19.84
C VAL D 202 -29.46 36.66 -20.47
N TRP D 203 -29.52 36.71 -21.79
CA TRP D 203 -30.80 36.82 -22.45
C TRP D 203 -31.52 35.47 -22.55
N ALA D 204 -30.79 34.36 -22.64
CA ALA D 204 -31.43 33.06 -22.57
C ALA D 204 -32.17 32.88 -21.24
N ARG D 205 -31.55 33.31 -20.13
CA ARG D 205 -32.19 33.18 -18.83
C ARG D 205 -33.50 33.93 -18.77
N LEU D 206 -33.60 35.06 -19.48
CA LEU D 206 -34.77 35.91 -19.42
C LEU D 206 -35.83 35.55 -20.47
N GLY D 207 -35.61 34.49 -21.24
CA GLY D 207 -36.62 33.95 -22.13
C GLY D 207 -36.29 33.98 -23.61
N ALA D 208 -35.17 34.57 -24.01
CA ALA D 208 -34.81 34.59 -25.43
C ALA D 208 -34.43 33.20 -25.91
N GLU D 209 -34.77 32.90 -27.17
CA GLU D 209 -34.26 31.70 -27.83
C GLU D 209 -32.94 32.09 -28.49
N VAL D 210 -31.84 31.55 -27.97
CA VAL D 210 -30.50 32.02 -28.28
C VAL D 210 -29.77 30.98 -29.11
N THR D 211 -29.21 31.42 -30.24
CA THR D 211 -28.30 30.61 -31.04
C THR D 211 -26.95 31.31 -31.09
N VAL D 212 -25.89 30.57 -30.84
CA VAL D 212 -24.52 31.08 -30.90
C VAL D 212 -23.81 30.41 -32.07
N LEU D 213 -23.39 31.20 -33.03
CA LEU D 213 -22.71 30.70 -34.23
C LEU D 213 -21.22 30.93 -34.06
N GLU D 214 -20.45 29.84 -34.05
CA GLU D 214 -19.02 29.88 -33.77
C GLU D 214 -18.28 29.21 -34.93
N ALA D 215 -17.31 29.93 -35.50
CA ALA D 215 -16.63 29.44 -36.70
C ALA D 215 -15.75 28.24 -36.42
N LEU D 216 -15.11 28.18 -35.25
CA LEU D 216 -14.19 27.10 -34.95
C LEU D 216 -14.93 25.81 -34.60
N ASP D 217 -14.28 24.68 -34.90
CA ASP D 217 -14.82 23.39 -34.50
C ASP D 217 -14.66 23.14 -33.02
N LYS D 218 -13.66 23.74 -32.39
CA LYS D 218 -13.31 23.47 -31.00
C LYS D 218 -13.90 24.54 -30.10
N PHE D 219 -14.59 24.11 -29.04
CA PHE D 219 -15.19 25.01 -28.08
C PHE D 219 -14.17 25.40 -27.01
N LEU D 220 -14.12 26.69 -26.68
CA LEU D 220 -13.22 27.24 -25.68
C LEU D 220 -11.82 26.63 -25.77
N PRO D 221 -11.13 26.81 -26.90
CA PRO D 221 -9.85 26.13 -27.09
C PRO D 221 -8.78 26.50 -26.07
N ALA D 222 -8.86 27.68 -25.46
CA ALA D 222 -7.87 28.07 -24.46
C ALA D 222 -8.11 27.39 -23.11
N ALA D 223 -9.33 26.93 -22.85
CA ALA D 223 -9.62 26.26 -21.60
C ALA D 223 -9.15 24.82 -21.65
N ASP D 224 -9.02 24.22 -20.48
CA ASP D 224 -8.71 22.79 -20.41
C ASP D 224 -9.84 22.01 -21.07
N GLU D 225 -9.47 20.98 -21.83
CA GLU D 225 -10.45 20.28 -22.66
C GLU D 225 -11.57 19.68 -21.83
N GLN D 226 -11.25 19.13 -20.65
CA GLN D 226 -12.30 18.55 -19.82
C GLN D 226 -13.25 19.62 -19.32
N ILE D 227 -12.72 20.79 -18.95
CA ILE D 227 -13.54 21.91 -18.52
C ILE D 227 -14.43 22.39 -19.66
N ALA D 228 -13.86 22.52 -20.85
CA ALA D 228 -14.63 23.00 -21.99
C ALA D 228 -15.76 22.04 -22.32
N LYS D 229 -15.50 20.74 -22.22
CA LYS D 229 -16.54 19.76 -22.49
C LYS D 229 -17.69 19.89 -21.49
N GLU D 230 -17.37 20.03 -20.20
CA GLU D 230 -18.40 20.23 -19.20
C GLU D 230 -19.15 21.53 -19.42
N ALA D 231 -18.43 22.60 -19.80
CA ALA D 231 -19.07 23.88 -20.06
C ALA D 231 -20.07 23.76 -21.21
N LEU D 232 -19.67 23.11 -22.30
CA LEU D 232 -20.58 22.97 -23.43
C LEU D 232 -21.83 22.20 -23.04
N LYS D 233 -21.66 21.15 -22.24
CA LYS D 233 -22.80 20.35 -21.80
C LYS D 233 -23.79 21.19 -21.00
N VAL D 234 -23.29 21.95 -20.02
CA VAL D 234 -24.21 22.67 -19.14
C VAL D 234 -24.84 23.85 -19.86
N LEU D 235 -24.08 24.54 -20.71
CA LEU D 235 -24.66 25.67 -21.44
C LEU D 235 -25.71 25.18 -22.43
N THR D 236 -25.53 23.98 -22.98
CA THR D 236 -26.58 23.39 -23.81
C THR D 236 -27.83 23.11 -22.99
N LYS D 237 -27.67 22.59 -21.77
CA LYS D 237 -28.83 22.36 -20.93
C LYS D 237 -29.56 23.66 -20.63
N GLN D 238 -28.83 24.77 -20.54
CA GLN D 238 -29.38 26.09 -20.26
C GLN D 238 -30.03 26.75 -21.46
N GLY D 239 -30.00 26.13 -22.63
CA GLY D 239 -30.72 26.66 -23.77
C GLY D 239 -29.89 27.41 -24.78
N LEU D 240 -28.57 27.45 -24.62
CA LEU D 240 -27.71 28.07 -25.62
C LEU D 240 -27.47 27.07 -26.74
N ASN D 241 -28.06 27.34 -27.89
CA ASN D 241 -27.86 26.48 -29.06
C ASN D 241 -26.53 26.88 -29.69
N ILE D 242 -25.46 26.26 -29.21
CA ILE D 242 -24.11 26.59 -29.68
C ILE D 242 -23.82 25.73 -30.90
N ARG D 243 -23.62 26.39 -32.05
CA ARG D 243 -23.33 25.70 -33.31
C ARG D 243 -21.86 25.94 -33.65
N LEU D 244 -21.07 24.88 -33.55
CA LEU D 244 -19.65 24.94 -33.84
C LEU D 244 -19.42 24.67 -35.33
N GLY D 245 -18.27 25.13 -35.81
CA GLY D 245 -17.98 25.01 -37.24
C GLY D 245 -18.98 25.75 -38.10
N ALA D 246 -19.50 26.88 -37.62
CA ALA D 246 -20.54 27.64 -38.30
C ALA D 246 -20.03 29.06 -38.51
N ARG D 247 -19.70 29.41 -39.74
CA ARG D 247 -19.11 30.70 -40.07
C ARG D 247 -20.14 31.58 -40.77
N VAL D 248 -20.46 32.72 -40.14
CA VAL D 248 -21.36 33.68 -40.75
C VAL D 248 -20.68 34.33 -41.94
N THR D 249 -21.38 34.37 -43.08
CA THR D 249 -20.86 34.96 -44.31
C THR D 249 -21.68 36.16 -44.80
N ALA D 250 -22.90 36.35 -44.33
CA ALA D 250 -23.73 37.45 -44.80
C ALA D 250 -24.89 37.64 -43.82
N SER D 251 -25.51 38.82 -43.88
CA SER D 251 -26.71 39.10 -43.12
C SER D 251 -27.60 40.06 -43.91
N GLU D 252 -28.90 40.02 -43.63
CA GLU D 252 -29.88 40.85 -44.30
C GLU D 252 -30.92 41.32 -43.28
N VAL D 253 -31.10 42.63 -43.19
CA VAL D 253 -32.05 43.24 -42.25
C VAL D 253 -33.31 43.64 -43.01
N LYS D 254 -34.47 43.22 -42.49
CA LYS D 254 -35.75 43.59 -43.09
C LYS D 254 -36.85 43.40 -42.04
N LYS D 255 -37.72 44.40 -41.92
CA LYS D 255 -38.91 44.30 -41.08
C LYS D 255 -38.57 44.00 -39.62
N LYS D 256 -37.58 44.71 -39.09
CA LYS D 256 -37.19 44.59 -37.69
C LYS D 256 -36.67 43.20 -37.35
N GLN D 257 -36.12 42.51 -38.34
CA GLN D 257 -35.47 41.23 -38.12
C GLN D 257 -34.25 41.13 -39.02
N VAL D 258 -33.38 40.18 -38.70
CA VAL D 258 -32.13 39.97 -39.43
C VAL D 258 -31.98 38.50 -39.75
N THR D 259 -31.77 38.19 -41.02
CA THR D 259 -31.51 36.82 -41.47
C THR D 259 -30.01 36.66 -41.70
N VAL D 260 -29.42 35.66 -41.05
CA VAL D 260 -27.99 35.41 -41.13
C VAL D 260 -27.76 34.22 -42.03
N THR D 261 -26.80 34.34 -42.94
CA THR D 261 -26.35 33.23 -43.77
C THR D 261 -25.02 32.74 -43.22
N PHE D 262 -24.91 31.43 -43.02
CA PHE D 262 -23.67 30.85 -42.51
C PHE D 262 -23.44 29.48 -43.12
N THR D 263 -22.18 29.07 -43.12
CA THR D 263 -21.76 27.79 -43.67
C THR D 263 -21.37 26.86 -42.53
N ASP D 264 -21.97 25.68 -42.49
CA ASP D 264 -21.55 24.64 -41.56
C ASP D 264 -21.23 23.35 -42.30
N ALA D 265 -21.05 22.25 -41.56
CA ALA D 265 -20.63 21.00 -42.19
C ALA D 265 -21.61 20.54 -43.26
N ASN D 266 -22.87 20.92 -43.15
CA ASN D 266 -23.91 20.48 -44.08
C ASN D 266 -24.20 21.50 -45.18
N GLY D 267 -23.38 22.54 -45.30
CA GLY D 267 -23.53 23.49 -46.39
C GLY D 267 -24.05 24.84 -45.95
N GLU D 268 -24.72 25.55 -46.86
CA GLU D 268 -25.21 26.88 -46.57
C GLU D 268 -26.49 26.81 -45.76
N GLN D 269 -26.55 27.60 -44.69
CA GLN D 269 -27.69 27.63 -43.80
C GLN D 269 -28.15 29.08 -43.64
N LYS D 270 -29.41 29.24 -43.26
CA LYS D 270 -29.95 30.54 -42.95
C LYS D 270 -30.75 30.46 -41.65
N GLU D 271 -30.70 31.53 -40.86
CA GLU D 271 -31.47 31.62 -39.64
C GLU D 271 -31.81 33.08 -39.40
N THR D 272 -33.04 33.33 -38.92
CA THR D 272 -33.55 34.68 -38.73
C THR D 272 -33.73 34.96 -37.24
N PHE D 273 -33.39 36.18 -36.84
CA PHE D 273 -33.41 36.59 -35.44
C PHE D 273 -34.03 37.97 -35.32
N ASP D 274 -34.51 38.29 -34.11
CA ASP D 274 -34.97 39.65 -33.83
C ASP D 274 -33.80 40.58 -33.49
N LYS D 275 -32.72 40.04 -32.93
CA LYS D 275 -31.53 40.80 -32.63
C LYS D 275 -30.32 39.91 -32.89
N LEU D 276 -29.20 40.54 -33.26
CA LEU D 276 -27.96 39.82 -33.55
C LEU D 276 -26.82 40.54 -32.83
N ILE D 277 -26.10 39.81 -31.99
CA ILE D 277 -24.95 40.32 -31.27
C ILE D 277 -23.69 39.84 -31.98
N VAL D 278 -22.82 40.77 -32.33
CA VAL D 278 -21.52 40.46 -32.93
C VAL D 278 -20.49 40.47 -31.82
N ALA D 279 -19.93 39.29 -31.52
CA ALA D 279 -18.96 39.13 -30.43
C ALA D 279 -17.76 38.33 -30.95
N VAL D 280 -17.08 38.90 -31.94
CA VAL D 280 -16.05 38.19 -32.68
C VAL D 280 -14.64 38.67 -32.32
N GLY D 281 -14.47 39.24 -31.13
CA GLY D 281 -13.16 39.60 -30.62
C GLY D 281 -13.00 41.10 -30.48
N ARG D 282 -11.80 41.47 -30.05
CA ARG D 282 -11.47 42.86 -29.80
C ARG D 282 -10.11 43.20 -30.38
N ARG D 283 -9.95 44.47 -30.75
CA ARG D 283 -8.77 44.95 -31.43
C ARG D 283 -8.22 46.18 -30.72
N PRO D 284 -6.91 46.38 -30.77
CA PRO D 284 -6.31 47.53 -30.09
C PRO D 284 -6.69 48.85 -30.76
N VAL D 285 -6.79 49.89 -29.95
CA VAL D 285 -7.14 51.22 -30.40
C VAL D 285 -5.90 52.10 -30.45
N THR D 286 -5.54 52.55 -31.65
CA THR D 286 -4.45 53.49 -31.84
C THR D 286 -4.88 54.69 -32.67
N THR D 287 -6.19 54.90 -32.82
CA THR D 287 -6.73 55.93 -33.69
C THR D 287 -6.25 57.31 -33.26
N ASP D 288 -5.50 57.99 -34.14
CA ASP D 288 -5.03 59.36 -33.90
C ASP D 288 -4.21 59.46 -32.62
N LEU D 289 -3.61 58.35 -32.21
CA LEU D 289 -2.91 58.27 -30.94
C LEU D 289 -1.45 58.70 -31.02
N LEU D 290 -0.79 58.49 -32.14
CA LEU D 290 0.65 58.68 -32.27
C LEU D 290 0.92 59.58 -33.47
N ALA D 291 1.62 60.69 -33.24
CA ALA D 291 2.12 61.47 -34.37
C ALA D 291 3.06 60.61 -35.20
N ALA D 292 3.16 60.95 -36.49
CA ALA D 292 3.99 60.16 -37.38
C ALA D 292 5.46 60.13 -36.94
N ASP D 293 5.90 61.17 -36.22
CA ASP D 293 7.28 61.24 -35.74
C ASP D 293 7.38 61.03 -34.23
N SER D 294 6.40 60.35 -33.62
CA SER D 294 6.44 60.11 -32.18
C SER D 294 7.57 59.15 -31.81
N GLY D 295 7.97 58.28 -32.74
CA GLY D 295 8.95 57.26 -32.47
C GLY D 295 8.40 55.93 -32.01
N VAL D 296 7.11 55.85 -31.69
CA VAL D 296 6.49 54.63 -31.20
C VAL D 296 6.06 53.78 -32.39
N THR D 297 6.36 52.49 -32.34
CA THR D 297 6.09 51.58 -33.43
C THR D 297 4.99 50.59 -33.07
N LEU D 298 4.31 50.10 -34.10
CA LEU D 298 3.26 49.09 -33.97
C LEU D 298 3.75 47.78 -34.57
N ASP D 299 3.20 46.67 -34.06
CA ASP D 299 3.47 45.38 -34.67
C ASP D 299 2.49 45.12 -35.81
N GLU D 300 2.64 43.98 -36.47
CA GLU D 300 1.82 43.68 -37.64
C GLU D 300 0.34 43.56 -37.31
N ARG D 301 -0.01 43.32 -36.05
CA ARG D 301 -1.40 43.19 -35.63
C ARG D 301 -2.00 44.49 -35.12
N GLY D 302 -1.25 45.58 -35.15
CA GLY D 302 -1.76 46.87 -34.71
C GLY D 302 -1.54 47.18 -33.25
N PHE D 303 -0.89 46.30 -32.50
CA PHE D 303 -0.56 46.59 -31.11
C PHE D 303 0.70 47.44 -31.04
N ILE D 304 0.81 48.22 -29.98
CA ILE D 304 2.04 48.98 -29.75
C ILE D 304 3.14 48.02 -29.31
N TYR D 305 4.30 48.15 -29.95
CA TYR D 305 5.43 47.27 -29.67
C TYR D 305 6.08 47.67 -28.35
N VAL D 306 6.15 46.72 -27.41
CA VAL D 306 6.76 46.97 -26.11
C VAL D 306 7.58 45.74 -25.70
N ASP D 307 8.49 45.96 -24.75
CA ASP D 307 9.25 44.87 -24.16
C ASP D 307 8.48 44.31 -22.97
N ASP D 308 9.12 43.41 -22.20
CA ASP D 308 8.45 42.76 -21.08
C ASP D 308 8.16 43.70 -19.93
N HIS D 309 8.69 44.92 -19.95
CA HIS D 309 8.37 45.95 -18.96
C HIS D 309 7.41 46.98 -19.51
N CYS D 310 6.80 46.71 -20.67
CA CYS D 310 5.85 47.61 -21.32
C CYS D 310 6.50 48.91 -21.80
N LYS D 311 7.81 48.89 -22.05
CA LYS D 311 8.50 50.06 -22.58
C LYS D 311 8.45 50.01 -24.11
N THR D 312 8.08 51.13 -24.73
CA THR D 312 8.05 51.24 -26.18
C THR D 312 9.46 51.46 -26.71
N SER D 313 9.55 51.74 -28.01
CA SER D 313 10.82 52.04 -28.65
CA SER D 313 10.81 52.04 -28.66
C SER D 313 11.34 53.42 -28.29
N VAL D 314 10.59 54.21 -27.55
CA VAL D 314 11.00 55.56 -27.14
C VAL D 314 11.24 55.53 -25.64
N PRO D 315 12.44 55.87 -25.15
CA PRO D 315 12.65 55.90 -23.70
C PRO D 315 11.67 56.84 -23.02
N GLY D 316 11.17 56.42 -21.87
CA GLY D 316 10.20 57.20 -21.14
C GLY D 316 8.78 57.10 -21.64
N VAL D 317 8.53 56.29 -22.68
CA VAL D 317 7.18 56.08 -23.20
C VAL D 317 6.86 54.60 -23.05
N PHE D 318 5.75 54.33 -22.37
CA PHE D 318 5.30 52.98 -22.07
C PHE D 318 3.89 52.81 -22.61
N ALA D 319 3.52 51.55 -22.81
CA ALA D 319 2.16 51.23 -23.26
C ALA D 319 1.72 49.96 -22.56
N ILE D 320 0.46 49.95 -22.10
CA ILE D 320 -0.04 48.92 -21.22
C ILE D 320 -1.45 48.51 -21.63
N GLY D 321 -1.88 47.36 -21.11
CA GLY D 321 -3.27 46.96 -21.26
C GLY D 321 -3.56 46.37 -22.64
N ASP D 322 -4.81 46.57 -23.08
CA ASP D 322 -5.29 45.93 -24.30
C ASP D 322 -4.59 46.43 -25.55
N VAL D 323 -3.90 47.57 -25.49
CA VAL D 323 -3.21 48.10 -26.67
C VAL D 323 -1.87 47.42 -26.92
N VAL D 324 -1.42 46.54 -26.03
CA VAL D 324 -0.16 45.80 -26.21
C VAL D 324 -0.43 44.31 -26.10
N ARG D 325 0.63 43.54 -26.39
CA ARG D 325 0.54 42.08 -26.38
C ARG D 325 0.12 41.56 -25.01
N GLY D 326 -0.42 40.35 -25.01
CA GLY D 326 -0.79 39.67 -23.80
C GLY D 326 -2.30 39.55 -23.65
N ALA D 327 -2.69 38.89 -22.57
CA ALA D 327 -4.10 38.63 -22.32
C ALA D 327 -4.86 39.95 -22.21
N MET D 328 -5.94 40.07 -22.97
CA MET D 328 -6.75 41.28 -22.98
C MET D 328 -7.76 41.18 -21.83
N LEU D 329 -7.26 41.43 -20.63
CA LEU D 329 -8.02 41.29 -19.39
C LEU D 329 -7.74 42.49 -18.51
N ALA D 330 -8.73 42.84 -17.68
CA ALA D 330 -8.64 44.05 -16.88
C ALA D 330 -7.52 43.95 -15.84
N HIS D 331 -7.39 42.79 -15.18
CA HIS D 331 -6.36 42.64 -14.15
C HIS D 331 -4.97 42.58 -14.75
N LYS D 332 -4.84 42.14 -16.00
CA LYS D 332 -3.57 42.23 -16.69
C LYS D 332 -3.19 43.69 -16.95
N ALA D 333 -4.15 44.49 -17.43
CA ALA D 333 -3.90 45.90 -17.70
C ALA D 333 -3.51 46.65 -16.42
N SER D 334 -4.24 46.42 -15.33
CA SER D 334 -3.97 47.14 -14.10
CA SER D 334 -3.97 47.15 -14.10
C SER D 334 -2.61 46.78 -13.52
N GLU D 335 -2.24 45.49 -13.58
CA GLU D 335 -0.93 45.09 -13.08
C GLU D 335 0.20 45.68 -13.90
N GLU D 336 0.01 45.80 -15.22
CA GLU D 336 1.00 46.48 -16.05
C GLU D 336 1.10 47.95 -15.68
N GLY D 337 -0.04 48.59 -15.38
CA GLY D 337 -0.02 49.96 -14.93
C GLY D 337 0.79 50.15 -13.66
N VAL D 338 0.61 49.25 -12.69
CA VAL D 338 1.38 49.31 -11.46
C VAL D 338 2.86 49.15 -11.75
N MET D 339 3.22 48.15 -12.57
CA MET D 339 4.63 47.92 -12.90
C MET D 339 5.25 49.18 -13.51
N VAL D 340 4.57 49.78 -14.49
CA VAL D 340 5.15 50.93 -15.17
C VAL D 340 5.32 52.10 -14.22
N ALA D 341 4.31 52.39 -13.40
CA ALA D 341 4.43 53.49 -12.45
C ALA D 341 5.60 53.27 -11.50
N GLU D 342 5.73 52.04 -10.98
CA GLU D 342 6.82 51.76 -10.05
C GLU D 342 8.18 51.88 -10.73
N ARG D 343 8.26 51.48 -12.00
CA ARG D 343 9.52 51.60 -12.72
C ARG D 343 9.88 53.06 -12.99
N ILE D 344 8.89 53.90 -13.29
CA ILE D 344 9.16 55.32 -13.45
C ILE D 344 9.72 55.90 -12.16
N ALA D 345 9.22 55.42 -11.02
CA ALA D 345 9.67 55.88 -9.72
C ALA D 345 11.02 55.31 -9.32
N GLY D 346 11.65 54.49 -10.16
CA GLY D 346 12.99 54.01 -9.92
C GLY D 346 13.09 52.59 -9.43
N HIS D 347 11.98 51.86 -9.35
CA HIS D 347 11.98 50.47 -8.88
C HIS D 347 12.08 49.52 -10.06
N LYS D 348 12.90 48.48 -9.92
CA LYS D 348 13.05 47.48 -10.99
C LYS D 348 11.92 46.45 -10.90
N ALA D 349 10.70 46.97 -11.03
CA ALA D 349 9.50 46.15 -10.94
C ALA D 349 9.36 45.28 -12.18
N GLN D 350 8.81 44.08 -11.97
CA GLN D 350 8.64 43.09 -13.02
C GLN D 350 7.18 42.67 -13.04
N MET D 351 6.78 42.00 -14.12
CA MET D 351 5.45 41.43 -14.22
C MET D 351 5.51 39.93 -14.41
N ASN D 352 4.64 39.24 -13.67
CA ASN D 352 4.44 37.81 -13.81
C ASN D 352 3.30 37.59 -14.79
N TYR D 353 3.63 37.20 -16.01
CA TYR D 353 2.65 36.85 -17.02
C TYR D 353 2.21 35.40 -16.99
N ASP D 354 2.76 34.58 -16.08
CA ASP D 354 2.46 33.16 -16.04
C ASP D 354 1.25 32.78 -15.20
N LEU D 355 0.83 33.63 -14.27
CA LEU D 355 -0.24 33.29 -13.33
C LEU D 355 -1.43 34.25 -13.42
N ILE D 356 -1.68 34.77 -14.61
CA ILE D 356 -2.85 35.62 -14.84
C ILE D 356 -4.06 34.70 -14.97
N PRO D 357 -5.03 34.74 -14.06
CA PRO D 357 -6.19 33.85 -14.20
C PRO D 357 -7.16 34.33 -15.28
N SER D 358 -7.99 33.40 -15.73
CA SER D 358 -9.06 33.67 -16.66
C SER D 358 -10.38 33.27 -16.00
N VAL D 359 -11.42 34.08 -16.20
CA VAL D 359 -12.74 33.80 -15.64
C VAL D 359 -13.79 34.03 -16.72
N ILE D 360 -14.74 33.09 -16.81
CA ILE D 360 -15.93 33.22 -17.64
C ILE D 360 -17.11 33.19 -16.68
N TYR D 361 -17.91 34.27 -16.67
CA TYR D 361 -18.92 34.47 -15.64
C TYR D 361 -20.27 33.90 -16.01
N THR D 362 -20.25 32.75 -16.69
CA THR D 362 -21.43 31.93 -16.77
C THR D 362 -21.78 31.43 -15.37
N HIS D 363 -22.92 30.75 -15.25
CA HIS D 363 -23.27 30.04 -14.03
C HIS D 363 -23.65 28.63 -14.44
N PRO D 364 -22.83 27.60 -14.14
CA PRO D 364 -21.61 27.68 -13.33
C PRO D 364 -20.50 28.52 -13.93
N GLU D 365 -19.79 29.19 -13.04
CA GLU D 365 -18.63 29.98 -13.40
C GLU D 365 -17.49 29.06 -13.83
N ILE D 366 -16.65 29.57 -14.74
CA ILE D 366 -15.51 28.85 -15.26
C ILE D 366 -14.28 29.71 -14.99
N ALA D 367 -13.22 29.10 -14.49
CA ALA D 367 -12.00 29.86 -14.21
C ALA D 367 -10.80 28.93 -14.26
N TRP D 368 -9.63 29.49 -14.56
CA TRP D 368 -8.41 28.70 -14.54
C TRP D 368 -7.18 29.61 -14.45
N VAL D 369 -6.08 28.99 -14.04
CA VAL D 369 -4.78 29.63 -13.98
C VAL D 369 -3.74 28.58 -14.34
N GLY D 370 -2.69 28.99 -15.04
CA GLY D 370 -1.68 28.06 -15.46
C GLY D 370 -2.09 27.30 -16.72
N LYS D 371 -1.46 26.14 -16.89
CA LYS D 371 -1.52 25.43 -18.16
C LYS D 371 -2.57 24.32 -18.17
N THR D 372 -3.14 24.10 -19.34
CA THR D 372 -4.11 23.04 -19.57
C THR D 372 -3.41 21.70 -19.78
N GLU D 373 -4.19 20.63 -19.68
CA GLU D 373 -3.63 19.31 -19.98
C GLU D 373 -3.12 19.24 -21.41
N GLN D 374 -3.86 19.81 -22.36
CA GLN D 374 -3.45 19.69 -23.75
C GLN D 374 -2.18 20.49 -24.03
N THR D 375 -2.01 21.64 -23.37
CA THR D 375 -0.77 22.40 -23.53
C THR D 375 0.42 21.60 -23.01
N LEU D 376 0.27 21.01 -21.83
CA LEU D 376 1.37 20.26 -21.23
C LEU D 376 1.69 19.00 -22.03
N LYS D 377 0.68 18.36 -22.62
CA LYS D 377 0.94 17.23 -23.50
C LYS D 377 1.74 17.68 -24.72
N ALA D 378 1.36 18.80 -25.32
CA ALA D 378 2.09 19.32 -26.47
C ALA D 378 3.52 19.68 -26.11
N GLU D 379 3.75 20.10 -24.87
CA GLU D 379 5.09 20.44 -24.40
C GLU D 379 5.88 19.22 -23.94
N GLY D 380 5.26 18.05 -23.91
CA GLY D 380 5.97 16.84 -23.51
C GLY D 380 6.24 16.74 -22.03
N VAL D 381 5.46 17.44 -21.20
CA VAL D 381 5.64 17.41 -19.77
C VAL D 381 4.71 16.35 -19.19
N GLU D 382 5.28 15.34 -18.55
CA GLU D 382 4.48 14.32 -17.90
C GLU D 382 3.87 14.88 -16.62
N VAL D 383 2.57 14.64 -16.43
CA VAL D 383 1.82 15.23 -15.35
C VAL D 383 1.01 14.17 -14.62
N ASN D 384 0.65 14.50 -13.39
CA ASN D 384 -0.39 13.80 -12.64
C ASN D 384 -1.56 14.76 -12.48
N VAL D 385 -2.77 14.23 -12.65
CA VAL D 385 -3.98 15.04 -12.63
C VAL D 385 -4.86 14.53 -11.50
N GLY D 386 -5.41 15.46 -10.75
CA GLY D 386 -6.41 15.14 -9.74
C GLY D 386 -7.65 15.98 -9.95
N THR D 387 -8.81 15.36 -9.82
CA THR D 387 -10.06 16.07 -9.94
C THR D 387 -10.96 15.72 -8.77
N PHE D 388 -11.92 16.61 -8.50
CA PHE D 388 -12.93 16.36 -7.49
C PHE D 388 -14.21 17.01 -8.00
N PRO D 389 -15.32 16.28 -8.05
CA PRO D 389 -16.57 16.85 -8.57
C PRO D 389 -17.37 17.52 -7.46
N PHE D 390 -18.04 18.62 -7.82
CA PHE D 390 -18.91 19.28 -6.85
C PHE D 390 -20.08 18.41 -6.42
N ALA D 391 -20.40 17.37 -7.20
CA ALA D 391 -21.41 16.41 -6.76
C ALA D 391 -21.02 15.72 -5.47
N ALA D 392 -19.74 15.71 -5.11
CA ALA D 392 -19.27 15.11 -3.87
C ALA D 392 -18.98 16.14 -2.79
N SER D 393 -19.34 17.40 -3.02
CA SER D 393 -19.11 18.47 -2.05
C SER D 393 -20.38 18.65 -1.21
N GLY D 394 -20.27 18.44 0.09
CA GLY D 394 -21.40 18.68 0.97
C GLY D 394 -21.89 20.12 0.91
N ARG D 395 -20.94 21.07 0.85
CA ARG D 395 -21.34 22.47 0.76
C ARG D 395 -22.13 22.73 -0.52
N ALA D 396 -21.66 22.17 -1.65
CA ALA D 396 -22.35 22.39 -2.92
C ALA D 396 -23.73 21.72 -2.91
N MET D 397 -23.84 20.56 -2.25
CA MET D 397 -25.14 19.90 -2.15
C MET D 397 -26.12 20.76 -1.38
N ALA D 398 -25.69 21.30 -0.23
CA ALA D 398 -26.53 22.19 0.53
C ALA D 398 -26.97 23.38 -0.32
N ALA D 399 -26.07 23.87 -1.17
CA ALA D 399 -26.35 25.02 -2.03
C ALA D 399 -27.21 24.67 -3.24
N ASN D 400 -27.53 23.39 -3.45
CA ASN D 400 -28.25 22.96 -4.65
C ASN D 400 -27.49 23.33 -5.93
N ASP D 401 -26.16 23.21 -5.89
CA ASP D 401 -25.37 23.68 -7.03
C ASP D 401 -24.17 22.75 -7.15
N THR D 402 -24.39 21.59 -7.78
CA THR D 402 -23.42 20.51 -7.77
C THR D 402 -22.80 20.23 -9.14
N THR D 403 -23.08 21.04 -10.15
CA THR D 403 -22.45 20.85 -11.45
C THR D 403 -20.97 21.23 -11.38
N GLY D 404 -20.12 20.42 -12.01
CA GLY D 404 -18.77 20.83 -12.30
C GLY D 404 -17.73 20.08 -11.48
N LEU D 405 -16.50 20.59 -11.54
CA LEU D 405 -15.37 19.91 -10.92
C LEU D 405 -14.22 20.91 -10.72
N VAL D 406 -13.29 20.50 -9.87
CA VAL D 406 -11.97 21.14 -9.75
C VAL D 406 -10.94 20.18 -10.31
N LYS D 407 -9.99 20.71 -11.08
CA LYS D 407 -8.90 19.93 -11.64
C LYS D 407 -7.58 20.60 -11.28
N VAL D 408 -6.67 19.81 -10.71
CA VAL D 408 -5.32 20.23 -10.39
C VAL D 408 -4.36 19.39 -11.23
N ILE D 409 -3.43 20.05 -11.91
CA ILE D 409 -2.42 19.39 -12.74
C ILE D 409 -1.05 19.67 -12.12
N ALA D 410 -0.28 18.62 -11.88
CA ALA D 410 1.04 18.75 -11.27
C ALA D 410 2.10 18.04 -12.09
N ASP D 411 3.32 18.56 -12.03
CA ASP D 411 4.46 17.90 -12.66
C ASP D 411 4.65 16.51 -12.06
N ALA D 412 4.77 15.50 -12.91
CA ALA D 412 4.86 14.13 -12.42
C ALA D 412 6.16 13.89 -11.67
N LYS D 413 7.22 14.65 -11.96
CA LYS D 413 8.50 14.43 -11.32
C LYS D 413 8.68 15.27 -10.05
N THR D 414 8.26 16.53 -10.08
CA THR D 414 8.48 17.45 -8.96
C THR D 414 7.24 17.67 -8.10
N ASP D 415 6.06 17.29 -8.58
CA ASP D 415 4.79 17.52 -7.90
C ASP D 415 4.39 18.99 -7.89
N ARG D 416 5.12 19.86 -8.60
CA ARG D 416 4.76 21.27 -8.65
C ARG D 416 3.44 21.44 -9.38
N VAL D 417 2.53 22.22 -8.79
CA VAL D 417 1.26 22.50 -9.45
C VAL D 417 1.51 23.38 -10.66
N LEU D 418 1.02 22.94 -11.82
CA LEU D 418 1.20 23.63 -13.09
C LEU D 418 -0.07 24.28 -13.62
N GLY D 419 -1.23 23.88 -13.12
CA GLY D 419 -2.47 24.45 -13.55
C GLY D 419 -3.61 24.07 -12.64
N VAL D 420 -4.56 24.98 -12.47
CA VAL D 420 -5.78 24.74 -11.70
C VAL D 420 -6.95 25.22 -12.55
N HIS D 421 -7.95 24.36 -12.70
CA HIS D 421 -9.05 24.60 -13.62
C HIS D 421 -10.34 24.23 -12.91
N VAL D 422 -11.33 25.12 -12.95
CA VAL D 422 -12.57 24.91 -12.21
C VAL D 422 -13.75 25.32 -13.06
N ILE D 423 -14.79 24.48 -13.06
CA ILE D 423 -16.12 24.88 -13.47
C ILE D 423 -17.05 24.51 -12.34
N GLY D 424 -17.76 25.50 -11.80
CA GLY D 424 -18.64 25.28 -10.68
C GLY D 424 -18.75 26.50 -9.79
N PRO D 425 -19.41 26.35 -8.64
CA PRO D 425 -19.65 27.51 -7.78
C PRO D 425 -18.34 28.06 -7.22
N SER D 426 -18.25 29.40 -7.24
CA SER D 426 -17.09 30.12 -6.74
C SER D 426 -15.79 29.72 -7.45
N ALA D 427 -15.90 29.38 -8.73
CA ALA D 427 -14.73 28.95 -9.51
C ALA D 427 -13.58 29.95 -9.40
N ALA D 428 -13.89 31.25 -9.55
CA ALA D 428 -12.81 32.25 -9.56
C ALA D 428 -12.10 32.33 -8.22
N GLU D 429 -12.84 32.18 -7.12
CA GLU D 429 -12.23 32.22 -5.79
C GLU D 429 -11.36 30.99 -5.56
N LEU D 430 -11.80 29.82 -6.02
CA LEU D 430 -10.98 28.62 -5.87
C LEU D 430 -9.75 28.69 -6.76
N VAL D 431 -9.89 29.24 -7.95
CA VAL D 431 -8.73 29.42 -8.82
C VAL D 431 -7.74 30.40 -8.20
N GLN D 432 -8.25 31.45 -7.53
CA GLN D 432 -7.34 32.40 -6.89
C GLN D 432 -6.57 31.71 -5.76
N GLN D 433 -7.23 30.80 -5.03
CA GLN D 433 -6.51 29.99 -4.05
C GLN D 433 -5.37 29.22 -4.71
N GLY D 434 -5.66 28.57 -5.84
CA GLY D 434 -4.62 27.88 -6.57
C GLY D 434 -3.51 28.81 -7.03
N ALA D 435 -3.89 29.99 -7.54
CA ALA D 435 -2.90 30.94 -8.04
C ALA D 435 -1.98 31.42 -6.91
N ILE D 436 -2.54 31.66 -5.72
CA ILE D 436 -1.72 32.06 -4.58
C ILE D 436 -0.71 30.96 -4.27
N GLY D 437 -1.18 29.71 -4.21
CA GLY D 437 -0.27 28.60 -4.01
C GLY D 437 0.81 28.55 -5.06
N MET D 438 0.43 28.74 -6.33
CA MET D 438 1.41 28.66 -7.41
C MET D 438 2.42 29.81 -7.34
N GLU D 439 2.00 31.00 -6.89
CA GLU D 439 2.95 32.07 -6.68
C GLU D 439 4.05 31.66 -5.71
N PHE D 440 3.70 30.84 -4.72
CA PHE D 440 4.66 30.37 -3.73
C PHE D 440 5.31 29.05 -4.12
N GLY D 441 5.05 28.56 -5.33
CA GLY D 441 5.68 27.33 -5.80
C GLY D 441 5.12 26.07 -5.22
N THR D 442 3.82 26.06 -4.90
CA THR D 442 3.22 24.95 -4.19
C THR D 442 3.33 23.65 -4.98
N SER D 443 3.52 22.56 -4.26
CA SER D 443 3.27 21.24 -4.80
C SER D 443 1.82 20.86 -4.53
N ALA D 444 1.36 19.77 -5.16
CA ALA D 444 0.03 19.26 -4.86
C ALA D 444 -0.04 18.77 -3.42
N GLU D 445 1.00 18.08 -2.94
CA GLU D 445 1.01 17.62 -1.57
C GLU D 445 1.00 18.78 -0.58
N ASP D 446 1.63 19.91 -0.93
CA ASP D 446 1.57 21.09 -0.06
C ASP D 446 0.12 21.49 0.20
N LEU D 447 -0.68 21.62 -0.86
CA LEU D 447 -2.08 21.96 -0.68
C LEU D 447 -2.81 20.88 0.09
N GLY D 448 -2.48 19.61 -0.17
CA GLY D 448 -3.15 18.52 0.50
C GLY D 448 -2.95 18.52 2.01
N MET D 449 -1.80 19.02 2.47
CA MET D 449 -1.52 19.01 3.91
C MET D 449 -2.16 20.17 4.66
N MET D 450 -2.77 21.12 3.96
CA MET D 450 -3.33 22.29 4.62
C MET D 450 -4.72 21.98 5.16
N VAL D 451 -5.12 22.76 6.16
CA VAL D 451 -6.45 22.65 6.75
C VAL D 451 -7.41 23.54 5.98
N PHE D 452 -8.42 22.92 5.37
CA PHE D 452 -9.49 23.61 4.68
C PHE D 452 -10.76 23.52 5.52
N SER D 453 -11.43 24.66 5.70
CA SER D 453 -12.65 24.69 6.50
C SER D 453 -13.71 23.77 5.91
N HIS D 454 -14.46 23.12 6.79
CA HIS D 454 -15.58 22.29 6.39
C HIS D 454 -16.86 22.80 7.02
N PRO D 455 -17.98 22.90 6.27
CA PRO D 455 -18.10 22.63 4.84
C PRO D 455 -17.87 23.90 4.03
N THR D 456 -16.98 23.86 3.04
CA THR D 456 -16.80 24.97 2.14
C THR D 456 -16.55 24.44 0.74
N LEU D 457 -16.84 25.29 -0.25
CA LEU D 457 -16.52 24.94 -1.63
C LEU D 457 -15.02 24.75 -1.81
N SER D 458 -14.21 25.46 -1.02
CA SER D 458 -12.75 25.35 -1.12
C SER D 458 -12.28 23.92 -0.93
N GLU D 459 -13.02 23.11 -0.19
CA GLU D 459 -12.61 21.73 0.04
C GLU D 459 -12.46 20.96 -1.26
N ALA D 460 -13.18 21.35 -2.31
CA ALA D 460 -13.04 20.68 -3.60
C ALA D 460 -11.64 20.85 -4.17
N LEU D 461 -11.02 22.01 -3.93
CA LEU D 461 -9.63 22.19 -4.34
C LEU D 461 -8.71 21.32 -3.51
N HIS D 462 -8.95 21.26 -2.20
CA HIS D 462 -8.15 20.41 -1.32
C HIS D 462 -8.20 18.96 -1.77
N GLU D 463 -9.39 18.44 -2.03
CA GLU D 463 -9.52 17.04 -2.44
C GLU D 463 -8.88 16.81 -3.79
N ALA D 464 -9.07 17.73 -4.74
CA ALA D 464 -8.43 17.58 -6.05
C ALA D 464 -6.93 17.52 -5.92
N ALA D 465 -6.35 18.35 -5.04
CA ALA D 465 -4.91 18.31 -4.82
C ALA D 465 -4.47 16.98 -4.24
N LEU D 466 -5.23 16.44 -3.28
CA LEU D 466 -4.91 15.13 -2.74
C LEU D 466 -5.04 14.06 -3.81
N ALA D 467 -6.00 14.22 -4.71
CA ALA D 467 -6.24 13.23 -5.75
C ALA D 467 -5.08 13.14 -6.73
N VAL D 468 -4.33 14.24 -6.92
CA VAL D 468 -3.16 14.21 -7.78
C VAL D 468 -2.28 13.01 -7.47
N ASN D 469 -2.08 12.75 -6.19
CA ASN D 469 -1.20 11.67 -5.74
C ASN D 469 -1.99 10.51 -5.16
N GLY D 470 -3.27 10.41 -5.52
CA GLY D 470 -4.04 9.21 -5.25
C GLY D 470 -4.54 9.03 -3.83
N HIS D 471 -4.69 10.10 -3.06
CA HIS D 471 -5.19 9.94 -1.70
C HIS D 471 -6.17 11.05 -1.30
N ALA D 472 -7.09 11.37 -2.19
CA ALA D 472 -8.29 12.09 -1.78
C ALA D 472 -9.06 11.24 -0.77
N ILE D 473 -9.68 11.91 0.20
CA ILE D 473 -10.47 11.21 1.20
C ILE D 473 -11.87 10.87 0.68
N HIS D 474 -12.51 11.81 -0.02
CA HIS D 474 -13.95 11.76 -0.24
C HIS D 474 -14.35 11.33 -1.65
N ILE D 475 -13.42 10.81 -2.45
CA ILE D 475 -13.77 10.12 -3.69
C ILE D 475 -12.78 8.98 -3.88
N ALA D 476 -13.21 7.98 -4.64
CA ALA D 476 -12.32 6.89 -5.01
C ALA D 476 -11.12 7.43 -5.78
N ASN D 477 -9.96 6.82 -5.53
CA ASN D 477 -8.71 7.21 -6.17
C ASN D 477 -8.29 6.21 -7.24
PA FAD E . 34.16 -13.39 7.28
O1A FAD E . 32.93 -14.19 7.66
O2A FAD E . 33.78 -12.02 6.77
O5B FAD E . 35.12 -13.29 8.62
C5B FAD E . 36.26 -12.48 8.56
C4B FAD E . 36.62 -12.12 10.02
O4B FAD E . 37.79 -11.52 10.05
C3B FAD E . 35.58 -11.12 10.56
O3B FAD E . 35.05 -11.56 11.75
C2B FAD E . 36.38 -9.80 10.71
O2B FAD E . 35.85 -9.00 11.85
C1B FAD E . 37.61 -10.21 10.96
N9A FAD E . 38.70 -9.37 10.52
C8A FAD E . 38.89 -8.77 9.33
N7A FAD E . 40.08 -8.15 9.37
C5A FAD E . 40.62 -8.39 10.58
C6A FAD E . 41.81 -8.00 11.12
N6A FAD E . 42.88 -7.18 10.56
N1A FAD E . 42.13 -8.37 12.35
C2A FAD E . 41.28 -9.16 13.07
N3A FAD E . 40.10 -9.54 12.53
C4A FAD E . 39.78 -9.15 11.28
N1 FAD E . 27.49 -17.88 2.67
C2 FAD E . 27.02 -19.28 2.61
O2 FAD E . 27.78 -20.13 2.34
N3 FAD E . 25.59 -19.58 2.91
C4 FAD E . 24.67 -18.51 3.24
O4 FAD E . 23.53 -18.73 3.49
C4X FAD E . 25.17 -17.10 3.29
N5 FAD E . 24.25 -16.03 3.61
C5X FAD E . 24.75 -14.64 3.67
C6 FAD E . 23.88 -13.61 3.99
C7 FAD E . 24.35 -12.29 4.04
C7M FAD E . 23.22 -11.31 4.40
C8 FAD E . 25.69 -12.03 3.76
C8M FAD E . 26.16 -10.57 3.85
C9 FAD E . 26.57 -13.06 3.44
C9A FAD E . 26.10 -14.36 3.39
N10 FAD E . 27.05 -15.46 3.04
C10 FAD E . 26.56 -16.81 2.99
C1' FAD E . 28.48 -15.22 2.75
C2' FAD E . 29.29 -15.65 3.97
O2' FAD E . 28.97 -14.83 5.05
C3' FAD E . 30.79 -15.52 3.65
O3' FAD E . 31.10 -16.26 2.51
C4' FAD E . 31.62 -16.03 4.83
O4' FAD E . 31.26 -15.37 6.01
C5' FAD E . 33.10 -15.77 4.54
O5' FAD E . 33.88 -16.41 5.52
P FAD E . 35.33 -15.73 5.89
O1P FAD E . 35.88 -16.42 7.11
O2P FAD E . 36.28 -15.80 4.71
O3P FAD E . 35.03 -14.13 6.09
H51A FAD E . 36.99 -12.95 8.14
H52A FAD E . 36.06 -11.66 8.06
H4B FAD E . 36.63 -12.92 10.58
H3B FAD E . 34.87 -10.99 9.90
HO3A FAD E . 34.79 -10.89 12.19
H2B FAD E . 36.36 -9.30 9.89
HO2A FAD E . 35.18 -8.55 11.59
H1B FAD E . 37.69 -10.43 11.90
H8A FAD E . 38.30 -8.78 8.62
H61A FAD E . 42.80 -6.87 9.76
H62A FAD E . 43.58 -7.01 11.01
H2A FAD E . 41.51 -9.41 13.93
HN3 FAD E . 25.31 -20.39 2.86
H6 FAD E . 23.03 -13.98 4.14
HM71 FAD E . 23.61 -10.52 4.80
HM72 FAD E . 22.61 -11.73 5.02
HM73 FAD E . 22.75 -11.07 3.59
HM81 FAD E . 26.08 -10.27 4.76
HM82 FAD E . 27.08 -10.51 3.56
HM83 FAD E . 25.60 -10.02 3.27
H9 FAD E . 27.39 -12.64 3.30
H1'1 FAD E . 28.62 -14.28 2.57
H1'2 FAD E . 28.74 -15.75 1.98
H2' FAD E . 29.09 -16.57 4.20
HO2' FAD E . 28.47 -15.26 5.60
H3' FAD E . 31.00 -14.58 3.50
H4' FAD E . 31.47 -16.98 4.93
HO4' FAD E . 30.79 -14.68 5.82
H5'1 FAD E . 33.32 -16.11 3.65
H5'2 FAD E . 33.27 -14.81 4.56
PA NAD F . 25.75 -9.94 -6.49
O1A NAD F . 25.71 -11.33 -7.06
O2A NAD F . 27.07 -9.28 -6.80
O5B NAD F . 24.52 -9.06 -7.13
C5B NAD F . 24.59 -7.68 -7.01
C4B NAD F . 23.69 -7.12 -8.08
O4B NAD F . 23.48 -5.54 -7.82
C3B NAD F . 24.24 -7.28 -9.26
O3B NAD F . 23.44 -8.22 -10.10
C2B NAD F . 24.27 -5.87 -9.90
O2B NAD F . 23.83 -5.90 -11.18
C1B NAD F . 23.34 -5.03 -9.02
N9A NAD F . 23.80 -3.63 -8.97
C8A NAD F . 24.95 -3.01 -8.75
N7A NAD F . 24.71 -1.70 -8.85
C5A NAD F . 23.41 -1.54 -9.15
C6A NAD F . 22.66 -0.42 -9.36
N6A NAD F . 22.91 1.01 -9.35
N1A NAD F . 21.37 -0.52 -9.63
C2A NAD F . 20.78 -1.73 -9.70
N3A NAD F . 21.52 -2.85 -9.49
C4A NAD F . 22.84 -2.75 -9.22
O3 NAD F . 25.53 -9.92 -4.86
PN NAD F . 24.72 -11.04 -3.97
O1N NAD F . 24.47 -12.30 -4.76
O2N NAD F . 23.39 -10.45 -3.53
O5D NAD F . 25.67 -11.36 -2.64
H51A NAD F . 25.50 -7.37 -7.14
H52A NAD F . 24.27 -7.40 -6.13
H4B NAD F . 22.83 -7.57 -8.07
H3B NAD F . 25.15 -7.61 -9.16
HO3A NAD F . 22.63 -8.17 -9.88
H2B NAD F . 25.17 -5.51 -9.87
HO2A NAD F . 24.28 -5.36 -11.66
H1B NAD F . 22.42 -5.09 -9.31
H8A NAD F . 25.78 -3.40 -8.56
H61A NAD F . 23.64 1.32 -9.03
H62A NAD F . 22.32 1.55 -9.70
H2A NAD F . 19.88 -1.76 -9.89
S DMS G . 31.79 -8.16 10.59
O DMS G . 30.43 -8.05 9.96
C1 DMS G . 31.97 -9.81 11.33
C2 DMS G . 33.04 -8.27 9.28
H11 DMS G . 31.78 -10.55 10.59
H12 DMS G . 32.96 -9.93 11.69
H13 DMS G . 31.29 -9.92 12.13
H21 DMS G . 32.80 -9.06 8.62
H22 DMS G . 33.99 -8.43 9.71
H23 DMS G . 33.06 -7.35 8.73
S DMS H . 30.72 -22.56 -7.59
O DMS H . 32.14 -22.81 -7.21
C1 DMS H . 29.77 -22.09 -6.10
C2 DMS H . 30.61 -21.01 -8.53
H11 DMS H . 28.79 -21.83 -6.38
H12 DMS H . 29.75 -22.91 -5.44
H13 DMS H . 30.24 -21.27 -5.64
H21 DMS H . 31.13 -21.13 -9.44
H22 DMS H . 29.60 -20.79 -8.72
H23 DMS H . 31.05 -20.23 -7.97
S DMS I . 1.04 -26.13 -3.58
O DMS I . 2.49 -25.88 -3.86
C1 DMS I . 0.38 -24.80 -2.54
C2 DMS I . 0.08 -25.84 -5.09
H11 DMS I . -0.66 -24.93 -2.42
H12 DMS I . 0.85 -24.83 -1.59
H13 DMS I . 0.57 -23.86 -3.00
H21 DMS I . 0.35 -26.56 -5.83
H22 DMS I . -0.96 -25.93 -4.88
H23 DMS I . 0.28 -24.86 -5.46
S DMS J . 22.65 11.27 -4.29
O DMS J . 21.99 10.49 -5.38
C1 DMS J . 22.69 10.26 -2.78
C2 DMS J . 24.43 11.40 -4.63
H11 DMS J . 21.69 10.09 -2.45
H12 DMS J . 23.16 9.34 -2.99
H13 DMS J . 23.23 10.77 -2.02
H21 DMS J . 24.83 10.44 -4.76
H22 DMS J . 24.91 11.87 -3.80
H23 DMS J . 24.58 11.97 -5.50
S DMS K . 6.21 -40.58 -7.04
O DMS K . 6.13 -39.79 -5.77
C1 DMS K . 4.70 -40.31 -8.01
C2 DMS K . 7.43 -39.84 -8.15
H11 DMS K . 4.78 -40.80 -8.95
H12 DMS K . 3.86 -40.70 -7.49
H13 DMS K . 4.56 -39.27 -8.16
H21 DMS K . 7.20 -38.82 -8.30
H22 DMS K . 8.40 -39.92 -7.71
H23 DMS K . 7.42 -40.34 -9.08
S DMS L . 31.55 -23.38 8.93
O DMS L . 31.50 -24.83 9.24
C1 DMS L . 31.05 -23.11 7.19
C2 DMS L . 30.18 -22.53 9.76
H11 DMS L . 30.10 -23.56 7.03
H12 DMS L . 31.00 -22.09 6.99
H13 DMS L . 31.76 -23.57 6.55
H21 DMS L . 30.32 -22.59 10.81
H22 DMS L . 30.16 -21.51 9.47
H23 DMS L . 29.26 -22.99 9.50
S DMS M . 3.35 -24.24 0.62
O DMS M . 4.58 -24.09 -0.21
C1 DMS M . 3.64 -25.44 1.93
C2 DMS M . 3.12 -22.74 1.61
H11 DMS M . 4.50 -25.16 2.48
H12 DMS M . 2.80 -25.48 2.58
H13 DMS M . 3.80 -26.40 1.50
H21 DMS M . 2.93 -21.91 0.97
H22 DMS M . 2.30 -22.86 2.26
H23 DMS M . 4.00 -22.55 2.18
S DMS N . 15.98 -13.33 -17.30
O DMS N . 17.38 -13.72 -17.65
C1 DMS N . 15.21 -12.54 -18.74
C2 DMS N . 14.96 -14.82 -17.18
H11 DMS N . 15.70 -11.63 -18.96
H12 DMS N . 15.27 -13.18 -19.58
H13 DMS N . 14.19 -12.35 -18.53
H21 DMS N . 15.04 -15.38 -18.07
H22 DMS N . 13.94 -14.55 -17.02
H23 DMS N . 15.28 -15.41 -16.36
S DMS O . 6.68 -46.24 -6.49
O DMS O . 7.65 -45.43 -7.30
C1 DMS O . 7.49 -46.74 -4.94
C2 DMS O . 5.38 -45.15 -5.83
H11 DMS O . 7.85 -45.88 -4.43
H12 DMS O . 6.77 -47.23 -4.32
H13 DMS O . 8.29 -47.39 -5.15
H21 DMS O . 4.82 -44.76 -6.63
H22 DMS O . 4.76 -45.70 -5.18
H23 DMS O . 5.83 -44.36 -5.30
PA FAD P . 0.02 -53.32 -2.72
O1A FAD P . 0.35 -51.86 -2.58
O2A FAD P . -0.81 -53.86 -1.58
O5B FAD P . -0.77 -53.52 -4.15
C5B FAD P . -1.32 -54.80 -4.43
C4B FAD P . -2.44 -54.58 -5.49
O4B FAD P . -2.85 -55.74 -5.94
C3B FAD P . -3.64 -53.92 -4.81
O3B FAD P . -4.00 -52.77 -5.48
C2B FAD P . -4.73 -55.02 -4.86
O2B FAD P . -6.08 -54.40 -4.95
C1B FAD P . -4.45 -55.70 -5.94
N9A FAD P . -4.77 -57.11 -6.01
C8A FAD P . -4.51 -58.07 -5.13
N7A FAD P . -4.93 -59.24 -5.63
C5A FAD P . -5.42 -58.99 -6.85
C6A FAD P . -5.97 -59.83 -7.78
N6A FAD P . -6.17 -61.25 -7.72
N1A FAD P . -6.40 -59.34 -8.94
C2A FAD P . -6.30 -58.01 -9.20
N3A FAD P . -5.76 -57.18 -8.28
C4A FAD P . -5.32 -57.67 -7.10
N1 FAD P . 5.80 -48.25 2.46
C2 FAD P . 6.89 -47.30 2.19
O2 FAD P . 7.81 -47.64 1.54
N3 FAD P . 6.79 -45.92 2.72
C4 FAD P . 5.67 -45.52 3.53
O4 FAD P . 5.58 -44.41 3.95
C4X FAD P . 4.57 -46.50 3.81
N5 FAD P . 3.43 -46.11 4.60
C5X FAD P . 2.36 -47.10 4.85
C6 FAD P . 1.26 -46.73 5.62
C7 FAD P . 0.25 -47.65 5.86
C7M FAD P . -0.85 -47.02 6.73
C8 FAD P . 0.33 -48.95 5.33
C8M FAD P . -0.80 -49.94 5.60
C9 FAD P . 1.43 -49.31 4.57
C9A FAD P . 2.45 -48.40 4.32
N10 FAD P . 3.63 -48.80 3.51
C10 FAD P . 4.67 -47.83 3.27
C1' FAD P . 3.79 -50.14 2.93
C2' FAD P . 3.43 -50.06 1.44
O2' FAD P . 2.10 -49.64 1.32
C3' FAD P . 3.63 -51.44 0.82
O3' FAD P . 4.93 -51.89 1.05
C4' FAD P . 3.39 -51.36 -0.69
O4' FAD P . 2.11 -50.84 -0.95
C5' FAD P . 3.51 -52.77 -1.28
O5' FAD P . 3.42 -52.63 -2.68
P FAD P . 2.81 -53.89 -3.53
O1P FAD P . 2.63 -53.45 -4.95
O2P FAD P . 3.66 -55.12 -3.36
O3P FAD P . 1.38 -54.25 -2.80
H51A FAD P . -1.70 -55.18 -3.62
H52A FAD P . -0.64 -55.38 -4.80
H4B FAD P . -2.12 -54.03 -6.22
H3B FAD P . -3.43 -53.71 -3.89
HO3A FAD P . -4.84 -52.66 -5.44
H2B FAD P . -4.67 -55.59 -4.07
HO2A FAD P . -6.48 -54.46 -4.21
H1B FAD P . -4.77 -55.22 -6.73
H8A FAD P . -4.13 -57.95 -4.28
H61A FAD P . -5.78 -61.72 -7.10
H62A FAD P . -6.67 -61.64 -8.30
H2A FAD P . -6.59 -57.68 -10.01
HN3 FAD P . 7.43 -45.37 2.57
H6 FAD P . 1.37 -45.83 5.87
HM71 FAD P . -1.69 -47.49 6.58
HM72 FAD P . -0.95 -46.09 6.49
HM73 FAD P . -0.61 -47.10 7.67
HM81 FAD P . -0.46 -50.68 6.13
HM82 FAD P . -1.13 -50.28 4.75
HM83 FAD P . -1.52 -49.49 6.07
H9 FAD P . 1.28 -50.20 4.34
H1'1 FAD P . 3.19 -50.76 3.38
H1'2 FAD P . 4.71 -50.44 3.03
H2' FAD P . 4.01 -49.42 1.00
HO2' FAD P . 2.08 -48.90 0.91
H3' FAD P . 2.99 -52.06 1.21
H4' FAD P . 4.06 -50.79 -1.09
HO4' FAD P . 2.12 -50.48 -1.72
H5'1 FAD P . 2.78 -53.33 -0.96
H5'2 FAD P . 4.37 -53.16 -1.04
PA NAD Q . 5.04 -54.24 12.64
O1A NAD Q . 5.21 -55.74 12.56
O2A NAD Q . 6.37 -53.57 12.45
O5B NAD Q . 4.42 -53.86 14.13
C5B NAD Q . 3.57 -54.78 14.75
C4B NAD Q . 3.79 -54.77 16.26
O4B NAD Q . 2.41 -55.22 16.98
C3B NAD Q . 4.72 -55.63 16.63
O3B NAD Q . 5.83 -54.90 17.30
C2B NAD Q . 4.04 -56.61 17.63
O2B NAD Q . 4.83 -56.85 18.72
C1B NAD Q . 2.76 -55.89 18.05
N9A NAD Q . 1.70 -56.87 18.34
C8A NAD Q . 1.22 -57.96 17.74
N7A NAD Q . 0.23 -58.42 18.51
C5A NAD Q . 0.13 -57.62 19.57
C6A NAD Q . -0.72 -57.66 20.65
N6A NAD Q . -1.80 -58.53 21.07
N1A NAD Q . -0.65 -56.74 21.60
C2A NAD Q . 0.28 -55.75 21.50
N3A NAD Q . 1.12 -55.71 20.45
C4A NAD Q . 1.04 -56.64 19.49
O3 NAD Q . 4.01 -53.82 11.41
PN NAD Q . 3.27 -52.39 11.03
O1N NAD Q . 3.54 -52.12 9.43
O2N NAD Q . 1.79 -52.53 11.28
O5D NAD Q . 3.81 -51.22 11.84
H51A NAD Q . 2.65 -54.53 14.56
H52A NAD Q . 3.74 -55.66 14.40
H4B NAD Q . 4.04 -53.90 16.56
H3B NAD Q . 5.05 -56.13 15.87
HO3A NAD Q . 6.06 -54.24 16.82
H2B NAD Q . 3.83 -57.44 17.19
HO2A NAD Q . 5.62 -56.58 18.57
H1B NAD Q . 2.92 -55.29 18.80
H8A NAD Q . 1.50 -58.32 16.93
H61A NAD Q . -2.37 -58.25 21.66
H62A NAD Q . -1.87 -59.32 20.75
H2A NAD Q . 0.30 -55.13 22.19
S DMS R . -6.41 -52.28 -1.35
O DMS R . -6.24 -51.58 -0.04
C1 DMS R . -5.55 -51.34 -2.63
C2 DMS R . -5.41 -53.80 -1.35
H11 DMS R . -6.02 -50.39 -2.76
H12 DMS R . -4.54 -51.19 -2.35
H13 DMS R . -5.59 -51.87 -3.55
H21 DMS R . -5.80 -54.47 -0.63
H22 DMS R . -4.41 -53.55 -1.12
H23 DMS R . -5.46 -54.24 -2.31
S DMS S . -13.05 -60.72 22.59
O DMS S . -11.87 -60.48 23.47
C1 DMS S . -12.93 -59.69 21.11
C2 DMS S . -12.92 -62.38 21.84
H11 DMS S . -13.72 -59.93 20.44
H12 DMS S . -13.00 -58.67 21.38
H13 DMS S . -12.00 -59.87 20.63
H21 DMS S . -12.97 -63.11 22.59
H22 DMS S . -11.98 -62.45 21.34
H23 DMS S . -13.70 -62.51 21.14
S DMS T . 13.59 -26.69 19.47
O DMS T . 13.62 -27.99 18.73
C1 DMS T . 11.87 -26.20 19.76
C2 DMS T . 14.15 -26.93 21.17
H11 DMS T . 11.84 -25.32 20.35
H12 DMS T . 11.39 -26.01 18.83
H13 DMS T . 11.36 -26.98 20.26
H21 DMS T . 13.55 -27.69 21.63
H22 DMS T . 14.04 -26.03 21.72
H23 DMS T . 15.16 -27.23 21.17
S DMS U . 30.91 -37.76 18.64
O DMS U . 30.61 -39.09 18.03
C1 DMS U . 29.54 -37.26 19.71
C2 DMS U . 32.22 -37.95 19.89
H11 DMS U . 29.79 -36.37 20.22
H12 DMS U . 28.67 -37.11 19.13
H13 DMS U . 29.34 -38.03 20.42
H21 DMS U . 33.11 -38.24 19.42
H22 DMS U . 32.37 -37.03 20.39
H23 DMS U . 31.93 -38.69 20.59
S DMS V . 16.04 -53.13 5.19
O DMS V . 15.65 -53.81 6.46
C1 DMS V . 16.09 -54.34 3.85
C2 DMS V . 14.67 -52.08 4.62
H11 DMS V . 16.28 -53.85 2.93
H12 DMS V . 16.86 -55.05 4.03
H13 DMS V . 15.16 -54.85 3.79
H21 DMS V . 14.50 -51.30 5.32
H22 DMS V . 14.91 -51.66 3.68
H23 DMS V . 13.79 -52.66 4.53
S DMS W . 13.81 -50.82 24.99
O DMS W . 13.36 -50.19 23.71
C1 DMS W . 15.57 -50.45 25.26
C2 DMS W . 13.09 -49.92 26.39
H11 DMS W . 15.72 -49.40 25.21
H12 DMS W . 15.87 -50.82 26.20
H13 DMS W . 16.15 -50.92 24.49
H21 DMS W . 12.04 -50.04 26.39
H22 DMS W . 13.48 -50.30 27.30
H23 DMS W . 13.33 -48.89 26.32
S DMS X . 27.41 -25.79 12.37
O DMS X . 26.00 -25.31 12.20
C1 DMS X . 27.51 -27.53 11.88
C2 DMS X . 28.46 -25.04 11.09
H11 DMS X . 26.92 -28.11 12.53
H12 DMS X . 28.51 -27.85 11.91
H13 DMS X . 27.13 -27.64 10.89
H21 DMS X . 28.50 -23.98 11.24
H22 DMS X . 28.04 -25.24 10.14
H23 DMS X . 29.43 -25.44 11.15
PA FAD Y . -18.80 13.86 16.37
O1A FAD Y . -19.16 14.47 15.05
O2A FAD Y . -19.73 14.22 17.50
O5B FAD Y . -18.77 12.24 16.18
C5B FAD Y . -18.61 11.43 17.31
C4B FAD Y . -19.13 10.05 16.90
O4B FAD Y . -18.78 9.16 17.80
C3B FAD Y . -20.67 10.08 16.88
O3B FAD Y . -21.14 9.61 15.66
C2B FAD Y . -21.07 9.18 18.07
O2B FAD Y . -22.37 8.49 17.81
C1B FAD Y . -20.09 8.30 18.15
N9A FAD Y . -19.77 7.76 19.46
C8A FAD Y . -19.61 8.40 20.61
N7A FAD Y . -19.28 7.51 21.55
C5A FAD Y . -19.22 6.30 20.95
C6A FAD Y . -18.93 5.06 21.44
N6A FAD Y . -18.57 4.66 22.80
N1A FAD Y . -18.94 4.01 20.65
C2A FAD Y . -19.24 4.17 19.33
N3A FAD Y . -19.53 5.39 18.83
C4A FAD Y . -19.52 6.46 19.66
N1 FAD Y . -18.17 22.40 12.63
C2 FAD Y . -17.56 22.96 11.42
O2 FAD Y . -16.39 22.89 11.29
N3 FAD Y . -18.39 23.63 10.41
C4 FAD Y . -19.82 23.77 10.60
O4 FAD Y . -20.49 24.28 9.77
C4X FAD Y . -20.42 23.20 11.83
N5 FAD Y . -21.85 23.33 12.05
C5X FAD Y . -22.45 22.73 13.26
C6 FAD Y . -23.82 22.86 13.47
C7 FAD Y . -24.40 22.30 14.60
C7M FAD Y . -25.90 22.55 14.63
C8 FAD Y . -23.59 21.61 15.53
C8M FAD Y . -24.23 20.98 16.77
C9 FAD Y . -22.23 21.50 15.33
C9A FAD Y . -21.65 22.06 14.19
N10 FAD Y . -20.19 21.96 13.99
C10 FAD Y . -19.61 22.53 12.81
C1' FAD Y . -19.30 21.26 14.95
C2' FAD Y . -19.02 19.87 14.38
O2' FAD Y . -20.23 19.19 14.23
C3' FAD Y . -18.07 19.12 15.33
O3' FAD Y . -16.95 19.92 15.59
C4' FAD Y . -17.62 17.81 14.69
O4' FAD Y . -18.74 17.03 14.37
C5' FAD Y . -16.74 17.05 15.68
O5' FAD Y . -16.34 15.85 15.05
P FAD Y . -15.94 14.56 15.98
O1P FAD Y . -15.61 13.41 15.07
O2P FAD Y . -14.88 14.92 17.00
O3P FAD Y . -17.28 14.25 16.87
H51A FAD Y . -19.13 11.79 18.05
H52A FAD Y . -17.66 11.38 17.56
H4B FAD Y . -18.79 9.80 16.03
H3B FAD Y . -20.99 10.98 17.03
HO3A FAD Y . -21.95 9.37 15.75
H2B FAD Y . -21.12 9.70 18.89
HO2A FAD Y . -22.72 8.25 18.55
H1B FAD Y . -20.22 7.59 17.50
H8A FAD Y . -19.71 9.32 20.75
H61A FAD Y . -18.32 3.86 22.95
H62A FAD Y . -18.61 5.24 23.43
H2A FAD Y . -19.25 3.43 18.77
HN3 FAD Y . -18.02 23.99 9.71
H6 FAD Y . -24.18 23.29 12.73
HM71 FAD Y . -26.34 21.86 15.14
HM72 FAD Y . -26.25 22.53 13.72
HM73 FAD Y . -26.08 23.42 15.03
HM81 FAD Y . -23.91 21.43 17.56
HM82 FAD Y . -24.01 20.05 16.80
HM83 FAD Y . -25.20 21.08 16.72
H9 FAD Y . -21.90 21.05 16.07
H1'1 FAD Y . -19.74 21.19 15.80
H1'2 FAD Y . -18.47 21.75 15.05
H2' FAD Y . -18.59 19.96 13.50
HO2' FAD Y . -20.39 19.06 13.41
H3' FAD Y . -18.54 18.94 16.15
H4' FAD Y . -17.12 18.00 13.87
HO4' FAD Y . -18.64 16.25 14.72
H5'1 FAD Y . -15.96 17.57 15.91
H5'2 FAD Y . -17.24 16.84 16.48
PA NAD Z . -20.62 28.48 21.99
O1A NAD Z . -19.90 28.98 20.77
O2A NAD Z . -19.67 28.32 23.14
O5B NAD Z . -21.82 29.52 22.42
C5B NAD Z . -22.51 29.28 23.61
C4B NAD Z . -22.98 30.62 24.17
O4B NAD Z . -24.15 30.37 25.24
C3B NAD Z . -22.00 31.25 24.78
O3B NAD Z . -21.81 32.56 24.10
C2B NAD Z . -22.44 31.42 26.25
O2B NAD Z . -22.10 32.64 26.74
C1B NAD Z . -23.97 31.27 26.18
N9A NAD Z . -24.53 30.68 27.40
C8A NAD Z . -24.24 29.68 28.24
N7A NAD Z . -25.21 29.64 29.15
C5A NAD Z . -26.08 30.61 28.86
C6A NAD Z . -27.24 30.99 29.47
N6A NAD Z . -27.99 30.57 30.64
N1A NAD Z . -27.94 32.01 28.98
C2A NAD Z . -27.53 32.67 27.88
N3A NAD Z . -26.39 32.29 27.27
C4A NAD Z . -25.68 31.26 27.76
O3 NAD Z . -21.32 27.02 21.64
PN NAD Z . -22.23 26.67 20.31
O1N NAD Z . -21.37 25.62 19.37
O2N NAD Z . -23.53 26.03 20.76
O5D NAD Z . -22.53 27.92 19.52
H51A NAD Z . -21.92 28.85 24.25
H52A NAD Z . -23.27 28.71 23.44
H4B NAD Z . -23.32 31.16 23.45
H3B NAD Z . -21.19 30.71 24.74
HO3A NAD Z . -21.69 32.44 23.27
H2B NAD Z . -22.06 30.71 26.79
HO2A NAD Z . -22.51 32.79 27.46
H1B NAD Z . -24.40 32.10 25.94
H8A NAD Z . -23.50 29.11 28.18
H61A NAD Z . -28.44 29.83 30.61
H62A NAD Z . -27.98 31.05 31.35
H2A NAD Z . -28.06 33.37 27.57
S DMS AA . -26.73 45.65 -0.76
O DMS AA . -25.90 44.72 0.05
C1 DMS AA . -28.46 45.12 -0.73
C2 DMS AA . -26.87 47.25 0.10
H11 DMS AA . -28.55 44.17 -1.21
H12 DMS AA . -28.79 45.03 0.27
H13 DMS AA . -29.07 45.83 -1.23
H21 DMS AA . -25.93 47.70 0.15
H22 DMS AA . -27.25 47.08 1.07
H23 DMS AA . -27.53 47.87 -0.44
S DMS BA . -12.84 47.51 -7.94
O DMS BA . -14.09 46.73 -8.26
C1 DMS BA . -13.31 49.16 -7.37
C2 DMS BA . -12.09 46.85 -6.43
H11 DMS BA . -13.77 49.70 -8.17
H12 DMS BA . -13.97 49.09 -6.56
H13 DMS BA . -12.43 49.69 -7.07
H21 DMS BA . -11.76 45.86 -6.60
H22 DMS BA . -12.80 46.86 -5.65
H23 DMS BA . -11.26 47.45 -6.16
S DMS CA . -28.95 40.70 -1.15
O DMS CA . -28.09 41.26 -0.06
C1 DMS CA . -28.06 39.36 -1.98
C2 DMS CA . -30.33 39.78 -0.41
H11 DMS CA . -27.21 39.74 -2.47
H12 DMS CA . -27.76 38.63 -1.27
H13 DMS CA . -28.70 38.91 -2.69
H21 DMS CA . -30.95 40.44 0.12
H22 DMS CA . -29.95 39.04 0.24
H23 DMS CA . -30.88 39.31 -1.19
S DMS DA . -7.60 51.13 5.01
O DMS DA . -7.00 50.11 5.91
C1 DMS DA . -9.37 51.30 5.37
C2 DMS DA . -7.03 52.78 5.49
H11 DMS DA . -9.78 52.09 4.79
H12 DMS DA . -9.88 50.40 5.14
H13 DMS DA . -9.50 51.52 6.40
H21 DMS DA . -5.98 52.85 5.33
H22 DMS DA . -7.24 52.95 6.52
H23 DMS DA . -7.52 53.52 4.91
S DMS EA . -24.91 11.77 17.35
O DMS EA . -23.77 11.94 18.31
C1 DMS EA . -25.61 13.39 16.94
C2 DMS EA . -24.25 11.29 15.73
H11 DMS EA . -26.04 13.82 17.81
H12 DMS EA . -24.84 14.02 16.58
H13 DMS EA . -26.35 13.27 16.19
H21 DMS EA . -23.78 10.34 15.80
H22 DMS EA . -25.03 11.25 15.02
H23 DMS EA . -23.53 12.01 15.42
S DMS FA . -14.44 16.02 7.23
O DMS FA . -13.87 16.03 5.85
C1 DMS FA . -14.09 17.60 8.05
C2 DMS FA . -16.25 16.11 7.15
H11 DMS FA . -13.04 17.71 8.18
H12 DMS FA . -14.45 18.39 7.45
H13 DMS FA . -14.56 17.63 9.00
H21 DMS FA . -16.63 15.24 6.68
H22 DMS FA . -16.65 16.19 8.12
H23 DMS FA . -16.53 16.97 6.58
S DMS GA . -19.52 44.16 22.92
O DMS GA . -19.59 43.04 21.93
C1 DMS GA . -18.35 45.41 22.32
C2 DMS GA . -21.05 45.12 22.87
H11 DMS GA . -18.62 45.72 21.35
H12 DMS GA . -18.35 46.24 22.98
H13 DMS GA . -17.37 44.99 22.30
H21 DMS GA . -21.85 44.51 23.20
H22 DMS GA . -20.96 45.96 23.51
H23 DMS GA . -21.23 45.44 21.88
S DMS HA . -27.79 44.62 23.64
O DMS HA . -27.90 43.53 24.65
C1 DMS HA . -26.83 44.03 22.23
C2 DMS HA . -29.40 44.87 22.84
H11 DMS HA . -27.26 43.14 21.84
H12 DMS HA . -26.82 44.77 21.46
H13 DMS HA . -25.82 43.83 22.53
H21 DMS HA . -29.74 43.95 22.44
H22 DMS HA . -30.10 45.23 23.55
H23 DMS HA . -29.30 45.58 22.05
S DMS IA . -19.86 39.04 31.73
O DMS IA . -19.51 39.05 30.27
C1 DMS IA . -21.64 38.74 31.93
C2 DMS IA . -19.20 37.52 32.48
H11 DMS IA . -22.18 39.56 31.53
H12 DMS IA . -21.91 37.86 31.42
H13 DMS IA . -21.86 38.64 32.96
H21 DMS IA . -18.14 37.53 32.45
H22 DMS IA . -19.52 37.46 33.50
H23 DMS IA . -19.57 36.68 31.96
PA FAD JA . -9.90 50.16 -21.93
O1A FAD JA . -10.72 49.60 -20.77
O2A FAD JA . -10.47 49.96 -23.31
O5B FAD JA . -9.68 51.76 -21.64
C5B FAD JA . -9.03 52.53 -22.61
C4B FAD JA . -9.46 54.00 -22.38
O4B FAD JA . -8.72 54.78 -23.14
C3B FAD JA . -10.93 54.17 -22.82
O3B FAD JA . -11.69 54.65 -21.78
C2B FAD JA . -10.83 55.16 -24.01
O2B FAD JA . -12.01 56.06 -24.06
C1B FAD JA . -9.73 55.85 -23.77
N9A FAD JA . -8.96 56.34 -24.90
C8A FAD JA . -8.55 55.66 -25.97
N7A FAD JA . -7.82 56.48 -26.73
C5A FAD JA . -7.74 57.65 -26.09
C6A FAD JA . -7.10 58.82 -26.42
N6A FAD JA . -6.30 59.11 -27.59
N1A FAD JA . -7.18 59.86 -25.61
C2A FAD JA . -7.88 59.78 -24.46
N3A FAD JA . -8.52 58.64 -24.12
C4A FAD JA . -8.43 57.57 -24.94
N1 FAD JA . -11.87 41.70 -18.59
C2 FAD JA . -11.69 41.04 -17.30
O2 FAD JA . -10.61 40.95 -16.84
N3 FAD JA . -12.87 40.49 -16.59
C4 FAD JA . -14.19 40.61 -17.17
O4 FAD JA . -15.16 40.20 -16.62
C4X FAD JA . -14.35 41.29 -18.50
N5 FAD JA . -15.66 41.40 -19.09
C5X FAD JA . -15.80 42.10 -20.39
C6 FAD JA . -17.08 42.22 -20.97
C7 FAD JA . -17.20 42.88 -22.19
C7M FAD JA . -18.64 42.93 -22.69
C8 FAD JA . -16.07 43.43 -22.81
C8M FAD JA . -16.27 44.15 -24.13
C9 FAD JA . -14.81 43.30 -22.23
C9A FAD JA . -14.67 42.64 -21.02
N10 FAD JA . -13.32 42.50 -20.43
C10 FAD JA . -13.20 41.83 -19.17
C1' FAD JA . -12.10 43.04 -21.06
C2' FAD JA . -11.71 44.35 -20.37
O2' FAD JA . -12.73 45.27 -20.58
C3' FAD JA . -10.41 44.89 -20.97
O3' FAD JA . -9.42 43.90 -20.88
C4' FAD JA . -9.97 46.12 -20.17
O4' FAD JA . -10.98 47.08 -20.17
C5' FAD JA . -8.72 46.69 -20.84
O5' FAD JA . -8.28 47.77 -20.04
P FAD JA . -7.43 49.00 -20.75
O1P FAD JA . -7.23 50.07 -19.72
O2P FAD JA . -6.20 48.47 -21.42
O3P FAD JA . -8.39 49.51 -21.98
H51A FAD JA . -8.07 52.45 -22.53
H52A FAD JA . -9.31 52.24 -23.50
H4B FAD JA . -9.36 54.25 -21.45
H3B FAD JA . -11.28 53.32 -23.12
HO3A FAD JA . -12.29 55.18 -22.08
H2B FAD JA . -10.73 54.66 -24.85
HO2A FAD JA . -12.39 55.99 -24.82
H1B FAD JA . -9.92 56.56 -23.14
H8A FAD JA . -8.77 54.78 -26.18
H61A FAD JA . -6.05 58.47 -28.11
H62A FAD JA . -6.07 59.91 -27.77
H2A FAD JA . -7.93 60.52 -23.89
HN3 FAD JA . -12.76 40.09 -15.85
H6 FAD JA . -17.70 41.84 -20.39
HM71 FAD JA . -18.76 43.69 -23.27
HM72 FAD JA . -18.85 42.11 -23.16
HM73 FAD JA . -19.25 43.02 -21.93
HM81 FAD JA . -16.81 44.95 -23.97
HM82 FAD JA . -16.72 43.57 -24.76
HM83 FAD JA . -15.41 44.41 -24.49
H9 FAD JA . -14.22 43.70 -22.83
H1'1 FAD JA . -12.26 43.20 -22.00
H1'2 FAD JA . -11.38 42.40 -20.96
H2' FAD JA . -11.60 44.20 -19.42
HO2' FAD JA . -13.26 45.26 -19.91
H3' FAD JA . -10.55 45.13 -21.90
H4' FAD JA . -9.77 45.85 -19.26
HO4' FAD JA . -10.99 47.49 -19.42
H5'1 FAD JA . -8.02 46.01 -20.89
H5'2 FAD JA . -8.93 47.01 -21.72
PA NAD KA . -12.79 35.87 -28.86
O1A NAD KA . -11.67 36.06 -29.87
O2A NAD KA . -12.26 35.07 -27.69
O5B NAD KA . -14.02 35.06 -29.57
C5B NAD KA . -14.36 35.41 -30.89
C4B NAD KA . -14.93 34.20 -31.60
O4B NAD KA . -15.76 34.70 -32.90
C3B NAD KA . -13.97 33.41 -32.04
O3B NAD KA . -14.09 32.08 -31.38
C2B NAD KA . -14.18 33.27 -33.57
O2B NAD KA . -14.06 31.98 -33.97
C1B NAD KA . -15.62 33.78 -33.80
N9A NAD KA . -15.77 34.42 -35.12
C8A NAD KA . -15.11 35.34 -35.82
N7A NAD KA . -15.76 35.50 -36.97
C5A NAD KA . -16.82 34.68 -36.97
C6A NAD KA . -17.78 34.46 -37.92
N6A NAD KA . -18.09 35.00 -39.23
N1A NAD KA . -18.74 33.58 -37.69
C2A NAD KA . -18.76 32.88 -36.53
N3A NAD KA . -17.80 33.08 -35.60
C4A NAD KA . -16.83 33.99 -35.83
O3 NAD KA . -13.25 37.40 -28.37
PN NAD KA . -14.38 37.91 -27.27
O1N NAD KA . -15.15 36.78 -26.64
O2N NAD KA . -15.33 38.86 -27.97
O5D NAD KA . -13.58 38.76 -26.09
H51A NAD KA . -13.58 35.74 -31.35
H52A NAD KA . -15.03 36.12 -30.86
H4B NAD KA . -15.52 33.71 -31.01
H3B NAD KA . -13.10 33.80 -31.87
HO3A NAD KA . -14.90 31.83 -31.36
H2B NAD KA . -13.55 33.85 -34.04
HO2A NAD KA . -13.24 31.79 -34.09
H1B NAD KA . -16.26 33.06 -33.67
H8A NAD KA . -14.35 35.80 -35.55
H61A NAD KA . -17.77 35.76 -39.46
H62A NAD KA . -18.58 34.55 -39.77
H2A NAD KA . -19.44 32.26 -36.42
S DMS LA . -24.19 41.83 -46.14
O DMS LA . -23.90 40.38 -45.95
C1 DMS LA . -24.07 42.68 -44.54
C2 DMS LA . -22.79 42.61 -47.00
H11 DMS LA . -24.84 42.34 -43.90
H12 DMS LA . -23.13 42.49 -44.11
H13 DMS LA . -24.17 43.73 -44.68
H21 DMS LA . -21.89 42.41 -46.47
H22 DMS LA . -22.94 43.65 -47.06
H23 DMS LA . -22.72 42.21 -47.99
S DMS MA . -28.07 25.97 -8.89
O DMS MA . -29.54 25.71 -9.00
C1 DMS MA . -27.55 27.07 -10.22
C2 DMS MA . -27.77 27.03 -7.44
H11 DMS MA . -26.53 27.33 -10.09
H12 DMS MA . -27.67 26.59 -11.16
H13 DMS MA . -28.14 27.96 -10.21
H21 DMS MA . -28.03 26.52 -6.56
H22 DMS MA . -28.35 27.91 -7.53
H23 DMS MA . -26.74 27.30 -7.41
S DMS NA . -15.18 53.35 -24.50
O DMS NA . -16.18 52.26 -24.72
C1 DMS NA . -14.79 53.46 -22.74
C2 DMS NA . -13.57 52.84 -25.15
H11 DMS NA . -14.03 54.17 -22.58
H12 DMS NA . -15.66 53.75 -22.20
H13 DMS NA . -14.47 52.51 -22.39
H21 DMS NA . -13.63 52.73 -26.21
H22 DMS NA . -12.84 53.57 -24.91
H23 DMS NA . -13.29 51.92 -24.71
S DMS OA . -8.85 47.46 -11.84
O DMS OA . -8.21 47.31 -10.51
C1 DMS OA . -8.78 45.88 -12.74
C2 DMS OA . -10.65 47.60 -11.63
H11 DMS OA . -7.77 45.64 -12.94
H12 DMS OA . -9.21 45.12 -12.14
H13 DMS OA . -9.32 45.96 -13.65
H21 DMS OA . -10.89 48.49 -11.11
H22 DMS OA . -11.12 47.62 -12.58
H23 DMS OA . -11.01 46.77 -11.08
S DMS PA . -9.70 11.45 -9.29
O DMS PA . -8.74 12.50 -9.78
C1 DMS PA . -9.71 11.41 -7.48
C2 DMS PA . -11.40 11.99 -9.61
H11 DMS PA . -8.77 11.11 -7.12
H12 DMS PA . -9.93 12.38 -7.11
H13 DMS PA . -10.46 10.73 -7.15
H21 DMS PA . -11.57 12.05 -10.66
H22 DMS PA . -12.08 11.28 -9.19
H23 DMS PA . -11.57 12.93 -9.17
S DMS QA . -16.95 16.59 1.32
O DMS QA . -17.82 17.80 1.14
C1 DMS QA . -15.24 16.99 0.88
C2 DMS QA . -16.74 16.27 3.10
H11 DMS QA . -14.92 17.84 1.44
H12 DMS QA . -14.61 16.17 1.09
H13 DMS QA . -15.19 17.22 -0.15
H21 DMS QA . -17.68 16.01 3.52
H22 DMS QA . -16.06 15.47 3.23
H23 DMS QA . -16.37 17.13 3.58
S DMS RA . -15.01 20.19 -29.37
O DMS RA . -14.93 21.40 -28.49
C1 DMS RA . -14.57 18.71 -28.41
C2 DMS RA . -16.76 19.82 -29.73
H11 DMS RA . -13.55 18.77 -28.13
H12 DMS RA . -15.18 18.66 -27.55
H13 DMS RA . -14.71 17.85 -29.01
H21 DMS RA . -17.29 19.72 -28.81
H22 DMS RA . -17.18 20.60 -30.29
H23 DMS RA . -16.82 18.91 -30.26
#